data_2K32
#
_entry.id   2K32
#
_entity_poly.entity_id   1
_entity_poly.type   'polypeptide(L)'
_entity_poly.pdbx_seq_one_letter_code
;DVIIKPQVSGVIVNKLFKAGDKVKKGQTLFIIEQDQASKDFNRSKALFSQSAISQKEYDSSLATLDHTEIKAPFDGTIGD
ALVNIGDYVSASTTELVRVTNLNPIYADGSHHHHHH
;
_entity_poly.pdbx_strand_id   A
#
# COMPACT_ATOMS: atom_id res chain seq x y z
N ASP A 1 -16.36 6.88 2.80
CA ASP A 1 -16.12 8.07 1.95
C ASP A 1 -15.25 7.70 0.75
N VAL A 2 -13.99 7.31 0.98
CA VAL A 2 -13.04 6.77 -0.01
C VAL A 2 -13.22 5.28 -0.18
N ILE A 3 -12.87 4.80 -1.37
CA ILE A 3 -12.65 3.41 -1.75
C ILE A 3 -11.18 3.39 -2.19
N ILE A 4 -10.25 3.07 -1.26
CA ILE A 4 -8.81 3.21 -1.43
C ILE A 4 -8.32 2.25 -2.54
N LYS A 5 -7.27 2.63 -3.28
CA LYS A 5 -6.70 1.87 -4.40
C LYS A 5 -5.17 1.94 -4.50
N PRO A 6 -4.54 0.91 -5.09
CA PRO A 6 -3.09 0.79 -5.13
C PRO A 6 -2.45 1.62 -6.26
N GLN A 7 -1.24 2.15 -6.02
CA GLN A 7 -0.49 2.96 -7.00
C GLN A 7 0.15 2.13 -8.15
N VAL A 8 0.11 0.79 -8.07
CA VAL A 8 0.59 -0.16 -9.10
C VAL A 8 -0.34 -1.38 -9.19
N SER A 9 -0.07 -2.30 -10.12
CA SER A 9 -0.74 -3.61 -10.20
C SER A 9 0.20 -4.77 -9.81
N GLY A 10 -0.38 -5.95 -9.53
CA GLY A 10 0.28 -7.11 -8.95
C GLY A 10 -0.68 -7.77 -8.02
N VAL A 11 -0.17 -8.00 -6.83
CA VAL A 11 -0.81 -8.85 -5.88
C VAL A 11 -0.42 -8.41 -4.48
N ILE A 12 -1.36 -8.50 -3.53
CA ILE A 12 -1.11 -8.18 -2.12
C ILE A 12 -0.06 -9.10 -1.46
N VAL A 13 0.73 -8.55 -0.53
CA VAL A 13 1.85 -9.20 0.21
C VAL A 13 1.71 -9.04 1.72
N ASN A 14 1.18 -7.91 2.20
CA ASN A 14 0.93 -7.67 3.61
C ASN A 14 -0.26 -6.72 3.81
N LYS A 15 -0.82 -6.75 5.03
CA LYS A 15 -1.97 -6.00 5.51
C LYS A 15 -1.57 -5.28 6.80
N LEU A 16 -1.13 -4.02 6.64
CA LEU A 16 -0.63 -3.20 7.74
C LEU A 16 -1.74 -2.74 8.67
N PHE A 17 -2.82 -2.26 8.05
CA PHE A 17 -4.04 -1.80 8.73
C PHE A 17 -4.86 -2.98 9.29
N LYS A 18 -6.02 -2.68 9.87
CA LYS A 18 -6.99 -3.66 10.36
C LYS A 18 -8.42 -3.30 9.97
N ALA A 19 -9.17 -4.32 9.51
CA ALA A 19 -10.58 -4.22 9.15
C ALA A 19 -11.44 -3.77 10.34
N GLY A 20 -11.93 -2.53 10.28
CA GLY A 20 -12.80 -1.93 11.29
C GLY A 20 -12.12 -0.95 12.26
N ASP A 21 -10.78 -0.88 12.30
CA ASP A 21 -10.02 0.01 13.17
C ASP A 21 -9.98 1.48 12.68
N LYS A 22 -9.03 2.29 13.17
CA LYS A 22 -8.75 3.66 12.75
C LYS A 22 -7.45 3.75 11.96
N VAL A 23 -7.24 4.92 11.35
CA VAL A 23 -6.04 5.26 10.55
C VAL A 23 -5.57 6.69 10.83
N LYS A 24 -4.25 6.90 10.87
CA LYS A 24 -3.62 8.23 10.88
C LYS A 24 -3.79 8.92 9.51
N LYS A 25 -3.25 10.13 9.40
CA LYS A 25 -3.30 11.04 8.23
C LYS A 25 -2.49 10.53 7.02
N GLY A 26 -2.57 9.24 6.73
CA GLY A 26 -1.72 8.53 5.76
C GLY A 26 -0.94 7.34 6.30
N GLN A 27 -1.42 6.64 7.35
CA GLN A 27 -0.83 5.35 7.71
C GLN A 27 -0.75 4.39 6.51
N THR A 28 0.32 3.61 6.45
CA THR A 28 0.52 2.49 5.51
C THR A 28 -0.51 1.39 5.75
N LEU A 29 -1.07 0.87 4.66
CA LEU A 29 -2.24 -0.02 4.64
C LEU A 29 -1.92 -1.38 4.00
N PHE A 30 -1.21 -1.39 2.88
CA PHE A 30 -0.87 -2.63 2.14
C PHE A 30 0.54 -2.62 1.55
N ILE A 31 0.98 -3.80 1.13
CA ILE A 31 2.20 -4.05 0.36
C ILE A 31 1.80 -4.91 -0.84
N ILE A 32 2.41 -4.65 -1.99
CA ILE A 32 2.20 -5.36 -3.26
C ILE A 32 3.51 -5.82 -3.84
N GLU A 33 3.45 -6.93 -4.58
CA GLU A 33 4.53 -7.43 -5.43
C GLU A 33 4.10 -7.28 -6.89
N GLN A 34 4.96 -6.66 -7.70
CA GLN A 34 4.70 -6.30 -9.12
C GLN A 34 4.66 -7.50 -10.11
N ASP A 35 4.24 -8.67 -9.61
CA ASP A 35 3.97 -9.95 -10.27
C ASP A 35 4.91 -10.34 -11.44
N GLN A 36 4.64 -9.87 -12.66
CA GLN A 36 5.44 -10.21 -13.85
C GLN A 36 5.83 -9.01 -14.73
N ALA A 37 5.58 -7.78 -14.28
CA ALA A 37 6.12 -6.57 -14.91
C ALA A 37 7.66 -6.55 -14.76
N SER A 38 8.11 -6.87 -13.56
CA SER A 38 9.51 -6.95 -13.13
C SER A 38 10.24 -8.22 -13.57
N LYS A 39 9.58 -9.17 -14.24
CA LYS A 39 10.13 -10.52 -14.52
C LYS A 39 11.48 -10.51 -15.24
N ASP A 40 11.68 -9.58 -16.19
CA ASP A 40 12.96 -9.37 -16.89
C ASP A 40 14.01 -8.63 -16.04
N PHE A 41 13.56 -7.85 -15.06
CA PHE A 41 14.36 -6.90 -14.28
C PHE A 41 14.83 -7.44 -12.91
N ASN A 42 14.08 -8.40 -12.36
CA ASN A 42 14.30 -9.06 -11.08
C ASN A 42 15.58 -9.91 -11.00
N ARG A 43 15.86 -10.66 -12.07
CA ARG A 43 16.83 -11.75 -12.02
C ARG A 43 18.26 -11.35 -11.66
N SER A 44 18.77 -10.26 -12.22
CA SER A 44 20.14 -9.79 -11.95
C SER A 44 20.40 -9.48 -10.47
N LYS A 45 19.52 -8.69 -9.84
CA LYS A 45 19.56 -8.39 -8.40
C LYS A 45 19.25 -9.60 -7.51
N ALA A 46 18.33 -10.48 -7.94
CA ALA A 46 18.01 -11.72 -7.21
C ALA A 46 19.20 -12.71 -7.14
N LEU A 47 19.99 -12.80 -8.21
CA LEU A 47 21.28 -13.51 -8.22
C LEU A 47 22.33 -12.82 -7.36
N PHE A 48 22.61 -11.54 -7.67
CA PHE A 48 23.84 -10.95 -7.14
C PHE A 48 23.96 -9.42 -7.20
N SER A 49 23.35 -8.75 -8.19
CA SER A 49 23.53 -7.31 -8.43
C SER A 49 23.07 -6.40 -7.28
N GLN A 50 22.22 -6.91 -6.39
CA GLN A 50 21.76 -6.23 -5.17
C GLN A 50 22.88 -5.65 -4.30
N SER A 51 24.07 -6.25 -4.35
CA SER A 51 25.18 -5.88 -3.47
C SER A 51 25.91 -4.60 -3.93
N ALA A 52 25.76 -4.20 -5.19
CA ALA A 52 26.49 -3.08 -5.79
C ALA A 52 25.86 -1.70 -5.50
N ILE A 53 26.40 -0.65 -6.14
CA ILE A 53 26.02 0.76 -5.98
C ILE A 53 25.62 1.42 -7.31
N SER A 54 26.01 0.83 -8.45
CA SER A 54 25.68 1.30 -9.81
C SER A 54 24.16 1.39 -10.03
N GLN A 55 23.71 2.48 -10.65
CA GLN A 55 22.30 2.90 -10.76
C GLN A 55 21.33 1.94 -11.46
N LYS A 56 21.82 0.84 -12.05
CA LYS A 56 21.01 -0.15 -12.77
C LYS A 56 21.10 -1.54 -12.11
N GLU A 57 22.05 -1.73 -11.19
CA GLU A 57 22.29 -2.93 -10.38
C GLU A 57 21.69 -2.80 -8.97
N TYR A 58 21.82 -1.63 -8.35
CA TYR A 58 21.49 -1.30 -6.95
C TYR A 58 19.99 -1.34 -6.57
N ASP A 59 19.11 -1.74 -7.50
CA ASP A 59 17.65 -1.59 -7.40
C ASP A 59 16.98 -2.28 -6.20
N SER A 60 17.62 -3.27 -5.56
CA SER A 60 17.12 -3.81 -4.27
C SER A 60 17.04 -2.77 -3.16
N SER A 61 17.88 -1.72 -3.21
CA SER A 61 17.80 -0.56 -2.28
C SER A 61 16.65 0.39 -2.60
N LEU A 62 16.07 0.31 -3.81
CA LEU A 62 15.03 1.21 -4.32
C LEU A 62 13.62 0.56 -4.29
N ALA A 63 13.52 -0.76 -4.50
CA ALA A 63 12.25 -1.48 -4.64
C ALA A 63 12.23 -2.90 -4.05
N THR A 64 13.30 -3.30 -3.35
CA THR A 64 13.53 -4.65 -2.82
C THR A 64 13.23 -5.73 -3.88
N LEU A 65 12.59 -6.85 -3.53
CA LEU A 65 12.08 -7.87 -4.45
C LEU A 65 10.77 -7.41 -5.13
N ASP A 66 10.85 -6.25 -5.78
CA ASP A 66 9.84 -5.69 -6.66
C ASP A 66 8.50 -5.38 -5.95
N HIS A 67 8.61 -4.75 -4.78
CA HIS A 67 7.47 -4.36 -3.96
C HIS A 67 7.07 -2.89 -4.09
N THR A 68 5.81 -2.57 -3.75
CA THR A 68 5.30 -1.21 -3.60
C THR A 68 4.35 -1.14 -2.42
N GLU A 69 4.38 -0.04 -1.66
CA GLU A 69 3.52 0.18 -0.47
C GLU A 69 2.33 1.09 -0.81
N ILE A 70 1.24 0.94 -0.05
CA ILE A 70 -0.02 1.67 -0.24
C ILE A 70 -0.41 2.28 1.10
N LYS A 71 -0.91 3.52 1.11
CA LYS A 71 -1.20 4.31 2.32
C LYS A 71 -2.54 5.04 2.25
N ALA A 72 -3.12 5.35 3.41
CA ALA A 72 -4.35 6.13 3.53
C ALA A 72 -4.20 7.56 2.97
N PRO A 73 -5.31 8.25 2.67
CA PRO A 73 -5.29 9.68 2.35
C PRO A 73 -5.26 10.61 3.58
N PHE A 74 -6.06 10.29 4.60
CA PHE A 74 -6.38 11.15 5.74
C PHE A 74 -6.81 10.38 7.01
N ASP A 75 -6.85 11.08 8.15
CA ASP A 75 -7.31 10.54 9.45
C ASP A 75 -8.75 10.06 9.40
N GLY A 76 -9.05 8.90 10.00
CA GLY A 76 -10.42 8.40 10.04
C GLY A 76 -10.56 6.98 10.56
N THR A 77 -11.70 6.38 10.18
CA THR A 77 -12.01 4.96 10.37
C THR A 77 -11.87 4.23 9.04
N ILE A 78 -11.73 2.91 9.08
CA ILE A 78 -11.50 2.10 7.90
C ILE A 78 -12.35 0.83 7.94
N GLY A 79 -12.95 0.49 6.80
CA GLY A 79 -13.97 -0.55 6.73
C GLY A 79 -13.40 -1.97 6.65
N ASP A 80 -14.27 -2.94 6.39
CA ASP A 80 -13.84 -4.30 6.04
C ASP A 80 -12.93 -4.30 4.81
N ALA A 81 -11.77 -4.92 4.95
CA ALA A 81 -10.83 -5.15 3.86
C ALA A 81 -11.53 -5.94 2.72
N LEU A 82 -11.25 -5.56 1.48
CA LEU A 82 -11.74 -6.22 0.27
C LEU A 82 -10.75 -7.26 -0.31
N VAL A 83 -9.52 -7.33 0.25
CA VAL A 83 -8.38 -8.07 -0.32
C VAL A 83 -7.52 -8.73 0.76
N ASN A 84 -6.76 -9.75 0.35
CA ASN A 84 -5.85 -10.53 1.15
C ASN A 84 -4.59 -10.87 0.34
N ILE A 85 -3.59 -11.41 1.03
CA ILE A 85 -2.27 -11.78 0.51
C ILE A 85 -2.44 -12.86 -0.57
N GLY A 86 -2.34 -12.48 -1.86
CA GLY A 86 -2.57 -13.39 -2.98
C GLY A 86 -3.77 -12.98 -3.83
N ASP A 87 -4.61 -12.06 -3.36
CA ASP A 87 -5.61 -11.44 -4.23
C ASP A 87 -4.88 -10.62 -5.29
N TYR A 88 -5.22 -10.90 -6.55
CA TYR A 88 -4.66 -10.19 -7.69
C TYR A 88 -5.26 -8.80 -7.74
N VAL A 89 -4.47 -7.79 -7.40
CA VAL A 89 -4.93 -6.39 -7.46
C VAL A 89 -4.30 -5.52 -8.56
N SER A 90 -5.07 -4.54 -9.03
CA SER A 90 -4.71 -3.66 -10.13
C SER A 90 -5.12 -2.21 -9.83
N ALA A 91 -4.35 -1.26 -10.37
CA ALA A 91 -4.32 0.15 -9.96
C ALA A 91 -5.58 0.98 -9.82
N SER A 92 -6.64 0.63 -10.53
CA SER A 92 -7.97 1.18 -10.23
C SER A 92 -9.07 0.10 -10.29
N THR A 93 -8.67 -1.15 -10.52
CA THR A 93 -9.55 -2.25 -10.96
C THR A 93 -10.09 -3.20 -9.88
N THR A 94 -9.55 -3.18 -8.65
CA THR A 94 -9.81 -4.27 -7.67
C THR A 94 -10.37 -3.85 -6.33
N GLU A 95 -10.02 -2.63 -5.92
CA GLU A 95 -10.48 -1.95 -4.71
C GLU A 95 -10.11 -2.70 -3.42
N LEU A 96 -9.37 -2.00 -2.57
CA LEU A 96 -8.68 -2.62 -1.43
C LEU A 96 -9.45 -2.62 -0.10
N VAL A 97 -10.16 -1.51 0.16
CA VAL A 97 -10.98 -1.21 1.35
C VAL A 97 -11.58 0.20 1.17
N ARG A 98 -12.43 0.65 2.09
CA ARG A 98 -12.91 2.03 2.19
C ARG A 98 -12.33 2.81 3.38
N VAL A 99 -12.00 4.09 3.21
CA VAL A 99 -11.52 4.95 4.32
C VAL A 99 -12.56 6.04 4.56
N THR A 100 -12.90 6.30 5.82
CA THR A 100 -14.02 7.16 6.16
C THR A 100 -13.74 8.05 7.36
N ASN A 101 -13.59 9.36 7.15
CA ASN A 101 -13.18 10.31 8.18
C ASN A 101 -14.20 10.39 9.33
N LEU A 102 -13.70 10.47 10.56
CA LEU A 102 -14.46 10.64 11.80
C LEU A 102 -15.24 11.96 11.84
N ASN A 103 -14.54 13.11 11.74
CA ASN A 103 -15.14 14.44 11.59
C ASN A 103 -14.31 15.31 10.58
N PRO A 104 -14.90 16.31 9.92
CA PRO A 104 -14.25 17.06 8.84
C PRO A 104 -13.27 18.15 9.32
N ILE A 105 -13.31 18.41 10.62
CA ILE A 105 -12.44 19.37 11.32
C ILE A 105 -10.96 18.95 11.32
N TYR A 106 -10.70 17.65 11.17
CA TYR A 106 -9.37 17.07 11.09
C TYR A 106 -8.63 17.33 9.75
N ALA A 107 -9.21 18.14 8.86
CA ALA A 107 -8.61 18.53 7.57
C ALA A 107 -8.84 19.99 7.17
N ASP A 108 -9.93 20.63 7.62
CA ASP A 108 -10.21 22.03 7.30
C ASP A 108 -11.03 22.77 8.40
N GLY A 109 -10.87 22.37 9.66
CA GLY A 109 -11.70 22.87 10.78
C GLY A 109 -11.58 24.38 11.06
N SER A 110 -10.36 24.92 11.11
CA SER A 110 -10.09 26.34 11.39
C SER A 110 -8.67 26.82 11.06
N HIS A 111 -7.64 25.98 11.26
CA HIS A 111 -6.21 26.33 11.10
C HIS A 111 -5.39 25.21 10.44
N HIS A 112 -6.05 24.12 10.05
CA HIS A 112 -5.46 22.84 9.60
C HIS A 112 -4.72 22.89 8.26
N HIS A 113 -4.63 24.08 7.65
CA HIS A 113 -3.82 24.40 6.46
C HIS A 113 -2.30 24.19 6.67
N HIS A 114 -1.88 23.99 7.93
CA HIS A 114 -0.51 23.62 8.35
C HIS A 114 -0.47 22.22 9.04
N HIS A 115 -1.52 21.42 8.87
CA HIS A 115 -1.72 20.08 9.44
C HIS A 115 -2.16 19.04 8.37
N HIS A 116 -2.46 19.47 7.14
CA HIS A 116 -3.08 18.69 6.07
C HIS A 116 -2.46 18.99 4.70
N ASP A 1 -15.67 10.25 2.17
CA ASP A 1 -15.64 8.78 1.98
C ASP A 1 -14.78 8.40 0.77
N VAL A 2 -13.96 7.36 0.89
CA VAL A 2 -13.00 6.86 -0.11
C VAL A 2 -13.13 5.36 -0.26
N ILE A 3 -12.91 4.88 -1.47
CA ILE A 3 -12.68 3.47 -1.77
C ILE A 3 -11.19 3.42 -2.14
N ILE A 4 -10.32 3.04 -1.20
CA ILE A 4 -8.86 3.15 -1.32
C ILE A 4 -8.37 2.23 -2.43
N LYS A 5 -7.31 2.62 -3.14
CA LYS A 5 -6.75 1.86 -4.29
C LYS A 5 -5.21 1.90 -4.38
N PRO A 6 -4.61 0.86 -5.00
CA PRO A 6 -3.17 0.71 -5.04
C PRO A 6 -2.51 1.58 -6.13
N GLN A 7 -1.31 2.10 -5.86
CA GLN A 7 -0.57 2.94 -6.82
C GLN A 7 0.03 2.17 -8.02
N VAL A 8 0.06 0.83 -7.97
CA VAL A 8 0.48 -0.09 -9.05
C VAL A 8 -0.37 -1.36 -9.06
N SER A 9 -0.43 -2.07 -10.18
CA SER A 9 -1.00 -3.42 -10.24
C SER A 9 0.01 -4.47 -9.71
N GLY A 10 -0.47 -5.64 -9.28
CA GLY A 10 0.35 -6.68 -8.65
C GLY A 10 -0.52 -7.53 -7.71
N VAL A 11 0.06 -8.12 -6.67
CA VAL A 11 -0.67 -8.92 -5.71
C VAL A 11 -0.34 -8.55 -4.27
N ILE A 12 -1.31 -8.61 -3.35
CA ILE A 12 -1.07 -8.28 -1.94
C ILE A 12 -0.01 -9.22 -1.28
N VAL A 13 0.81 -8.65 -0.39
CA VAL A 13 1.91 -9.33 0.34
C VAL A 13 1.74 -9.17 1.86
N ASN A 14 1.24 -8.02 2.33
CA ASN A 14 0.97 -7.74 3.74
C ASN A 14 -0.23 -6.80 3.91
N LYS A 15 -0.82 -6.83 5.11
CA LYS A 15 -1.97 -6.06 5.57
C LYS A 15 -1.57 -5.31 6.84
N LEU A 16 -1.13 -4.07 6.66
CA LEU A 16 -0.66 -3.21 7.74
C LEU A 16 -1.80 -2.75 8.63
N PHE A 17 -2.88 -2.29 8.00
CA PHE A 17 -4.10 -1.83 8.65
C PHE A 17 -4.93 -3.00 9.23
N LYS A 18 -6.07 -2.66 9.83
CA LYS A 18 -7.03 -3.62 10.40
C LYS A 18 -8.46 -3.25 10.04
N ALA A 19 -9.21 -4.26 9.59
CA ALA A 19 -10.60 -4.17 9.18
C ALA A 19 -11.53 -3.73 10.34
N GLY A 20 -11.86 -2.44 10.36
CA GLY A 20 -12.77 -1.81 11.33
C GLY A 20 -12.09 -0.79 12.27
N ASP A 21 -10.76 -0.74 12.34
CA ASP A 21 -10.02 0.18 13.22
C ASP A 21 -9.95 1.64 12.70
N LYS A 22 -9.12 2.47 13.34
CA LYS A 22 -8.76 3.83 12.87
C LYS A 22 -7.47 3.80 12.03
N VAL A 23 -7.26 4.87 11.28
CA VAL A 23 -6.03 5.19 10.51
C VAL A 23 -5.59 6.63 10.80
N LYS A 24 -4.28 6.86 10.98
CA LYS A 24 -3.64 8.17 11.03
C LYS A 24 -3.66 8.82 9.62
N LYS A 25 -3.33 10.12 9.48
CA LYS A 25 -3.30 11.00 8.27
C LYS A 25 -2.47 10.49 7.04
N GLY A 26 -2.59 9.23 6.68
CA GLY A 26 -1.79 8.56 5.64
C GLY A 26 -1.02 7.32 6.09
N GLN A 27 -1.42 6.68 7.20
CA GLN A 27 -0.80 5.42 7.63
C GLN A 27 -0.75 4.37 6.50
N THR A 28 0.30 3.55 6.53
CA THR A 28 0.51 2.46 5.56
C THR A 28 -0.54 1.36 5.78
N LEU A 29 -1.05 0.82 4.68
CA LEU A 29 -2.22 -0.06 4.62
C LEU A 29 -1.91 -1.43 4.00
N PHE A 30 -1.19 -1.46 2.88
CA PHE A 30 -0.88 -2.70 2.14
C PHE A 30 0.53 -2.69 1.56
N ILE A 31 0.97 -3.88 1.16
CA ILE A 31 2.20 -4.13 0.40
C ILE A 31 1.81 -5.02 -0.79
N ILE A 32 2.38 -4.77 -1.97
CA ILE A 32 2.11 -5.47 -3.21
C ILE A 32 3.39 -6.01 -3.82
N GLU A 33 3.27 -7.09 -4.58
CA GLU A 33 4.33 -7.61 -5.43
C GLU A 33 3.87 -7.46 -6.89
N GLN A 34 4.59 -6.63 -7.67
CA GLN A 34 4.25 -6.32 -9.06
C GLN A 34 4.31 -7.51 -10.03
N ASP A 35 4.82 -8.65 -9.54
CA ASP A 35 4.96 -9.92 -10.27
C ASP A 35 5.62 -9.76 -11.65
N GLN A 36 6.66 -8.92 -11.72
CA GLN A 36 7.26 -8.45 -12.98
C GLN A 36 8.75 -8.78 -13.17
N ALA A 37 9.35 -9.55 -12.26
CA ALA A 37 10.77 -9.93 -12.31
C ALA A 37 11.19 -10.50 -13.68
N SER A 38 10.54 -11.58 -14.14
CA SER A 38 10.82 -12.21 -15.44
C SER A 38 10.38 -11.36 -16.63
N LYS A 39 9.38 -10.47 -16.45
CA LYS A 39 8.91 -9.54 -17.48
C LYS A 39 10.01 -8.59 -17.94
N ASP A 40 10.94 -8.24 -17.04
CA ASP A 40 12.18 -7.54 -17.40
C ASP A 40 13.31 -8.50 -17.74
N PHE A 41 13.55 -9.50 -16.87
CA PHE A 41 14.74 -10.34 -16.92
C PHE A 41 14.83 -11.31 -18.10
N ASN A 42 13.72 -11.96 -18.49
CA ASN A 42 13.69 -12.77 -19.70
C ASN A 42 13.75 -11.90 -20.96
N ARG A 43 13.05 -10.76 -20.89
CA ARG A 43 12.81 -9.91 -22.06
C ARG A 43 14.11 -9.26 -22.53
N SER A 44 14.91 -8.74 -21.59
CA SER A 44 16.13 -7.97 -21.84
C SER A 44 17.23 -8.70 -22.62
N LYS A 45 17.15 -10.03 -22.73
CA LYS A 45 18.09 -10.90 -23.45
C LYS A 45 18.27 -10.54 -24.94
N ALA A 46 17.32 -9.77 -25.50
CA ALA A 46 17.40 -9.19 -26.86
C ALA A 46 16.79 -7.76 -26.98
N LEU A 47 16.50 -7.09 -25.85
CA LEU A 47 15.71 -5.84 -25.77
C LEU A 47 16.18 -4.90 -24.65
N PHE A 48 15.52 -3.75 -24.57
CA PHE A 48 15.60 -2.79 -23.46
C PHE A 48 15.27 -3.41 -22.09
N SER A 49 15.66 -2.71 -21.03
CA SER A 49 15.35 -3.09 -19.65
C SER A 49 15.20 -1.89 -18.70
N GLN A 50 14.63 -2.13 -17.52
CA GLN A 50 14.60 -1.16 -16.42
C GLN A 50 16.02 -0.86 -15.85
N SER A 51 16.98 -1.76 -16.09
CA SER A 51 18.41 -1.55 -15.76
C SER A 51 19.16 -0.66 -16.77
N ALA A 52 18.53 -0.28 -17.89
CA ALA A 52 19.09 0.70 -18.85
C ALA A 52 19.10 2.15 -18.34
N ILE A 53 18.27 2.43 -17.34
CA ILE A 53 18.10 3.75 -16.67
C ILE A 53 19.40 4.18 -15.98
N SER A 54 19.54 5.48 -15.69
CA SER A 54 20.69 6.08 -14.97
C SER A 54 21.12 5.28 -13.74
N GLN A 55 22.44 5.12 -13.59
CA GLN A 55 23.15 4.33 -12.55
C GLN A 55 22.89 4.75 -11.08
N LYS A 56 22.04 5.76 -10.86
CA LYS A 56 21.65 6.31 -9.56
C LYS A 56 20.17 6.08 -9.23
N GLU A 57 19.34 5.91 -10.26
CA GLU A 57 17.88 5.65 -10.17
C GLU A 57 17.50 4.18 -10.32
N TYR A 58 18.21 3.45 -11.19
CA TYR A 58 17.94 2.07 -11.60
C TYR A 58 18.01 0.98 -10.50
N ASP A 59 18.47 1.31 -9.30
CA ASP A 59 18.83 0.36 -8.24
C ASP A 59 17.69 -0.55 -7.75
N SER A 60 16.43 -0.14 -7.93
CA SER A 60 15.25 -0.99 -7.67
C SER A 60 15.21 -2.28 -8.51
N SER A 61 15.86 -2.28 -9.69
CA SER A 61 16.03 -3.45 -10.56
C SER A 61 17.24 -4.32 -10.20
N LEU A 62 18.16 -3.79 -9.39
CA LEU A 62 19.42 -4.43 -9.00
C LEU A 62 19.38 -5.03 -7.57
N ALA A 63 18.56 -4.47 -6.67
CA ALA A 63 18.61 -4.78 -5.24
C ALA A 63 17.24 -4.81 -4.51
N THR A 64 16.12 -4.98 -5.22
CA THR A 64 14.79 -5.18 -4.59
C THR A 64 13.98 -6.27 -5.30
N LEU A 65 12.73 -6.45 -4.87
CA LEU A 65 11.85 -7.59 -5.19
C LEU A 65 10.57 -7.16 -5.92
N ASP A 66 10.61 -6.01 -6.63
CA ASP A 66 9.46 -5.35 -7.26
C ASP A 66 8.21 -5.21 -6.35
N HIS A 67 8.41 -4.96 -5.06
CA HIS A 67 7.34 -4.58 -4.14
C HIS A 67 6.98 -3.10 -4.22
N THR A 68 5.74 -2.76 -3.83
CA THR A 68 5.28 -1.37 -3.64
C THR A 68 4.31 -1.27 -2.46
N GLU A 69 4.39 -0.19 -1.69
CA GLU A 69 3.54 0.06 -0.50
C GLU A 69 2.33 0.95 -0.86
N ILE A 70 1.24 0.82 -0.09
CA ILE A 70 -0.03 1.53 -0.29
C ILE A 70 -0.40 2.19 1.04
N LYS A 71 -0.84 3.46 1.00
CA LYS A 71 -1.03 4.33 2.17
C LYS A 71 -2.38 5.06 2.12
N ALA A 72 -2.97 5.35 3.29
CA ALA A 72 -4.22 6.09 3.42
C ALA A 72 -4.13 7.51 2.83
N PRO A 73 -5.27 8.16 2.55
CA PRO A 73 -5.33 9.58 2.21
C PRO A 73 -5.25 10.52 3.41
N PHE A 74 -5.96 10.18 4.49
CA PHE A 74 -6.26 11.03 5.66
C PHE A 74 -6.63 10.21 6.92
N ASP A 75 -6.80 10.91 8.05
CA ASP A 75 -7.18 10.31 9.34
C ASP A 75 -8.69 10.02 9.40
N GLY A 76 -9.06 8.83 9.85
CA GLY A 76 -10.44 8.37 9.89
C GLY A 76 -10.57 6.93 10.35
N THR A 77 -11.70 6.32 10.03
CA THR A 77 -11.99 4.89 10.24
C THR A 77 -11.90 4.17 8.90
N ILE A 78 -11.68 2.86 8.94
CA ILE A 78 -11.44 2.06 7.76
C ILE A 78 -12.30 0.79 7.78
N GLY A 79 -12.90 0.48 6.63
CA GLY A 79 -13.91 -0.58 6.49
C GLY A 79 -13.31 -1.99 6.51
N ASP A 80 -14.14 -3.00 6.24
CA ASP A 80 -13.65 -4.34 5.97
C ASP A 80 -12.79 -4.40 4.71
N ALA A 81 -11.66 -5.09 4.82
CA ALA A 81 -10.76 -5.36 3.73
C ALA A 81 -11.47 -6.10 2.58
N LEU A 82 -11.20 -5.69 1.35
CA LEU A 82 -11.68 -6.32 0.12
C LEU A 82 -10.68 -7.35 -0.48
N VAL A 83 -9.49 -7.50 0.14
CA VAL A 83 -8.32 -8.25 -0.37
C VAL A 83 -7.56 -8.94 0.76
N ASN A 84 -6.79 -9.98 0.42
CA ASN A 84 -5.99 -10.80 1.30
C ASN A 84 -4.61 -11.04 0.67
N ILE A 85 -3.67 -11.54 1.46
CA ILE A 85 -2.32 -11.91 1.06
C ILE A 85 -2.37 -12.92 -0.09
N GLY A 86 -2.08 -12.44 -1.30
CA GLY A 86 -2.04 -13.22 -2.53
C GLY A 86 -3.07 -12.78 -3.57
N ASP A 87 -4.01 -11.91 -3.21
CA ASP A 87 -5.00 -11.39 -4.16
C ASP A 87 -4.36 -10.49 -5.22
N TYR A 88 -4.54 -10.83 -6.49
CA TYR A 88 -4.21 -9.97 -7.61
C TYR A 88 -5.11 -8.72 -7.62
N VAL A 89 -4.51 -7.55 -7.84
CA VAL A 89 -5.16 -6.23 -7.89
C VAL A 89 -4.57 -5.36 -9.00
N SER A 90 -5.34 -4.35 -9.39
CA SER A 90 -5.02 -3.37 -10.42
C SER A 90 -5.30 -1.96 -9.91
N ALA A 91 -4.55 -0.97 -10.43
CA ALA A 91 -4.46 0.38 -9.86
C ALA A 91 -5.71 1.24 -9.74
N SER A 92 -6.76 0.92 -10.49
CA SER A 92 -8.07 1.49 -10.22
C SER A 92 -9.22 0.45 -10.25
N THR A 93 -8.88 -0.80 -10.58
CA THR A 93 -9.87 -1.82 -11.00
C THR A 93 -10.38 -2.82 -9.95
N THR A 94 -9.72 -2.97 -8.79
CA THR A 94 -9.96 -4.12 -7.89
C THR A 94 -10.43 -3.77 -6.48
N GLU A 95 -10.05 -2.58 -6.02
CA GLU A 95 -10.48 -1.93 -4.79
C GLU A 95 -10.14 -2.72 -3.50
N LEU A 96 -9.46 -2.03 -2.58
CA LEU A 96 -8.80 -2.67 -1.42
C LEU A 96 -9.56 -2.63 -0.10
N VAL A 97 -10.28 -1.53 0.16
CA VAL A 97 -11.06 -1.22 1.37
C VAL A 97 -11.66 0.20 1.23
N ARG A 98 -12.54 0.66 2.12
CA ARG A 98 -12.95 2.07 2.19
C ARG A 98 -12.33 2.87 3.35
N VAL A 99 -12.05 4.18 3.20
CA VAL A 99 -11.53 5.02 4.29
C VAL A 99 -12.49 6.20 4.50
N THR A 100 -12.86 6.48 5.75
CA THR A 100 -13.89 7.48 6.06
C THR A 100 -13.56 8.32 7.30
N ASN A 101 -13.49 9.63 7.13
CA ASN A 101 -13.15 10.57 8.21
C ASN A 101 -14.26 10.69 9.28
N LEU A 102 -15.47 10.19 9.00
CA LEU A 102 -16.70 10.38 9.81
C LEU A 102 -16.96 11.89 10.09
N ASN A 103 -17.83 12.19 11.07
CA ASN A 103 -17.94 13.56 11.60
C ASN A 103 -16.63 13.92 12.36
N PRO A 104 -16.27 15.19 12.53
CA PRO A 104 -14.94 15.58 13.00
C PRO A 104 -14.66 15.27 14.47
N ILE A 105 -15.73 15.03 15.22
CA ILE A 105 -15.75 14.55 16.62
C ILE A 105 -15.16 13.16 16.85
N TYR A 106 -14.81 12.46 15.76
CA TYR A 106 -14.25 11.11 15.73
C TYR A 106 -12.82 11.07 15.12
N ALA A 107 -12.26 12.24 14.78
CA ALA A 107 -10.95 12.39 14.13
C ALA A 107 -10.12 13.58 14.62
N ASP A 108 -10.71 14.53 15.35
CA ASP A 108 -9.99 15.68 15.91
C ASP A 108 -10.67 16.24 17.19
N GLY A 109 -10.02 17.19 17.87
CA GLY A 109 -10.51 17.80 19.12
C GLY A 109 -9.69 19.02 19.58
N SER A 110 -10.01 19.54 20.76
CA SER A 110 -9.33 20.68 21.39
C SER A 110 -9.26 20.53 22.92
N HIS A 111 -8.25 21.14 23.55
CA HIS A 111 -7.94 21.04 24.98
C HIS A 111 -7.13 22.25 25.47
N HIS A 112 -7.23 22.56 26.77
CA HIS A 112 -6.41 23.56 27.46
C HIS A 112 -6.26 23.21 28.97
N HIS A 113 -5.06 23.38 29.50
CA HIS A 113 -4.73 23.33 30.94
C HIS A 113 -3.59 24.29 31.33
N HIS A 114 -3.06 25.03 30.36
CA HIS A 114 -1.84 25.84 30.41
C HIS A 114 -1.93 27.08 31.30
N HIS A 115 -0.77 27.61 31.69
CA HIS A 115 -0.60 28.84 32.50
C HIS A 115 -0.88 30.17 31.74
N HIS A 116 -1.34 30.08 30.49
CA HIS A 116 -1.49 31.18 29.52
C HIS A 116 -2.81 31.07 28.74
N ASP A 1 -15.98 10.38 2.02
CA ASP A 1 -15.66 8.94 2.10
C ASP A 1 -14.79 8.50 0.91
N VAL A 2 -14.12 7.34 1.04
CA VAL A 2 -13.15 6.78 0.09
C VAL A 2 -13.32 5.29 -0.08
N ILE A 3 -12.87 4.76 -1.21
CA ILE A 3 -12.63 3.37 -1.54
C ILE A 3 -11.18 3.35 -2.06
N ILE A 4 -10.22 3.05 -1.18
CA ILE A 4 -8.78 3.16 -1.38
C ILE A 4 -8.31 2.19 -2.49
N LYS A 5 -7.25 2.55 -3.20
CA LYS A 5 -6.72 1.81 -4.35
C LYS A 5 -5.19 1.84 -4.44
N PRO A 6 -4.59 0.81 -5.06
CA PRO A 6 -3.14 0.66 -5.11
C PRO A 6 -2.50 1.55 -6.20
N GLN A 7 -1.33 2.11 -5.90
CA GLN A 7 -0.59 2.95 -6.87
C GLN A 7 0.02 2.16 -8.06
N VAL A 8 0.09 0.82 -7.98
CA VAL A 8 0.54 -0.08 -9.05
C VAL A 8 -0.30 -1.38 -9.06
N SER A 9 -0.30 -2.11 -10.17
CA SER A 9 -0.86 -3.47 -10.22
C SER A 9 0.14 -4.52 -9.71
N GLY A 10 -0.35 -5.68 -9.25
CA GLY A 10 0.44 -6.74 -8.64
C GLY A 10 -0.43 -7.57 -7.70
N VAL A 11 0.12 -8.15 -6.64
CA VAL A 11 -0.62 -8.95 -5.69
C VAL A 11 -0.31 -8.56 -4.25
N ILE A 12 -1.29 -8.63 -3.35
CA ILE A 12 -1.08 -8.27 -1.93
C ILE A 12 -0.05 -9.22 -1.26
N VAL A 13 0.78 -8.65 -0.38
CA VAL A 13 1.86 -9.33 0.39
C VAL A 13 1.66 -9.17 1.90
N ASN A 14 1.15 -8.02 2.34
CA ASN A 14 0.86 -7.73 3.75
C ASN A 14 -0.33 -6.77 3.90
N LYS A 15 -0.95 -6.81 5.09
CA LYS A 15 -2.07 -6.01 5.56
C LYS A 15 -1.65 -5.30 6.83
N LEU A 16 -1.16 -4.07 6.67
CA LEU A 16 -0.70 -3.22 7.77
C LEU A 16 -1.86 -2.80 8.65
N PHE A 17 -2.92 -2.32 8.01
CA PHE A 17 -4.18 -1.92 8.65
C PHE A 17 -4.98 -3.12 9.16
N LYS A 18 -6.13 -2.83 9.77
CA LYS A 18 -7.11 -3.81 10.27
C LYS A 18 -8.53 -3.36 9.97
N ALA A 19 -9.36 -4.30 9.49
CA ALA A 19 -10.77 -4.08 9.20
C ALA A 19 -11.56 -3.66 10.46
N GLY A 20 -11.96 -2.39 10.49
CA GLY A 20 -12.71 -1.75 11.58
C GLY A 20 -11.89 -0.82 12.48
N ASP A 21 -10.56 -0.83 12.40
CA ASP A 21 -9.67 0.03 13.20
C ASP A 21 -9.61 1.49 12.69
N LYS A 22 -8.77 2.32 13.31
CA LYS A 22 -8.43 3.68 12.86
C LYS A 22 -7.24 3.68 11.90
N VAL A 23 -7.07 4.80 11.21
CA VAL A 23 -5.90 5.16 10.39
C VAL A 23 -5.52 6.62 10.65
N LYS A 24 -4.21 6.92 10.73
CA LYS A 24 -3.68 8.29 10.77
C LYS A 24 -3.84 9.00 9.41
N LYS A 25 -3.35 10.25 9.29
CA LYS A 25 -3.33 11.12 8.09
C LYS A 25 -2.58 10.57 6.84
N GLY A 26 -2.60 9.26 6.60
CA GLY A 26 -1.77 8.59 5.59
C GLY A 26 -0.89 7.46 6.11
N GLN A 27 -1.30 6.76 7.18
CA GLN A 27 -0.64 5.52 7.59
C GLN A 27 -0.62 4.46 6.47
N THR A 28 0.40 3.61 6.47
CA THR A 28 0.57 2.48 5.53
C THR A 28 -0.48 1.40 5.78
N LEU A 29 -1.04 0.85 4.70
CA LEU A 29 -2.21 -0.03 4.67
C LEU A 29 -1.91 -1.39 4.03
N PHE A 30 -1.21 -1.41 2.90
CA PHE A 30 -0.89 -2.64 2.13
C PHE A 30 0.52 -2.66 1.57
N ILE A 31 0.94 -3.86 1.16
CA ILE A 31 2.18 -4.13 0.42
C ILE A 31 1.80 -5.02 -0.77
N ILE A 32 2.39 -4.77 -1.93
CA ILE A 32 2.14 -5.49 -3.20
C ILE A 32 3.41 -6.02 -3.82
N GLU A 33 3.30 -7.12 -4.58
CA GLU A 33 4.39 -7.61 -5.43
C GLU A 33 3.97 -7.52 -6.90
N GLN A 34 4.65 -6.68 -7.67
CA GLN A 34 4.35 -6.38 -9.08
C GLN A 34 4.34 -7.59 -10.01
N ASP A 35 5.45 -8.31 -9.92
CA ASP A 35 5.89 -9.37 -10.83
C ASP A 35 7.22 -9.96 -10.30
N GLN A 36 7.59 -11.16 -10.77
CA GLN A 36 8.79 -11.87 -10.35
C GLN A 36 9.53 -12.59 -11.50
N ALA A 37 9.20 -12.33 -12.76
CA ALA A 37 9.77 -13.01 -13.93
C ALA A 37 11.32 -12.94 -14.02
N SER A 38 11.93 -11.81 -13.60
CA SER A 38 13.39 -11.64 -13.53
C SER A 38 13.98 -11.88 -12.13
N LYS A 39 13.15 -12.16 -11.12
CA LYS A 39 13.58 -12.19 -9.71
C LYS A 39 14.64 -13.24 -9.39
N ASP A 40 14.72 -14.30 -10.20
CA ASP A 40 15.80 -15.30 -10.21
C ASP A 40 16.51 -15.36 -11.57
N PHE A 41 15.80 -15.02 -12.66
CA PHE A 41 16.31 -15.07 -14.04
C PHE A 41 17.28 -13.95 -14.41
N ASN A 42 17.51 -12.96 -13.52
CA ASN A 42 18.49 -11.89 -13.69
C ASN A 42 19.95 -12.35 -13.88
N ARG A 43 20.26 -13.62 -13.55
CA ARG A 43 21.63 -14.08 -13.45
C ARG A 43 22.46 -13.91 -14.73
N SER A 44 21.86 -14.11 -15.90
CA SER A 44 22.46 -13.85 -17.22
C SER A 44 22.58 -12.36 -17.53
N LYS A 45 21.61 -11.54 -17.08
CA LYS A 45 21.58 -10.08 -17.25
C LYS A 45 22.66 -9.38 -16.40
N ALA A 46 23.03 -9.95 -15.25
CA ALA A 46 24.01 -9.43 -14.31
C ALA A 46 25.42 -9.21 -14.93
N LEU A 47 25.74 -9.91 -16.02
CA LEU A 47 26.96 -9.72 -16.82
C LEU A 47 27.13 -8.31 -17.39
N PHE A 48 26.04 -7.53 -17.49
CA PHE A 48 26.01 -6.24 -18.20
C PHE A 48 25.09 -5.19 -17.57
N SER A 49 24.57 -5.45 -16.36
CA SER A 49 23.68 -4.56 -15.59
C SER A 49 24.39 -3.37 -14.90
N GLN A 50 25.69 -3.22 -15.09
CA GLN A 50 26.53 -2.23 -14.40
C GLN A 50 26.15 -0.76 -14.67
N SER A 51 25.39 -0.48 -15.73
CA SER A 51 24.76 0.84 -15.97
C SER A 51 23.73 1.24 -14.89
N ALA A 52 23.14 0.25 -14.21
CA ALA A 52 22.30 0.36 -13.02
C ALA A 52 23.04 -0.03 -11.73
N ILE A 53 24.34 -0.30 -11.81
CA ILE A 53 25.23 -0.89 -10.80
C ILE A 53 24.93 -2.40 -10.66
N SER A 54 23.70 -2.78 -10.29
CA SER A 54 23.14 -4.14 -10.32
C SER A 54 21.63 -4.09 -10.14
N GLN A 55 20.91 -4.99 -10.81
CA GLN A 55 19.44 -5.22 -10.72
C GLN A 55 18.92 -5.64 -9.33
N LYS A 56 19.80 -5.61 -8.32
CA LYS A 56 19.56 -6.05 -6.95
C LYS A 56 19.96 -5.00 -5.90
N GLU A 57 20.74 -3.99 -6.30
CA GLU A 57 21.06 -2.80 -5.49
C GLU A 57 20.18 -1.59 -5.85
N TYR A 58 19.99 -1.34 -7.14
CA TYR A 58 19.34 -0.13 -7.68
C TYR A 58 17.90 0.09 -7.16
N ASP A 59 17.18 -1.00 -6.88
CA ASP A 59 15.77 -1.01 -6.50
C ASP A 59 15.51 -0.71 -5.02
N SER A 60 16.54 -0.76 -4.17
CA SER A 60 16.44 -0.56 -2.71
C SER A 60 15.82 0.79 -2.26
N SER A 61 15.85 1.81 -3.12
CA SER A 61 15.17 3.11 -2.92
C SER A 61 13.88 3.28 -3.74
N LEU A 62 13.62 2.41 -4.71
CA LEU A 62 12.55 2.52 -5.71
C LEU A 62 11.35 1.62 -5.41
N ALA A 63 11.59 0.33 -5.24
CA ALA A 63 10.62 -0.77 -5.17
C ALA A 63 11.36 -2.10 -4.88
N THR A 64 11.92 -2.21 -3.68
CA THR A 64 12.76 -3.34 -3.24
C THR A 64 12.08 -4.69 -3.51
N LEU A 65 12.80 -5.62 -4.15
CA LEU A 65 12.28 -6.91 -4.63
C LEU A 65 10.91 -6.80 -5.32
N ASP A 66 10.75 -5.74 -6.09
CA ASP A 66 9.59 -5.44 -6.90
C ASP A 66 8.30 -5.23 -6.08
N HIS A 67 8.46 -4.88 -4.79
CA HIS A 67 7.36 -4.49 -3.93
C HIS A 67 7.01 -3.01 -4.00
N THR A 68 5.73 -2.68 -3.78
CA THR A 68 5.25 -1.30 -3.61
C THR A 68 4.28 -1.22 -2.44
N GLU A 69 4.37 -0.13 -1.66
CA GLU A 69 3.52 0.11 -0.49
C GLU A 69 2.33 1.02 -0.82
N ILE A 70 1.24 0.89 -0.06
CA ILE A 70 -0.02 1.62 -0.24
C ILE A 70 -0.39 2.25 1.11
N LYS A 71 -0.83 3.52 1.12
CA LYS A 71 -1.18 4.25 2.35
C LYS A 71 -2.50 5.03 2.23
N ALA A 72 -3.09 5.35 3.38
CA ALA A 72 -4.35 6.10 3.48
C ALA A 72 -4.25 7.52 2.87
N PRO A 73 -5.40 8.16 2.58
CA PRO A 73 -5.45 9.57 2.22
C PRO A 73 -5.37 10.55 3.41
N PHE A 74 -6.07 10.21 4.50
CA PHE A 74 -6.35 11.08 5.64
C PHE A 74 -6.72 10.28 6.92
N ASP A 75 -6.80 10.97 8.06
CA ASP A 75 -7.17 10.39 9.36
C ASP A 75 -8.68 10.05 9.45
N GLY A 76 -9.00 8.87 9.96
CA GLY A 76 -10.37 8.38 10.04
C GLY A 76 -10.46 6.93 10.54
N THR A 77 -11.59 6.29 10.21
CA THR A 77 -11.84 4.86 10.45
C THR A 77 -11.85 4.11 9.12
N ILE A 78 -11.66 2.80 9.15
CA ILE A 78 -11.47 2.00 7.93
C ILE A 78 -12.36 0.76 7.93
N GLY A 79 -12.94 0.44 6.77
CA GLY A 79 -13.99 -0.59 6.66
C GLY A 79 -13.46 -2.02 6.55
N ASP A 80 -14.33 -2.98 6.26
CA ASP A 80 -13.92 -4.32 5.89
C ASP A 80 -13.10 -4.33 4.61
N ALA A 81 -11.96 -5.03 4.69
CA ALA A 81 -11.03 -5.24 3.60
C ALA A 81 -11.72 -5.96 2.41
N LEU A 82 -11.27 -5.66 1.20
CA LEU A 82 -11.72 -6.26 -0.06
C LEU A 82 -10.71 -7.28 -0.65
N VAL A 83 -9.55 -7.46 0.01
CA VAL A 83 -8.37 -8.20 -0.47
C VAL A 83 -7.64 -8.90 0.69
N ASN A 84 -6.85 -9.93 0.35
CA ASN A 84 -6.07 -10.74 1.25
C ASN A 84 -4.68 -10.98 0.66
N ILE A 85 -3.76 -11.47 1.48
CA ILE A 85 -2.40 -11.86 1.11
C ILE A 85 -2.42 -12.89 -0.03
N GLY A 86 -2.13 -12.44 -1.24
CA GLY A 86 -2.06 -13.23 -2.47
C GLY A 86 -3.06 -12.79 -3.53
N ASP A 87 -4.01 -11.90 -3.19
CA ASP A 87 -4.98 -11.41 -4.17
C ASP A 87 -4.33 -10.51 -5.23
N TYR A 88 -4.47 -10.87 -6.51
CA TYR A 88 -4.13 -9.99 -7.63
C TYR A 88 -5.04 -8.75 -7.64
N VAL A 89 -4.44 -7.59 -7.87
CA VAL A 89 -5.09 -6.28 -7.96
C VAL A 89 -4.50 -5.41 -9.06
N SER A 90 -5.29 -4.42 -9.48
CA SER A 90 -4.96 -3.46 -10.53
C SER A 90 -5.29 -2.03 -10.06
N ALA A 91 -4.54 -1.05 -10.55
CA ALA A 91 -4.45 0.30 -10.00
C ALA A 91 -5.71 1.16 -9.81
N SER A 92 -6.77 0.87 -10.55
CA SER A 92 -8.09 1.42 -10.19
C SER A 92 -9.22 0.38 -10.27
N THR A 93 -8.87 -0.85 -10.64
CA THR A 93 -9.87 -1.87 -11.09
C THR A 93 -10.36 -2.86 -10.03
N THR A 94 -9.70 -2.97 -8.87
CA THR A 94 -9.94 -4.10 -7.94
C THR A 94 -10.41 -3.70 -6.55
N GLU A 95 -10.00 -2.51 -6.10
CA GLU A 95 -10.41 -1.84 -4.88
C GLU A 95 -10.08 -2.63 -3.59
N LEU A 96 -9.42 -1.94 -2.65
CA LEU A 96 -8.77 -2.61 -1.50
C LEU A 96 -9.56 -2.56 -0.18
N VAL A 97 -10.23 -1.45 0.12
CA VAL A 97 -11.04 -1.17 1.31
C VAL A 97 -11.57 0.27 1.27
N ARG A 98 -12.63 0.62 2.02
CA ARG A 98 -13.04 2.04 2.21
C ARG A 98 -12.30 2.77 3.33
N VAL A 99 -12.00 4.08 3.18
CA VAL A 99 -11.48 4.90 4.30
C VAL A 99 -12.49 6.01 4.59
N THR A 100 -12.79 6.28 5.87
CA THR A 100 -13.91 7.16 6.23
C THR A 100 -13.60 8.08 7.42
N ASN A 101 -13.54 9.38 7.17
CA ASN A 101 -13.45 10.42 8.18
C ASN A 101 -14.84 10.68 8.77
N LEU A 102 -15.08 10.21 9.99
CA LEU A 102 -16.27 10.54 10.77
C LEU A 102 -16.33 12.05 11.06
N ASN A 103 -17.50 12.55 11.44
CA ASN A 103 -17.65 13.93 11.91
C ASN A 103 -16.72 14.19 13.13
N PRO A 104 -16.22 15.44 13.31
CA PRO A 104 -15.15 15.76 14.25
C PRO A 104 -15.66 16.08 15.67
N ILE A 105 -16.97 16.03 15.85
CA ILE A 105 -17.74 16.50 17.02
C ILE A 105 -17.59 15.65 18.29
N TYR A 106 -16.96 14.48 18.20
CA TYR A 106 -16.76 13.54 19.33
C TYR A 106 -15.92 14.11 20.49
N ALA A 107 -15.21 15.22 20.28
CA ALA A 107 -14.55 16.01 21.33
C ALA A 107 -15.51 16.79 22.24
N ASP A 108 -16.82 16.76 21.95
CA ASP A 108 -17.84 17.51 22.68
C ASP A 108 -19.20 16.75 22.71
N GLY A 109 -20.27 17.41 23.17
CA GLY A 109 -21.62 16.85 23.25
C GLY A 109 -22.71 17.85 23.70
N SER A 110 -22.37 19.13 23.88
CA SER A 110 -23.29 20.18 24.38
C SER A 110 -24.18 20.81 23.28
N HIS A 111 -24.33 20.13 22.14
CA HIS A 111 -25.14 20.56 20.99
C HIS A 111 -26.65 20.64 21.30
N HIS A 112 -27.38 21.51 20.59
CA HIS A 112 -28.84 21.69 20.72
C HIS A 112 -29.62 21.56 19.40
N HIS A 113 -28.93 21.27 18.29
CA HIS A 113 -29.46 20.91 16.95
C HIS A 113 -30.38 21.92 16.22
N HIS A 114 -30.81 23.00 16.90
CA HIS A 114 -31.59 24.12 16.33
C HIS A 114 -30.90 25.48 16.50
N HIS A 115 -29.79 25.51 17.25
CA HIS A 115 -28.94 26.68 17.50
C HIS A 115 -27.44 26.38 17.29
N HIS A 116 -27.14 25.24 16.64
CA HIS A 116 -25.80 24.67 16.40
C HIS A 116 -25.69 24.20 14.94
N ASP A 1 -16.33 7.03 2.99
CA ASP A 1 -16.07 8.18 2.07
C ASP A 1 -15.25 7.71 0.85
N VAL A 2 -14.00 7.30 1.07
CA VAL A 2 -13.08 6.74 0.06
C VAL A 2 -13.28 5.26 -0.13
N ILE A 3 -12.94 4.79 -1.32
CA ILE A 3 -12.73 3.40 -1.72
C ILE A 3 -11.25 3.37 -2.14
N ILE A 4 -10.35 3.00 -1.23
CA ILE A 4 -8.89 3.12 -1.39
C ILE A 4 -8.40 2.18 -2.50
N LYS A 5 -7.33 2.58 -3.21
CA LYS A 5 -6.78 1.84 -4.35
C LYS A 5 -5.25 1.89 -4.45
N PRO A 6 -4.63 0.87 -5.07
CA PRO A 6 -3.18 0.70 -5.10
C PRO A 6 -2.50 1.57 -6.17
N GLN A 7 -1.28 2.05 -5.88
CA GLN A 7 -0.50 2.87 -6.84
C GLN A 7 0.14 2.07 -7.99
N VAL A 8 0.20 0.73 -7.88
CA VAL A 8 0.64 -0.20 -8.95
C VAL A 8 -0.23 -1.47 -8.94
N SER A 9 -0.31 -2.17 -10.08
CA SER A 9 -0.89 -3.51 -10.14
C SER A 9 0.10 -4.56 -9.58
N GLY A 10 -0.36 -5.77 -9.26
CA GLY A 10 0.43 -6.83 -8.64
C GLY A 10 -0.43 -7.63 -7.69
N VAL A 11 0.15 -8.23 -6.64
CA VAL A 11 -0.60 -9.00 -5.67
C VAL A 11 -0.30 -8.59 -4.24
N ILE A 12 -1.28 -8.64 -3.34
CA ILE A 12 -1.08 -8.26 -1.92
C ILE A 12 -0.05 -9.17 -1.23
N VAL A 13 0.76 -8.60 -0.33
CA VAL A 13 1.84 -9.26 0.43
C VAL A 13 1.65 -9.08 1.95
N ASN A 14 1.12 -7.93 2.37
CA ASN A 14 0.84 -7.62 3.78
C ASN A 14 -0.37 -6.67 3.91
N LYS A 15 -0.99 -6.71 5.08
CA LYS A 15 -2.13 -5.93 5.53
C LYS A 15 -1.71 -5.18 6.79
N LEU A 16 -1.24 -3.95 6.63
CA LEU A 16 -0.78 -3.10 7.72
C LEU A 16 -1.94 -2.68 8.62
N PHE A 17 -2.99 -2.19 7.98
CA PHE A 17 -4.27 -1.86 8.61
C PHE A 17 -5.04 -3.12 9.06
N LYS A 18 -6.20 -2.89 9.67
CA LYS A 18 -7.15 -3.94 10.10
C LYS A 18 -8.58 -3.50 9.82
N ALA A 19 -9.41 -4.43 9.35
CA ALA A 19 -10.85 -4.19 9.11
C ALA A 19 -11.59 -3.75 10.39
N GLY A 20 -11.91 -2.46 10.49
CA GLY A 20 -12.62 -1.84 11.61
C GLY A 20 -11.76 -0.98 12.54
N ASP A 21 -10.43 -0.99 12.40
CA ASP A 21 -9.49 -0.12 13.13
C ASP A 21 -9.58 1.36 12.69
N LYS A 22 -8.69 2.21 13.24
CA LYS A 22 -8.47 3.60 12.81
C LYS A 22 -7.24 3.71 11.86
N VAL A 23 -7.08 4.91 11.31
CA VAL A 23 -5.92 5.32 10.48
C VAL A 23 -5.44 6.73 10.88
N LYS A 24 -4.13 6.93 11.00
CA LYS A 24 -3.45 8.22 11.07
C LYS A 24 -3.45 8.86 9.65
N LYS A 25 -3.19 10.17 9.51
CA LYS A 25 -3.23 11.03 8.29
C LYS A 25 -2.44 10.52 7.04
N GLY A 26 -2.75 9.34 6.54
CA GLY A 26 -2.04 8.69 5.44
C GLY A 26 -1.13 7.54 5.87
N GLN A 27 -1.46 6.85 6.97
CA GLN A 27 -0.76 5.63 7.36
C GLN A 27 -0.74 4.56 6.25
N THR A 28 0.30 3.72 6.24
CA THR A 28 0.46 2.58 5.32
C THR A 28 -0.59 1.51 5.62
N LEU A 29 -1.16 0.93 4.56
CA LEU A 29 -2.32 0.04 4.58
C LEU A 29 -2.03 -1.34 3.95
N PHE A 30 -1.33 -1.36 2.81
CA PHE A 30 -1.00 -2.60 2.07
C PHE A 30 0.43 -2.62 1.52
N ILE A 31 0.85 -3.81 1.09
CA ILE A 31 2.09 -4.07 0.35
C ILE A 31 1.73 -4.97 -0.84
N ILE A 32 2.33 -4.74 -1.99
CA ILE A 32 2.10 -5.45 -3.26
C ILE A 32 3.39 -6.01 -3.85
N GLU A 33 3.29 -7.11 -4.60
CA GLU A 33 4.38 -7.65 -5.41
C GLU A 33 4.06 -7.51 -6.90
N GLN A 34 4.85 -6.71 -7.64
CA GLN A 34 4.64 -6.43 -9.08
C GLN A 34 4.64 -7.68 -9.96
N ASP A 35 5.57 -8.57 -9.66
CA ASP A 35 5.82 -9.83 -10.36
C ASP A 35 6.78 -10.73 -9.56
N GLN A 36 6.94 -12.00 -9.98
CA GLN A 36 7.73 -13.00 -9.27
C GLN A 36 8.77 -13.73 -10.17
N ALA A 37 9.11 -13.18 -11.33
CA ALA A 37 10.06 -13.79 -12.28
C ALA A 37 11.44 -14.01 -11.65
N SER A 38 12.01 -12.97 -11.06
CA SER A 38 13.28 -13.02 -10.34
C SER A 38 13.23 -13.88 -9.08
N LYS A 39 12.06 -13.98 -8.44
CA LYS A 39 11.88 -14.86 -7.27
C LYS A 39 11.99 -16.34 -7.66
N ASP A 40 11.56 -16.70 -8.88
CA ASP A 40 11.76 -18.04 -9.46
C ASP A 40 13.18 -18.25 -10.05
N PHE A 41 13.76 -17.19 -10.64
CA PHE A 41 14.96 -17.30 -11.48
C PHE A 41 16.28 -16.95 -10.77
N ASN A 42 16.31 -15.92 -9.93
CA ASN A 42 17.49 -15.51 -9.18
C ASN A 42 17.57 -16.17 -7.81
N ARG A 43 16.48 -16.07 -7.04
CA ARG A 43 16.52 -16.44 -5.63
C ARG A 43 16.68 -17.94 -5.37
N SER A 44 16.32 -18.77 -6.37
CA SER A 44 16.62 -20.22 -6.40
C SER A 44 18.13 -20.48 -6.50
N LYS A 45 18.83 -19.80 -7.42
CA LYS A 45 20.29 -19.85 -7.59
C LYS A 45 21.04 -19.23 -6.40
N ALA A 46 20.50 -18.16 -5.81
CA ALA A 46 21.12 -17.42 -4.70
C ALA A 46 21.39 -18.27 -3.45
N LEU A 47 20.71 -19.41 -3.29
CA LEU A 47 20.96 -20.42 -2.25
C LEU A 47 22.39 -21.01 -2.29
N PHE A 48 23.03 -20.98 -3.46
CA PHE A 48 24.26 -21.74 -3.73
C PHE A 48 25.19 -21.10 -4.79
N SER A 49 24.94 -19.86 -5.19
CA SER A 49 25.65 -19.14 -6.28
C SER A 49 25.76 -17.64 -6.01
N GLN A 50 26.67 -16.96 -6.73
CA GLN A 50 26.91 -15.52 -6.69
C GLN A 50 25.79 -14.68 -7.34
N SER A 51 24.74 -15.31 -7.87
CA SER A 51 23.64 -14.68 -8.64
C SER A 51 22.95 -13.51 -7.93
N ALA A 52 22.93 -13.48 -6.59
CA ALA A 52 22.40 -12.37 -5.78
C ALA A 52 23.11 -11.01 -6.02
N ILE A 53 24.26 -11.02 -6.70
CA ILE A 53 25.15 -9.87 -6.94
C ILE A 53 25.43 -9.67 -8.44
N SER A 54 25.06 -10.62 -9.31
CA SER A 54 25.17 -10.53 -10.78
C SER A 54 24.43 -9.30 -11.33
N GLN A 55 25.17 -8.39 -11.98
CA GLN A 55 24.76 -7.03 -12.40
C GLN A 55 23.50 -6.88 -13.29
N LYS A 56 22.90 -7.99 -13.72
CA LYS A 56 21.71 -8.05 -14.60
C LYS A 56 20.55 -8.87 -14.01
N GLU A 57 20.77 -9.50 -12.85
CA GLU A 57 19.74 -10.14 -12.01
C GLU A 57 19.50 -9.45 -10.66
N TYR A 58 20.57 -8.90 -10.08
CA TYR A 58 20.61 -8.27 -8.75
C TYR A 58 19.70 -7.05 -8.54
N ASP A 59 18.95 -6.61 -9.57
CA ASP A 59 17.87 -5.63 -9.41
C ASP A 59 16.80 -6.12 -8.41
N SER A 60 16.64 -7.45 -8.30
CA SER A 60 15.87 -8.14 -7.25
C SER A 60 16.36 -7.88 -5.81
N SER A 61 17.61 -7.40 -5.64
CA SER A 61 18.22 -6.96 -4.37
C SER A 61 18.27 -5.43 -4.22
N LEU A 62 18.45 -4.69 -5.33
CA LEU A 62 18.37 -3.22 -5.37
C LEU A 62 16.98 -2.68 -5.03
N ALA A 63 15.94 -3.43 -5.44
CA ALA A 63 14.54 -3.06 -5.36
C ALA A 63 13.71 -4.32 -5.01
N THR A 64 13.88 -4.77 -3.76
CA THR A 64 13.42 -6.06 -3.23
C THR A 64 12.10 -6.57 -3.78
N LEU A 65 12.19 -7.69 -4.50
CA LEU A 65 11.13 -8.43 -5.19
C LEU A 65 10.09 -7.56 -5.94
N ASP A 66 10.46 -6.35 -6.38
CA ASP A 66 9.56 -5.32 -6.91
C ASP A 66 8.30 -5.08 -6.05
N HIS A 67 8.50 -4.99 -4.72
CA HIS A 67 7.44 -4.60 -3.80
C HIS A 67 7.09 -3.11 -3.88
N THR A 68 5.81 -2.78 -3.69
CA THR A 68 5.32 -1.38 -3.55
C THR A 68 4.31 -1.26 -2.40
N GLU A 69 4.42 -0.21 -1.60
CA GLU A 69 3.52 0.07 -0.47
C GLU A 69 2.31 0.93 -0.90
N ILE A 70 1.20 0.82 -0.17
CA ILE A 70 -0.04 1.57 -0.39
C ILE A 70 -0.44 2.23 0.94
N LYS A 71 -0.89 3.50 0.91
CA LYS A 71 -1.22 4.27 2.12
C LYS A 71 -2.53 5.06 2.01
N ALA A 72 -3.13 5.38 3.15
CA ALA A 72 -4.39 6.10 3.30
C ALA A 72 -4.35 7.54 2.74
N PRO A 73 -5.51 8.19 2.58
CA PRO A 73 -5.60 9.62 2.29
C PRO A 73 -5.45 10.54 3.51
N PHE A 74 -6.09 10.16 4.63
CA PHE A 74 -6.32 11.01 5.80
C PHE A 74 -6.57 10.21 7.10
N ASP A 75 -6.78 10.93 8.21
CA ASP A 75 -7.12 10.35 9.53
C ASP A 75 -8.63 10.06 9.66
N GLY A 76 -8.96 8.89 10.20
CA GLY A 76 -10.33 8.40 10.27
C GLY A 76 -10.44 6.96 10.71
N THR A 77 -11.50 6.30 10.25
CA THR A 77 -11.78 4.87 10.45
C THR A 77 -11.75 4.16 9.12
N ILE A 78 -11.49 2.86 9.16
CA ILE A 78 -11.26 2.06 7.95
C ILE A 78 -12.13 0.80 7.98
N GLY A 79 -12.80 0.54 6.86
CA GLY A 79 -13.87 -0.46 6.77
C GLY A 79 -13.37 -1.89 6.58
N ASP A 80 -14.31 -2.78 6.25
CA ASP A 80 -14.00 -4.13 5.80
C ASP A 80 -13.15 -4.15 4.54
N ALA A 81 -12.03 -4.85 4.66
CA ALA A 81 -11.10 -5.14 3.58
C ALA A 81 -11.81 -5.84 2.40
N LEU A 82 -11.22 -5.72 1.21
CA LEU A 82 -11.70 -6.33 -0.05
C LEU A 82 -10.69 -7.33 -0.65
N VAL A 83 -9.53 -7.50 0.00
CA VAL A 83 -8.35 -8.24 -0.48
C VAL A 83 -7.63 -8.93 0.68
N ASN A 84 -6.84 -9.95 0.36
CA ASN A 84 -6.03 -10.74 1.27
C ASN A 84 -4.65 -10.97 0.68
N ILE A 85 -3.72 -11.46 1.49
CA ILE A 85 -2.35 -11.82 1.12
C ILE A 85 -2.38 -12.87 -0.01
N GLY A 86 -2.07 -12.42 -1.22
CA GLY A 86 -2.01 -13.23 -2.44
C GLY A 86 -3.01 -12.80 -3.50
N ASP A 87 -3.97 -11.92 -3.18
CA ASP A 87 -4.95 -11.43 -4.15
C ASP A 87 -4.31 -10.53 -5.21
N TYR A 88 -4.46 -10.87 -6.49
CA TYR A 88 -4.13 -9.99 -7.61
C TYR A 88 -5.04 -8.76 -7.63
N VAL A 89 -4.43 -7.59 -7.86
CA VAL A 89 -5.07 -6.27 -7.95
C VAL A 89 -4.48 -5.42 -9.07
N SER A 90 -5.25 -4.41 -9.47
CA SER A 90 -4.91 -3.43 -10.50
C SER A 90 -5.21 -2.01 -9.99
N ALA A 91 -4.48 -1.03 -10.51
CA ALA A 91 -4.40 0.33 -9.95
C ALA A 91 -5.65 1.18 -9.80
N SER A 92 -6.70 0.88 -10.54
CA SER A 92 -8.02 1.46 -10.24
C SER A 92 -9.15 0.42 -10.31
N THR A 93 -8.82 -0.83 -10.64
CA THR A 93 -9.80 -1.85 -11.07
C THR A 93 -10.33 -2.85 -10.02
N THR A 94 -9.70 -2.96 -8.86
CA THR A 94 -9.92 -4.11 -7.95
C THR A 94 -10.40 -3.75 -6.55
N GLU A 95 -10.03 -2.55 -6.08
CA GLU A 95 -10.45 -1.90 -4.85
C GLU A 95 -10.10 -2.71 -3.57
N LEU A 96 -9.44 -2.02 -2.64
CA LEU A 96 -8.77 -2.67 -1.48
C LEU A 96 -9.54 -2.66 -0.16
N VAL A 97 -10.24 -1.56 0.12
CA VAL A 97 -11.04 -1.25 1.33
C VAL A 97 -11.65 0.15 1.17
N ARG A 98 -12.45 0.62 2.12
CA ARG A 98 -12.92 2.00 2.24
C ARG A 98 -12.30 2.78 3.40
N VAL A 99 -11.96 4.06 3.23
CA VAL A 99 -11.44 4.91 4.33
C VAL A 99 -12.46 6.00 4.60
N THR A 100 -12.74 6.27 5.88
CA THR A 100 -13.88 7.11 6.26
C THR A 100 -13.56 8.02 7.45
N ASN A 101 -13.40 9.32 7.19
CA ASN A 101 -13.09 10.32 8.22
C ASN A 101 -14.24 10.45 9.23
N LEU A 102 -13.90 10.45 10.53
CA LEU A 102 -14.85 10.63 11.63
C LEU A 102 -15.41 12.06 11.65
N ASN A 103 -14.55 13.03 12.00
CA ASN A 103 -14.82 14.47 12.00
C ASN A 103 -13.57 15.25 11.50
N PRO A 104 -13.66 16.56 11.20
CA PRO A 104 -12.52 17.40 10.82
C PRO A 104 -11.72 17.92 12.04
N ILE A 105 -11.84 17.21 13.17
CA ILE A 105 -11.31 17.47 14.51
C ILE A 105 -10.97 16.12 15.17
N TYR A 106 -10.36 16.14 16.36
CA TYR A 106 -9.80 14.99 17.10
C TYR A 106 -8.62 14.24 16.42
N ALA A 107 -8.49 14.35 15.09
CA ALA A 107 -7.37 13.83 14.31
C ALA A 107 -6.00 14.35 14.78
N ASP A 108 -4.95 13.56 14.57
CA ASP A 108 -3.58 13.88 14.99
C ASP A 108 -2.74 14.42 13.81
N GLY A 109 -2.28 15.66 13.91
CA GLY A 109 -1.38 16.31 12.95
C GLY A 109 -1.44 17.84 12.99
N SER A 110 -0.47 18.50 12.32
CA SER A 110 -0.42 19.97 12.20
C SER A 110 -1.43 20.53 11.19
N HIS A 111 -1.71 19.78 10.11
CA HIS A 111 -2.62 20.11 9.00
C HIS A 111 -2.46 21.54 8.41
N HIS A 112 -1.25 22.10 8.46
CA HIS A 112 -0.95 23.48 8.05
C HIS A 112 0.50 23.66 7.56
N HIS A 113 0.78 24.75 6.86
CA HIS A 113 2.09 25.06 6.25
C HIS A 113 2.53 26.52 6.37
N HIS A 114 1.59 27.48 6.33
CA HIS A 114 1.84 28.92 6.51
C HIS A 114 1.96 29.30 8.00
N HIS A 115 2.89 28.65 8.72
CA HIS A 115 3.15 28.85 10.15
C HIS A 115 3.76 30.22 10.48
N HIS A 116 3.55 30.67 11.72
CA HIS A 116 4.02 31.96 12.27
C HIS A 116 4.51 31.84 13.72
N ASP A 1 -15.57 10.41 2.02
CA ASP A 1 -15.51 8.92 1.96
C ASP A 1 -14.70 8.46 0.75
N VAL A 2 -13.89 7.41 0.91
CA VAL A 2 -12.93 6.88 -0.08
C VAL A 2 -13.10 5.40 -0.24
N ILE A 3 -12.84 4.91 -1.44
CA ILE A 3 -12.67 3.49 -1.78
C ILE A 3 -11.18 3.40 -2.15
N ILE A 4 -10.33 2.98 -1.20
CA ILE A 4 -8.87 3.03 -1.33
C ILE A 4 -8.37 2.05 -2.40
N LYS A 5 -7.30 2.43 -3.11
CA LYS A 5 -6.75 1.68 -4.26
C LYS A 5 -5.23 1.74 -4.38
N PRO A 6 -4.63 0.72 -5.02
CA PRO A 6 -3.20 0.69 -5.28
C PRO A 6 -2.80 1.65 -6.42
N GLN A 7 -1.50 1.97 -6.49
CA GLN A 7 -0.90 2.82 -7.53
C GLN A 7 -0.11 2.03 -8.60
N VAL A 8 -0.10 0.69 -8.49
CA VAL A 8 0.47 -0.27 -9.44
C VAL A 8 -0.45 -1.49 -9.57
N SER A 9 -0.19 -2.35 -10.55
CA SER A 9 -0.81 -3.67 -10.67
C SER A 9 0.16 -4.73 -10.10
N GLY A 10 -0.37 -5.79 -9.48
CA GLY A 10 0.41 -6.79 -8.75
C GLY A 10 -0.47 -7.60 -7.82
N VAL A 11 0.07 -8.12 -6.72
CA VAL A 11 -0.66 -8.90 -5.76
C VAL A 11 -0.34 -8.50 -4.33
N ILE A 12 -1.30 -8.58 -3.41
CA ILE A 12 -1.06 -8.22 -1.99
C ILE A 12 0.01 -9.14 -1.35
N VAL A 13 0.82 -8.59 -0.44
CA VAL A 13 1.90 -9.28 0.31
C VAL A 13 1.72 -9.13 1.82
N ASN A 14 1.22 -7.99 2.30
CA ASN A 14 0.94 -7.72 3.71
C ASN A 14 -0.24 -6.77 3.89
N LYS A 15 -0.82 -6.80 5.09
CA LYS A 15 -1.99 -6.06 5.57
C LYS A 15 -1.58 -5.33 6.85
N LEU A 16 -1.18 -4.07 6.69
CA LEU A 16 -0.69 -3.24 7.79
C LEU A 16 -1.83 -2.75 8.70
N PHE A 17 -2.94 -2.39 8.07
CA PHE A 17 -4.15 -1.92 8.76
C PHE A 17 -4.98 -3.07 9.36
N LYS A 18 -6.10 -2.71 9.99
CA LYS A 18 -7.11 -3.65 10.53
C LYS A 18 -8.51 -3.28 10.05
N ALA A 19 -9.25 -4.30 9.62
CA ALA A 19 -10.66 -4.21 9.25
C ALA A 19 -11.51 -3.65 10.40
N GLY A 20 -12.06 -2.44 10.20
CA GLY A 20 -12.95 -1.76 11.13
C GLY A 20 -12.29 -0.74 12.08
N ASP A 21 -10.96 -0.68 12.17
CA ASP A 21 -10.22 0.17 13.12
C ASP A 21 -10.01 1.63 12.64
N LYS A 22 -9.19 2.41 13.36
CA LYS A 22 -8.75 3.76 12.97
C LYS A 22 -7.50 3.70 12.08
N VAL A 23 -7.27 4.76 11.32
CA VAL A 23 -6.06 5.02 10.51
C VAL A 23 -5.64 6.49 10.69
N LYS A 24 -4.36 6.75 10.93
CA LYS A 24 -3.77 8.10 10.89
C LYS A 24 -3.70 8.63 9.46
N LYS A 25 -3.61 9.97 9.30
CA LYS A 25 -3.35 10.72 8.05
C LYS A 25 -2.09 10.26 7.29
N GLY A 26 -2.23 9.11 6.62
CA GLY A 26 -1.24 8.50 5.73
C GLY A 26 -0.56 7.27 6.29
N GLN A 27 -1.11 6.66 7.34
CA GLN A 27 -0.63 5.34 7.76
C GLN A 27 -0.65 4.33 6.60
N THR A 28 0.39 3.52 6.55
CA THR A 28 0.53 2.43 5.58
C THR A 28 -0.51 1.34 5.82
N LEU A 29 -1.07 0.82 4.74
CA LEU A 29 -2.25 -0.05 4.69
C LEU A 29 -1.95 -1.40 4.05
N PHE A 30 -1.23 -1.40 2.91
CA PHE A 30 -0.91 -2.62 2.14
C PHE A 30 0.50 -2.62 1.57
N ILE A 31 0.94 -3.82 1.16
CA ILE A 31 2.16 -4.08 0.40
C ILE A 31 1.76 -4.96 -0.79
N ILE A 32 2.38 -4.75 -1.94
CA ILE A 32 2.15 -5.46 -3.20
C ILE A 32 3.44 -5.99 -3.80
N GLU A 33 3.32 -7.07 -4.59
CA GLU A 33 4.40 -7.56 -5.44
C GLU A 33 4.00 -7.47 -6.91
N GLN A 34 4.79 -6.76 -7.72
CA GLN A 34 4.50 -6.40 -9.11
C GLN A 34 4.58 -7.55 -10.14
N ASP A 35 4.79 -8.80 -9.68
CA ASP A 35 5.07 -9.99 -10.50
C ASP A 35 6.31 -9.82 -11.40
N GLN A 36 7.44 -10.29 -10.86
CA GLN A 36 8.83 -10.11 -11.33
C GLN A 36 9.18 -10.63 -12.73
N ALA A 37 8.23 -11.12 -13.52
CA ALA A 37 8.44 -11.60 -14.89
C ALA A 37 9.14 -10.58 -15.82
N SER A 38 8.82 -9.29 -15.68
CA SER A 38 9.41 -8.19 -16.47
C SER A 38 10.75 -7.68 -15.94
N LYS A 39 11.17 -8.09 -14.74
CA LYS A 39 12.31 -7.49 -14.03
C LYS A 39 13.64 -7.66 -14.78
N ASP A 40 13.92 -8.85 -15.30
CA ASP A 40 15.08 -9.12 -16.16
C ASP A 40 15.04 -8.31 -17.47
N PHE A 41 13.85 -8.22 -18.08
CA PHE A 41 13.64 -7.64 -19.40
C PHE A 41 13.73 -6.11 -19.39
N ASN A 42 13.18 -5.47 -18.35
CA ASN A 42 13.21 -4.02 -18.15
C ASN A 42 14.62 -3.50 -17.87
N ARG A 43 15.33 -4.19 -16.97
CA ARG A 43 16.58 -3.67 -16.41
C ARG A 43 17.70 -3.46 -17.44
N SER A 44 17.73 -4.24 -18.52
CA SER A 44 18.74 -4.14 -19.60
C SER A 44 18.80 -2.75 -20.28
N LYS A 45 17.72 -1.96 -20.22
CA LYS A 45 17.66 -0.58 -20.74
C LYS A 45 18.48 0.43 -19.92
N ALA A 46 18.82 0.13 -18.66
CA ALA A 46 19.48 1.04 -17.72
C ALA A 46 20.99 1.22 -18.02
N LEU A 47 21.31 1.86 -19.14
CA LEU A 47 22.66 2.14 -19.64
C LEU A 47 22.81 3.61 -20.06
N PHE A 48 24.05 4.12 -20.00
CA PHE A 48 24.50 5.47 -20.38
C PHE A 48 23.44 6.59 -20.37
N SER A 49 22.81 6.88 -21.51
CA SER A 49 21.87 8.00 -21.66
C SER A 49 20.52 7.81 -20.93
N GLN A 50 20.17 6.55 -20.61
CA GLN A 50 18.93 6.17 -19.91
C GLN A 50 19.15 5.91 -18.42
N SER A 51 20.32 5.38 -18.01
CA SER A 51 20.70 5.30 -16.59
C SER A 51 20.91 6.68 -15.94
N ALA A 52 21.14 7.72 -16.75
CA ALA A 52 21.13 9.14 -16.35
C ALA A 52 19.73 9.65 -15.88
N ILE A 53 18.69 8.82 -16.02
CA ILE A 53 17.29 8.88 -15.53
C ILE A 53 16.34 9.16 -16.69
N SER A 54 15.42 8.21 -16.94
CA SER A 54 14.33 8.31 -17.91
C SER A 54 13.05 7.69 -17.33
N GLN A 55 11.90 8.35 -17.53
CA GLN A 55 10.59 8.08 -16.90
C GLN A 55 9.98 6.67 -17.11
N LYS A 56 10.62 5.83 -17.91
CA LYS A 56 10.21 4.46 -18.27
C LYS A 56 11.27 3.40 -17.96
N GLU A 57 12.46 3.83 -17.51
CA GLU A 57 13.55 3.00 -16.98
C GLU A 57 13.77 3.14 -15.46
N TYR A 58 13.54 4.34 -14.92
CA TYR A 58 13.89 4.77 -13.56
C TYR A 58 13.13 4.06 -12.41
N ASP A 59 12.19 3.17 -12.71
CA ASP A 59 11.45 2.37 -11.72
C ASP A 59 12.37 1.49 -10.85
N SER A 60 13.56 1.15 -11.34
CA SER A 60 14.63 0.48 -10.58
C SER A 60 15.16 1.30 -9.37
N SER A 61 14.95 2.62 -9.37
CA SER A 61 15.29 3.54 -8.27
C SER A 61 14.08 3.97 -7.43
N LEU A 62 12.85 3.86 -7.97
CA LEU A 62 11.61 4.18 -7.27
C LEU A 62 11.16 3.13 -6.24
N ALA A 63 11.62 1.89 -6.38
CA ALA A 63 11.11 0.74 -5.64
C ALA A 63 12.21 -0.28 -5.22
N THR A 64 11.82 -1.29 -4.44
CA THR A 64 12.71 -2.29 -3.81
C THR A 64 12.05 -3.67 -3.87
N LEU A 65 12.84 -4.70 -4.18
CA LEU A 65 12.41 -6.11 -4.38
C LEU A 65 11.10 -6.26 -5.21
N ASP A 66 10.92 -5.38 -6.21
CA ASP A 66 9.70 -5.20 -7.00
C ASP A 66 8.38 -5.12 -6.19
N HIS A 67 8.45 -4.65 -4.94
CA HIS A 67 7.28 -4.32 -4.12
C HIS A 67 6.83 -2.85 -4.25
N THR A 68 5.58 -2.60 -3.87
CA THR A 68 5.01 -1.26 -3.70
C THR A 68 4.16 -1.22 -2.42
N GLU A 69 4.00 -0.04 -1.81
CA GLU A 69 3.23 0.15 -0.56
C GLU A 69 2.10 1.17 -0.75
N ILE A 70 0.96 0.93 -0.09
CA ILE A 70 -0.27 1.72 -0.21
C ILE A 70 -0.57 2.33 1.16
N LYS A 71 -0.98 3.61 1.18
CA LYS A 71 -1.12 4.45 2.38
C LYS A 71 -2.46 5.20 2.38
N ALA A 72 -3.00 5.49 3.56
CA ALA A 72 -4.28 6.18 3.71
C ALA A 72 -4.31 7.59 3.08
N PRO A 73 -5.49 8.10 2.71
CA PRO A 73 -5.64 9.51 2.30
C PRO A 73 -5.57 10.49 3.48
N PHE A 74 -6.13 10.11 4.63
CA PHE A 74 -6.38 10.97 5.79
C PHE A 74 -6.67 10.19 7.08
N ASP A 75 -6.60 10.92 8.19
CA ASP A 75 -7.05 10.51 9.53
C ASP A 75 -8.55 10.21 9.58
N GLY A 76 -8.91 9.07 10.15
CA GLY A 76 -10.28 8.58 10.15
C GLY A 76 -10.40 7.11 10.54
N THR A 77 -11.46 6.48 10.04
CA THR A 77 -11.83 5.08 10.29
C THR A 77 -11.84 4.34 8.97
N ILE A 78 -11.68 3.02 9.02
CA ILE A 78 -11.53 2.19 7.82
C ILE A 78 -12.52 1.02 7.85
N GLY A 79 -13.03 0.65 6.67
CA GLY A 79 -13.99 -0.44 6.49
C GLY A 79 -13.36 -1.82 6.70
N ASP A 80 -14.14 -2.87 6.44
CA ASP A 80 -13.63 -4.22 6.34
C ASP A 80 -12.80 -4.39 5.06
N ALA A 81 -11.73 -5.18 5.14
CA ALA A 81 -10.85 -5.43 3.99
C ALA A 81 -11.58 -6.16 2.84
N LEU A 82 -11.11 -5.95 1.61
CA LEU A 82 -11.66 -6.52 0.38
C LEU A 82 -10.62 -7.39 -0.39
N VAL A 83 -9.43 -7.58 0.21
CA VAL A 83 -8.28 -8.32 -0.33
C VAL A 83 -7.52 -9.01 0.80
N ASN A 84 -6.74 -10.05 0.45
CA ASN A 84 -5.93 -10.86 1.33
C ASN A 84 -4.54 -11.05 0.72
N ILE A 85 -3.62 -11.57 1.51
CA ILE A 85 -2.24 -11.93 1.13
C ILE A 85 -2.27 -12.90 -0.06
N GLY A 86 -1.99 -12.38 -1.25
CA GLY A 86 -1.91 -13.12 -2.51
C GLY A 86 -2.99 -12.74 -3.52
N ASP A 87 -3.95 -11.88 -3.15
CA ASP A 87 -4.97 -11.39 -4.07
C ASP A 87 -4.36 -10.52 -5.18
N TYR A 88 -4.56 -10.91 -6.44
CA TYR A 88 -4.25 -10.10 -7.61
C TYR A 88 -5.14 -8.84 -7.66
N VAL A 89 -4.51 -7.70 -7.96
CA VAL A 89 -5.12 -6.37 -8.04
C VAL A 89 -4.49 -5.56 -9.17
N SER A 90 -5.27 -4.60 -9.69
CA SER A 90 -4.89 -3.65 -10.72
C SER A 90 -5.25 -2.24 -10.24
N ALA A 91 -4.36 -1.27 -10.48
CA ALA A 91 -4.37 0.06 -9.87
C ALA A 91 -5.71 0.69 -9.57
N SER A 92 -6.42 1.12 -10.60
CA SER A 92 -7.71 1.76 -10.37
C SER A 92 -8.88 0.76 -10.49
N THR A 93 -8.60 -0.49 -10.86
CA THR A 93 -9.59 -1.51 -11.26
C THR A 93 -10.02 -2.48 -10.15
N THR A 94 -9.30 -2.52 -9.02
CA THR A 94 -9.48 -3.52 -7.96
C THR A 94 -9.30 -2.83 -6.63
N GLU A 95 -10.34 -2.94 -5.84
CA GLU A 95 -10.56 -2.12 -4.66
C GLU A 95 -10.25 -2.86 -3.36
N LEU A 96 -9.56 -2.17 -2.44
CA LEU A 96 -8.90 -2.80 -1.28
C LEU A 96 -9.67 -2.73 0.04
N VAL A 97 -10.38 -1.62 0.28
CA VAL A 97 -11.16 -1.26 1.48
C VAL A 97 -11.70 0.18 1.29
N ARG A 98 -12.57 0.70 2.16
CA ARG A 98 -12.95 2.13 2.20
C ARG A 98 -12.33 2.92 3.36
N VAL A 99 -12.05 4.24 3.21
CA VAL A 99 -11.54 5.08 4.32
C VAL A 99 -12.49 6.26 4.53
N THR A 100 -12.81 6.57 5.79
CA THR A 100 -13.87 7.53 6.12
C THR A 100 -13.54 8.41 7.33
N ASN A 101 -13.53 9.74 7.13
CA ASN A 101 -13.13 10.72 8.14
C ASN A 101 -14.22 10.96 9.20
N LEU A 102 -13.80 11.37 10.41
CA LEU A 102 -14.63 11.74 11.55
C LEU A 102 -14.12 13.05 12.17
N ASN A 103 -14.68 13.47 13.32
CA ASN A 103 -14.16 14.58 14.11
C ASN A 103 -12.65 14.37 14.46
N PRO A 104 -11.88 15.44 14.72
CA PRO A 104 -10.42 15.38 14.80
C PRO A 104 -9.85 14.80 16.11
N ILE A 105 -10.75 14.32 16.98
CA ILE A 105 -10.48 13.59 18.24
C ILE A 105 -9.74 12.25 18.08
N TYR A 106 -9.43 11.87 16.85
CA TYR A 106 -8.75 10.64 16.45
C TYR A 106 -7.40 10.89 15.74
N ALA A 107 -7.01 12.15 15.55
CA ALA A 107 -5.68 12.55 15.09
C ALA A 107 -4.61 12.36 16.20
N ASP A 108 -3.35 12.67 15.90
CA ASP A 108 -2.24 12.62 16.87
C ASP A 108 -2.48 13.50 18.11
N GLY A 109 -2.74 12.87 19.26
CA GLY A 109 -3.17 13.50 20.50
C GLY A 109 -3.74 12.50 21.52
N SER A 110 -4.40 13.00 22.56
CA SER A 110 -4.98 12.18 23.64
C SER A 110 -6.36 12.70 24.06
N HIS A 111 -7.34 11.80 24.14
CA HIS A 111 -8.71 12.04 24.65
C HIS A 111 -9.32 10.71 25.15
N HIS A 112 -10.33 10.79 26.01
CA HIS A 112 -11.06 9.64 26.56
C HIS A 112 -12.24 9.17 25.69
N HIS A 113 -12.69 10.02 24.74
CA HIS A 113 -13.84 9.86 23.83
C HIS A 113 -15.24 9.72 24.50
N HIS A 114 -15.31 9.41 25.79
CA HIS A 114 -16.54 9.19 26.59
C HIS A 114 -16.51 9.90 27.96
N HIS A 115 -15.48 10.72 28.22
CA HIS A 115 -15.23 11.46 29.45
C HIS A 115 -14.41 12.74 29.16
N HIS A 116 -14.37 13.70 30.09
CA HIS A 116 -13.62 14.96 29.96
C HIS A 116 -13.19 15.51 31.33
N ASP A 1 -15.26 10.65 1.77
CA ASP A 1 -14.95 9.18 1.82
C ASP A 1 -14.08 8.77 0.62
N VAL A 2 -13.40 7.63 0.73
CA VAL A 2 -12.57 7.02 -0.33
C VAL A 2 -12.74 5.51 -0.34
N ILE A 3 -12.83 4.91 -1.53
CA ILE A 3 -12.66 3.47 -1.71
C ILE A 3 -11.18 3.35 -2.12
N ILE A 4 -10.29 3.11 -1.16
CA ILE A 4 -8.83 3.18 -1.33
C ILE A 4 -8.35 2.23 -2.45
N LYS A 5 -7.28 2.59 -3.17
CA LYS A 5 -6.76 1.81 -4.32
C LYS A 5 -5.24 1.84 -4.45
N PRO A 6 -4.66 0.80 -5.08
CA PRO A 6 -3.21 0.63 -5.17
C PRO A 6 -2.60 1.49 -6.28
N GLN A 7 -1.40 2.03 -6.03
CA GLN A 7 -0.68 2.88 -7.01
C GLN A 7 -0.05 2.11 -8.18
N VAL A 8 0.01 0.78 -8.13
CA VAL A 8 0.46 -0.14 -9.21
C VAL A 8 -0.39 -1.42 -9.19
N SER A 9 -0.46 -2.13 -10.32
CA SER A 9 -1.02 -3.49 -10.37
C SER A 9 -0.01 -4.54 -9.87
N GLY A 10 -0.48 -5.69 -9.36
CA GLY A 10 0.35 -6.69 -8.71
C GLY A 10 -0.50 -7.54 -7.77
N VAL A 11 0.08 -8.13 -6.73
CA VAL A 11 -0.62 -8.93 -5.76
C VAL A 11 -0.31 -8.55 -4.32
N ILE A 12 -1.27 -8.63 -3.40
CA ILE A 12 -1.04 -8.26 -1.99
C ILE A 12 0.01 -9.19 -1.33
N VAL A 13 0.82 -8.63 -0.42
CA VAL A 13 1.92 -9.30 0.32
C VAL A 13 1.77 -9.15 1.83
N ASN A 14 1.28 -7.99 2.29
CA ASN A 14 1.01 -7.71 3.71
C ASN A 14 -0.19 -6.77 3.88
N LYS A 15 -0.76 -6.81 5.09
CA LYS A 15 -1.93 -6.07 5.57
C LYS A 15 -1.53 -5.33 6.84
N LEU A 16 -1.12 -4.08 6.67
CA LEU A 16 -0.63 -3.25 7.77
C LEU A 16 -1.75 -2.79 8.71
N PHE A 17 -2.88 -2.43 8.11
CA PHE A 17 -4.07 -1.90 8.80
C PHE A 17 -4.94 -3.02 9.42
N LYS A 18 -6.06 -2.62 10.04
CA LYS A 18 -7.09 -3.52 10.60
C LYS A 18 -8.47 -3.23 10.01
N ALA A 19 -9.12 -4.29 9.55
CA ALA A 19 -10.49 -4.28 9.04
C ALA A 19 -11.46 -3.75 10.12
N GLY A 20 -12.02 -2.56 9.90
CA GLY A 20 -13.01 -1.92 10.76
C GLY A 20 -12.49 -0.88 11.76
N ASP A 21 -11.16 -0.67 11.87
CA ASP A 21 -10.55 0.17 12.93
C ASP A 21 -10.33 1.65 12.52
N LYS A 22 -9.32 2.33 13.08
CA LYS A 22 -8.89 3.70 12.78
C LYS A 22 -7.58 3.73 11.99
N VAL A 23 -7.29 4.88 11.36
CA VAL A 23 -6.06 5.17 10.62
C VAL A 23 -5.58 6.60 10.93
N LYS A 24 -4.26 6.81 11.09
CA LYS A 24 -3.61 8.12 11.12
C LYS A 24 -3.63 8.78 9.73
N LYS A 25 -3.10 10.01 9.65
CA LYS A 25 -3.11 10.96 8.51
C LYS A 25 -2.34 10.50 7.24
N GLY A 26 -2.51 9.23 6.86
CA GLY A 26 -1.78 8.55 5.79
C GLY A 26 -1.03 7.29 6.22
N GLN A 27 -1.43 6.64 7.32
CA GLN A 27 -0.81 5.38 7.72
C GLN A 27 -0.77 4.35 6.58
N THR A 28 0.28 3.54 6.56
CA THR A 28 0.47 2.46 5.58
C THR A 28 -0.54 1.33 5.81
N LEU A 29 -1.09 0.81 4.71
CA LEU A 29 -2.24 -0.08 4.68
C LEU A 29 -1.94 -1.44 4.02
N PHE A 30 -1.23 -1.44 2.90
CA PHE A 30 -0.91 -2.66 2.14
C PHE A 30 0.52 -2.66 1.55
N ILE A 31 0.95 -3.84 1.13
CA ILE A 31 2.18 -4.10 0.36
C ILE A 31 1.77 -4.97 -0.83
N ILE A 32 2.35 -4.73 -2.00
CA ILE A 32 2.11 -5.45 -3.25
C ILE A 32 3.40 -5.97 -3.84
N GLU A 33 3.32 -7.10 -4.56
CA GLU A 33 4.40 -7.59 -5.40
C GLU A 33 4.13 -7.24 -6.86
N GLN A 34 5.08 -6.57 -7.51
CA GLN A 34 5.04 -6.13 -8.91
C GLN A 34 5.17 -7.31 -9.90
N ASP A 35 4.32 -8.32 -9.73
CA ASP A 35 4.17 -9.52 -10.58
C ASP A 35 4.36 -9.25 -12.09
N GLN A 36 3.71 -8.19 -12.61
CA GLN A 36 3.80 -7.80 -14.03
C GLN A 36 3.62 -6.29 -14.31
N ALA A 37 3.80 -5.41 -13.31
CA ALA A 37 3.84 -3.97 -13.55
C ALA A 37 4.91 -3.59 -14.60
N SER A 38 6.13 -4.15 -14.46
CA SER A 38 7.24 -3.96 -15.42
C SER A 38 6.94 -4.51 -16.82
N LYS A 39 6.07 -5.52 -16.95
CA LYS A 39 5.65 -6.11 -18.23
C LYS A 39 4.86 -5.10 -19.10
N ASP A 40 4.25 -4.09 -18.48
CA ASP A 40 3.67 -2.93 -19.16
C ASP A 40 4.67 -1.77 -19.24
N PHE A 41 5.34 -1.46 -18.12
CA PHE A 41 6.17 -0.26 -17.96
C PHE A 41 7.42 -0.23 -18.85
N ASN A 42 8.03 -1.39 -19.15
CA ASN A 42 9.19 -1.47 -20.04
C ASN A 42 8.86 -1.12 -21.49
N ARG A 43 7.60 -1.33 -21.92
CA ARG A 43 7.22 -1.29 -23.33
C ARG A 43 7.37 0.09 -23.97
N SER A 44 6.84 1.12 -23.31
CA SER A 44 6.86 2.52 -23.77
C SER A 44 8.20 3.22 -23.51
N LYS A 45 8.85 2.92 -22.37
CA LYS A 45 10.12 3.54 -21.96
C LYS A 45 11.26 3.29 -22.96
N ALA A 46 11.32 2.09 -23.53
CA ALA A 46 12.39 1.60 -24.38
C ALA A 46 12.30 2.08 -25.85
N LEU A 47 11.19 2.71 -26.25
CA LEU A 47 10.94 3.23 -27.60
C LEU A 47 11.97 4.25 -28.06
N PHE A 48 12.25 5.24 -27.21
CA PHE A 48 12.93 6.43 -27.71
C PHE A 48 13.53 7.40 -26.66
N SER A 49 13.21 7.25 -25.37
CA SER A 49 13.53 8.25 -24.34
C SER A 49 14.24 7.68 -23.10
N GLN A 50 13.69 6.64 -22.47
CA GLN A 50 14.26 6.01 -21.25
C GLN A 50 15.06 4.72 -21.54
N SER A 51 15.43 4.49 -22.80
CA SER A 51 16.38 3.44 -23.23
C SER A 51 17.81 3.66 -22.70
N ALA A 52 18.12 4.85 -22.19
CA ALA A 52 19.37 5.22 -21.50
C ALA A 52 19.66 4.40 -20.23
N ILE A 53 18.68 3.72 -19.64
CA ILE A 53 18.85 2.94 -18.42
C ILE A 53 18.23 1.54 -18.53
N SER A 54 19.06 0.52 -18.32
CA SER A 54 18.77 -0.90 -18.57
C SER A 54 17.51 -1.41 -17.86
N GLN A 55 16.74 -2.26 -18.56
CA GLN A 55 15.46 -2.85 -18.13
C GLN A 55 15.51 -3.72 -16.87
N LYS A 56 16.70 -3.98 -16.32
CA LYS A 56 16.89 -4.79 -15.11
C LYS A 56 17.72 -4.06 -14.03
N GLU A 57 18.04 -2.78 -14.28
CA GLU A 57 18.61 -1.84 -13.31
C GLU A 57 17.60 -0.75 -12.88
N TYR A 58 16.85 -0.19 -13.85
CA TYR A 58 15.98 0.98 -13.64
C TYR A 58 14.87 0.75 -12.59
N ASP A 59 14.44 -0.50 -12.40
CA ASP A 59 13.42 -0.90 -11.43
C ASP A 59 13.80 -0.68 -9.96
N SER A 60 15.09 -0.50 -9.65
CA SER A 60 15.55 -0.05 -8.32
C SER A 60 15.01 1.34 -7.92
N SER A 61 14.56 2.15 -8.89
CA SER A 61 13.86 3.43 -8.67
C SER A 61 12.32 3.28 -8.55
N LEU A 62 11.76 2.12 -8.91
CA LEU A 62 10.31 1.82 -8.90
C LEU A 62 9.86 0.98 -7.71
N ALA A 63 10.76 0.24 -7.05
CA ALA A 63 10.40 -0.77 -6.07
C ALA A 63 11.49 -1.00 -5.00
N THR A 64 11.09 -1.48 -3.81
CA THR A 64 11.98 -1.79 -2.66
C THR A 64 12.95 -2.94 -2.93
N LEU A 65 12.42 -3.91 -3.67
CA LEU A 65 13.07 -5.11 -4.21
C LEU A 65 12.36 -5.48 -5.53
N ASP A 66 11.06 -5.72 -5.36
CA ASP A 66 10.01 -5.96 -6.37
C ASP A 66 8.62 -5.68 -5.78
N HIS A 67 8.54 -4.77 -4.79
CA HIS A 67 7.31 -4.42 -4.07
C HIS A 67 6.95 -2.94 -4.16
N THR A 68 5.67 -2.64 -3.89
CA THR A 68 5.16 -1.27 -3.71
C THR A 68 4.20 -1.21 -2.52
N GLU A 69 4.19 -0.09 -1.79
CA GLU A 69 3.32 0.12 -0.61
C GLU A 69 2.09 0.98 -0.96
N ILE A 70 1.03 0.86 -0.16
CA ILE A 70 -0.21 1.63 -0.28
C ILE A 70 -0.52 2.24 1.09
N LYS A 71 -0.94 3.51 1.08
CA LYS A 71 -1.09 4.36 2.27
C LYS A 71 -2.42 5.11 2.23
N ALA A 72 -3.03 5.36 3.39
CA ALA A 72 -4.27 6.11 3.52
C ALA A 72 -4.17 7.55 2.99
N PRO A 73 -5.30 8.23 2.74
CA PRO A 73 -5.31 9.66 2.43
C PRO A 73 -5.13 10.58 3.66
N PHE A 74 -5.81 10.25 4.77
CA PHE A 74 -6.04 11.11 5.93
C PHE A 74 -6.44 10.33 7.21
N ASP A 75 -6.61 11.03 8.34
CA ASP A 75 -7.11 10.48 9.59
C ASP A 75 -8.61 10.21 9.52
N GLY A 76 -9.01 9.02 9.96
CA GLY A 76 -10.40 8.57 9.90
C GLY A 76 -10.60 7.13 10.35
N THR A 77 -11.73 6.57 9.93
CA THR A 77 -12.12 5.18 10.19
C THR A 77 -12.12 4.42 8.88
N ILE A 78 -11.93 3.10 8.96
CA ILE A 78 -11.69 2.26 7.78
C ILE A 78 -12.63 1.04 7.78
N GLY A 79 -13.00 0.59 6.58
CA GLY A 79 -13.94 -0.52 6.40
C GLY A 79 -13.28 -1.89 6.55
N ASP A 80 -14.03 -2.95 6.25
CA ASP A 80 -13.44 -4.28 6.10
C ASP A 80 -12.60 -4.37 4.83
N ALA A 81 -11.49 -5.08 4.95
CA ALA A 81 -10.60 -5.39 3.84
C ALA A 81 -11.33 -6.15 2.70
N LEU A 82 -11.08 -5.74 1.46
CA LEU A 82 -11.59 -6.38 0.24
C LEU A 82 -10.60 -7.40 -0.37
N VAL A 83 -9.41 -7.54 0.22
CA VAL A 83 -8.24 -8.30 -0.31
C VAL A 83 -7.47 -8.99 0.81
N ASN A 84 -6.67 -10.00 0.43
CA ASN A 84 -5.86 -10.83 1.29
C ASN A 84 -4.50 -11.06 0.64
N ILE A 85 -3.56 -11.58 1.43
CA ILE A 85 -2.20 -11.95 1.04
C ILE A 85 -2.25 -12.96 -0.13
N GLY A 86 -1.99 -12.47 -1.34
CA GLY A 86 -1.95 -13.24 -2.58
C GLY A 86 -3.00 -12.82 -3.60
N ASP A 87 -3.95 -11.94 -3.23
CA ASP A 87 -4.97 -11.44 -4.17
C ASP A 87 -4.33 -10.54 -5.23
N TYR A 88 -4.48 -10.89 -6.52
CA TYR A 88 -4.17 -10.02 -7.64
C TYR A 88 -5.10 -8.80 -7.65
N VAL A 89 -4.50 -7.62 -7.87
CA VAL A 89 -5.17 -6.33 -7.93
C VAL A 89 -4.62 -5.44 -9.06
N SER A 90 -5.44 -4.49 -9.49
CA SER A 90 -5.17 -3.52 -10.55
C SER A 90 -5.47 -2.10 -10.05
N ALA A 91 -4.72 -1.12 -10.56
CA ALA A 91 -4.61 0.24 -10.01
C ALA A 91 -5.87 1.09 -9.83
N SER A 92 -6.95 0.79 -10.54
CA SER A 92 -8.26 1.35 -10.20
C SER A 92 -9.39 0.33 -10.25
N THR A 93 -9.05 -0.93 -10.56
CA THR A 93 -10.03 -1.97 -10.97
C THR A 93 -10.50 -2.96 -9.89
N THR A 94 -9.83 -3.08 -8.74
CA THR A 94 -10.04 -4.24 -7.82
C THR A 94 -10.48 -3.87 -6.41
N GLU A 95 -10.08 -2.69 -5.95
CA GLU A 95 -10.48 -2.03 -4.70
C GLU A 95 -10.09 -2.81 -3.43
N LEU A 96 -9.41 -2.11 -2.51
CA LEU A 96 -8.72 -2.74 -1.37
C LEU A 96 -9.49 -2.69 -0.03
N VAL A 97 -10.22 -1.59 0.19
CA VAL A 97 -11.00 -1.23 1.39
C VAL A 97 -11.55 0.20 1.19
N ARG A 98 -12.34 0.76 2.12
CA ARG A 98 -12.71 2.19 2.13
C ARG A 98 -12.19 2.94 3.36
N VAL A 99 -11.71 4.19 3.21
CA VAL A 99 -11.21 5.06 4.29
C VAL A 99 -12.09 6.31 4.36
N THR A 100 -12.62 6.63 5.53
CA THR A 100 -13.53 7.77 5.69
C THR A 100 -13.35 8.54 6.99
N ASN A 101 -13.21 9.86 6.89
CA ASN A 101 -13.12 10.74 8.05
C ASN A 101 -14.51 10.95 8.66
N LEU A 102 -14.64 10.69 9.97
CA LEU A 102 -15.88 10.90 10.72
C LEU A 102 -16.17 12.41 10.92
N ASN A 103 -15.27 13.12 11.60
CA ASN A 103 -15.26 14.58 11.71
C ASN A 103 -13.80 15.11 11.63
N PRO A 104 -13.56 16.40 11.29
CA PRO A 104 -12.22 16.93 11.06
C PRO A 104 -11.50 17.42 12.32
N ILE A 105 -12.23 17.42 13.44
CA ILE A 105 -11.72 17.73 14.79
C ILE A 105 -10.75 16.69 15.33
N TYR A 106 -10.92 15.45 14.87
CA TYR A 106 -10.02 14.32 15.10
C TYR A 106 -8.74 14.38 14.24
N ALA A 107 -8.73 15.26 13.22
CA ALA A 107 -7.72 15.32 12.16
C ALA A 107 -7.00 16.68 12.08
N ASP A 108 -7.00 17.39 13.21
CA ASP A 108 -6.23 18.59 13.58
C ASP A 108 -7.02 19.91 13.44
N GLY A 109 -8.23 19.88 12.87
CA GLY A 109 -9.02 21.07 12.53
C GLY A 109 -9.45 21.91 13.74
N SER A 110 -9.90 21.26 14.81
CA SER A 110 -10.41 21.79 16.09
C SER A 110 -11.63 22.75 16.01
N HIS A 111 -11.57 23.81 15.20
CA HIS A 111 -12.65 24.79 14.99
C HIS A 111 -12.46 25.56 13.67
N HIS A 112 -13.51 26.25 13.20
CA HIS A 112 -13.45 27.17 12.05
C HIS A 112 -12.67 28.46 12.37
N HIS A 113 -12.78 28.95 13.60
CA HIS A 113 -12.08 30.12 14.15
C HIS A 113 -12.04 30.06 15.69
N HIS A 114 -11.12 30.80 16.30
CA HIS A 114 -10.99 30.92 17.76
C HIS A 114 -12.25 31.55 18.42
N HIS A 115 -12.40 31.33 19.72
CA HIS A 115 -13.61 31.65 20.50
C HIS A 115 -13.30 32.05 21.95
N HIS A 116 -14.30 32.61 22.64
CA HIS A 116 -14.18 33.26 23.96
C HIS A 116 -15.37 32.94 24.88
N ASP A 1 -17.32 9.02 1.03
CA ASP A 1 -16.32 8.04 1.52
C ASP A 1 -15.28 7.73 0.43
N VAL A 2 -14.06 7.38 0.81
CA VAL A 2 -13.04 6.85 -0.10
C VAL A 2 -13.20 5.36 -0.26
N ILE A 3 -12.88 4.87 -1.44
CA ILE A 3 -12.66 3.46 -1.76
C ILE A 3 -11.17 3.42 -2.15
N ILE A 4 -10.30 3.06 -1.20
CA ILE A 4 -8.84 3.15 -1.32
C ILE A 4 -8.35 2.20 -2.43
N LYS A 5 -7.30 2.58 -3.16
CA LYS A 5 -6.76 1.80 -4.29
C LYS A 5 -5.24 1.84 -4.42
N PRO A 6 -4.64 0.83 -5.05
CA PRO A 6 -3.20 0.67 -5.13
C PRO A 6 -2.57 1.52 -6.24
N GLN A 7 -1.38 2.07 -5.99
CA GLN A 7 -0.67 2.92 -6.96
C GLN A 7 -0.03 2.15 -8.14
N VAL A 8 0.05 0.82 -8.07
CA VAL A 8 0.46 -0.10 -9.15
C VAL A 8 -0.37 -1.39 -9.12
N SER A 9 -0.45 -2.09 -10.25
CA SER A 9 -1.02 -3.45 -10.29
C SER A 9 0.03 -4.48 -9.81
N GLY A 10 -0.43 -5.64 -9.32
CA GLY A 10 0.41 -6.66 -8.68
C GLY A 10 -0.43 -7.50 -7.73
N VAL A 11 0.16 -8.08 -6.68
CA VAL A 11 -0.56 -8.88 -5.73
C VAL A 11 -0.26 -8.49 -4.29
N ILE A 12 -1.24 -8.54 -3.39
CA ILE A 12 -1.03 -8.20 -1.97
C ILE A 12 0.00 -9.14 -1.32
N VAL A 13 0.82 -8.59 -0.40
CA VAL A 13 1.88 -9.30 0.35
C VAL A 13 1.70 -9.13 1.87
N ASN A 14 1.19 -7.98 2.31
CA ASN A 14 0.88 -7.71 3.73
C ASN A 14 -0.29 -6.74 3.88
N LYS A 15 -0.89 -6.76 5.09
CA LYS A 15 -2.05 -5.99 5.54
C LYS A 15 -1.64 -5.26 6.83
N LEU A 16 -1.22 -4.01 6.68
CA LEU A 16 -0.71 -3.18 7.77
C LEU A 16 -1.82 -2.65 8.69
N PHE A 17 -2.93 -2.26 8.08
CA PHE A 17 -4.12 -1.76 8.75
C PHE A 17 -4.94 -2.90 9.40
N LYS A 18 -6.08 -2.54 10.00
CA LYS A 18 -7.08 -3.49 10.55
C LYS A 18 -8.47 -3.19 10.03
N ALA A 19 -9.15 -4.22 9.53
CA ALA A 19 -10.52 -4.16 9.06
C ALA A 19 -11.49 -3.72 10.16
N GLY A 20 -12.05 -2.51 10.00
CA GLY A 20 -13.01 -1.90 10.93
C GLY A 20 -12.44 -0.87 11.91
N ASP A 21 -11.11 -0.71 11.98
CA ASP A 21 -10.44 0.10 13.02
C ASP A 21 -10.15 1.58 12.59
N LYS A 22 -9.19 2.24 13.23
CA LYS A 22 -8.72 3.60 12.92
C LYS A 22 -7.50 3.59 11.99
N VAL A 23 -7.25 4.70 11.31
CA VAL A 23 -6.03 4.99 10.52
C VAL A 23 -5.56 6.42 10.77
N LYS A 24 -4.24 6.61 10.85
CA LYS A 24 -3.57 7.91 10.87
C LYS A 24 -3.55 8.51 9.45
N LYS A 25 -3.51 9.84 9.33
CA LYS A 25 -3.24 10.58 8.06
C LYS A 25 -1.95 10.08 7.38
N GLY A 26 -2.13 9.07 6.54
CA GLY A 26 -1.09 8.44 5.71
C GLY A 26 -0.43 7.22 6.32
N GLN A 27 -1.03 6.58 7.34
CA GLN A 27 -0.56 5.25 7.72
C GLN A 27 -0.60 4.33 6.50
N THR A 28 0.46 3.56 6.37
CA THR A 28 0.61 2.44 5.45
C THR A 28 -0.44 1.38 5.72
N LEU A 29 -1.06 0.87 4.65
CA LEU A 29 -2.24 0.00 4.64
C LEU A 29 -1.94 -1.36 3.99
N PHE A 30 -1.19 -1.38 2.87
CA PHE A 30 -0.88 -2.60 2.10
C PHE A 30 0.53 -2.60 1.54
N ILE A 31 0.95 -3.80 1.14
CA ILE A 31 2.19 -4.10 0.40
C ILE A 31 1.81 -4.96 -0.80
N ILE A 32 2.40 -4.71 -1.95
CA ILE A 32 2.17 -5.41 -3.22
C ILE A 32 3.46 -5.93 -3.83
N GLU A 33 3.41 -7.07 -4.51
CA GLU A 33 4.51 -7.53 -5.34
C GLU A 33 4.25 -7.15 -6.80
N GLN A 34 5.21 -6.47 -7.44
CA GLN A 34 5.09 -5.95 -8.81
C GLN A 34 5.17 -7.02 -9.92
N ASP A 35 5.26 -8.30 -9.55
CA ASP A 35 5.29 -9.52 -10.38
C ASP A 35 6.46 -9.65 -11.39
N GLN A 36 6.69 -8.66 -12.26
CA GLN A 36 7.75 -8.69 -13.29
C GLN A 36 8.31 -7.31 -13.69
N ALA A 37 7.96 -6.24 -12.99
CA ALA A 37 8.47 -4.89 -13.28
C ALA A 37 10.01 -4.78 -13.15
N SER A 38 10.58 -5.38 -12.11
CA SER A 38 12.04 -5.41 -11.86
C SER A 38 12.82 -6.38 -12.74
N LYS A 39 12.13 -7.23 -13.51
CA LYS A 39 12.72 -8.34 -14.28
C LYS A 39 13.71 -7.91 -15.37
N ASP A 40 13.62 -6.65 -15.83
CA ASP A 40 14.59 -6.03 -16.74
C ASP A 40 15.27 -4.79 -16.12
N PHE A 41 14.61 -4.11 -15.19
CA PHE A 41 15.13 -2.92 -14.50
C PHE A 41 16.36 -3.21 -13.62
N ASN A 42 16.51 -4.47 -13.17
CA ASN A 42 17.68 -4.94 -12.42
C ASN A 42 19.01 -4.65 -13.10
N ARG A 43 19.05 -4.66 -14.43
CA ARG A 43 20.31 -4.63 -15.17
C ARG A 43 21.14 -3.38 -14.89
N SER A 44 20.47 -2.23 -14.75
CA SER A 44 21.11 -0.93 -14.50
C SER A 44 21.41 -0.66 -13.02
N LYS A 45 20.74 -1.35 -12.08
CA LYS A 45 21.04 -1.26 -10.63
C LYS A 45 22.46 -1.74 -10.30
N ALA A 46 22.97 -2.72 -11.07
CA ALA A 46 24.35 -3.21 -11.03
C ALA A 46 25.40 -2.20 -11.57
N LEU A 47 24.96 -1.05 -12.10
CA LEU A 47 25.81 -0.06 -12.78
C LEU A 47 25.78 1.32 -12.14
N PHE A 48 24.59 1.88 -11.93
CA PHE A 48 24.51 3.31 -11.65
C PHE A 48 23.17 3.78 -11.06
N SER A 49 23.20 4.92 -10.37
CA SER A 49 22.10 5.52 -9.61
C SER A 49 20.85 5.81 -10.47
N GLN A 50 19.81 4.99 -10.31
CA GLN A 50 18.53 5.13 -11.03
C GLN A 50 17.72 6.39 -10.64
N SER A 51 18.15 7.13 -9.61
CA SER A 51 17.62 8.47 -9.30
C SER A 51 17.74 9.46 -10.47
N ALA A 52 18.64 9.20 -11.43
CA ALA A 52 18.81 9.97 -12.66
C ALA A 52 17.75 9.71 -13.75
N ILE A 53 16.92 8.67 -13.61
CA ILE A 53 15.86 8.28 -14.55
C ILE A 53 14.53 8.94 -14.12
N SER A 54 13.59 9.07 -15.06
CA SER A 54 12.29 9.71 -14.90
C SER A 54 11.50 9.23 -13.66
N GLN A 55 10.86 10.19 -12.97
CA GLN A 55 10.20 10.06 -11.66
C GLN A 55 9.02 9.06 -11.58
N LYS A 56 8.62 8.49 -12.71
CA LYS A 56 7.52 7.52 -12.85
C LYS A 56 7.96 6.21 -13.52
N GLU A 57 9.22 6.12 -13.95
CA GLU A 57 9.91 4.90 -14.37
C GLU A 57 10.80 4.31 -13.25
N TYR A 58 11.50 5.17 -12.52
CA TYR A 58 12.56 4.82 -11.56
C TYR A 58 12.13 4.05 -10.30
N ASP A 59 10.83 3.81 -10.10
CA ASP A 59 10.25 3.31 -8.84
C ASP A 59 10.81 1.97 -8.34
N SER A 60 11.33 1.13 -9.24
CA SER A 60 11.98 -0.15 -8.94
C SER A 60 13.18 0.00 -7.97
N SER A 61 13.84 1.16 -7.95
CA SER A 61 14.97 1.48 -7.05
C SER A 61 14.61 2.39 -5.86
N LEU A 62 13.37 2.90 -5.80
CA LEU A 62 12.85 3.73 -4.71
C LEU A 62 12.25 2.93 -3.54
N ALA A 63 12.09 1.62 -3.72
CA ALA A 63 11.31 0.75 -2.83
C ALA A 63 12.05 -0.59 -2.56
N THR A 64 11.32 -1.59 -2.06
CA THR A 64 11.83 -2.92 -1.66
C THR A 64 12.25 -3.76 -2.89
N LEU A 65 12.62 -5.03 -2.68
CA LEU A 65 13.21 -5.93 -3.69
C LEU A 65 12.48 -5.99 -5.05
N ASP A 66 11.16 -5.86 -5.00
CA ASP A 66 10.19 -5.95 -6.09
C ASP A 66 8.76 -5.61 -5.62
N HIS A 67 8.63 -4.68 -4.67
CA HIS A 67 7.36 -4.34 -4.02
C HIS A 67 6.97 -2.87 -4.13
N THR A 68 5.69 -2.59 -3.83
CA THR A 68 5.17 -1.23 -3.65
C THR A 68 4.23 -1.18 -2.45
N GLU A 69 4.26 -0.08 -1.68
CA GLU A 69 3.36 0.13 -0.52
C GLU A 69 2.19 1.05 -0.88
N ILE A 70 1.10 0.95 -0.12
CA ILE A 70 -0.11 1.77 -0.26
C ILE A 70 -0.41 2.37 1.11
N LYS A 71 -0.80 3.65 1.17
CA LYS A 71 -1.12 4.37 2.41
C LYS A 71 -2.42 5.18 2.32
N ALA A 72 -3.00 5.48 3.48
CA ALA A 72 -4.27 6.21 3.62
C ALA A 72 -4.23 7.63 3.02
N PRO A 73 -5.38 8.18 2.57
CA PRO A 73 -5.49 9.59 2.19
C PRO A 73 -5.46 10.54 3.38
N PHE A 74 -6.02 10.11 4.51
CA PHE A 74 -6.28 10.93 5.70
C PHE A 74 -6.56 10.12 6.97
N ASP A 75 -6.49 10.83 8.10
CA ASP A 75 -6.93 10.38 9.43
C ASP A 75 -8.44 10.10 9.46
N GLY A 76 -8.82 8.93 9.97
CA GLY A 76 -10.20 8.48 9.94
C GLY A 76 -10.40 7.06 10.47
N THR A 77 -11.53 6.47 10.06
CA THR A 77 -11.88 5.06 10.31
C THR A 77 -11.87 4.32 8.98
N ILE A 78 -11.72 3.00 9.03
CA ILE A 78 -11.52 2.17 7.84
C ILE A 78 -12.44 0.96 7.89
N GLY A 79 -13.01 0.61 6.73
CA GLY A 79 -14.01 -0.44 6.62
C GLY A 79 -13.43 -1.86 6.61
N ASP A 80 -14.28 -2.84 6.28
CA ASP A 80 -13.82 -4.20 5.99
C ASP A 80 -12.99 -4.24 4.70
N ALA A 81 -11.85 -4.92 4.81
CA ALA A 81 -10.95 -5.20 3.71
C ALA A 81 -11.65 -5.95 2.55
N LEU A 82 -11.13 -5.77 1.34
CA LEU A 82 -11.63 -6.38 0.09
C LEU A 82 -10.62 -7.37 -0.55
N VAL A 83 -9.46 -7.56 0.11
CA VAL A 83 -8.27 -8.29 -0.40
C VAL A 83 -7.54 -8.98 0.75
N ASN A 84 -6.74 -9.99 0.41
CA ASN A 84 -5.95 -10.79 1.31
C ASN A 84 -4.55 -11.01 0.72
N ILE A 85 -3.65 -11.54 1.53
CA ILE A 85 -2.27 -11.92 1.18
C ILE A 85 -2.29 -12.91 0.01
N GLY A 86 -1.97 -12.42 -1.19
CA GLY A 86 -1.88 -13.17 -2.43
C GLY A 86 -2.90 -12.76 -3.49
N ASP A 87 -3.86 -11.89 -3.14
CA ASP A 87 -4.86 -11.42 -4.10
C ASP A 87 -4.24 -10.52 -5.19
N TYR A 88 -4.40 -10.89 -6.45
CA TYR A 88 -4.09 -10.03 -7.60
C TYR A 88 -5.02 -8.80 -7.61
N VAL A 89 -4.44 -7.62 -7.85
CA VAL A 89 -5.13 -6.33 -7.91
C VAL A 89 -4.56 -5.45 -9.02
N SER A 90 -5.37 -4.47 -9.42
CA SER A 90 -5.10 -3.49 -10.47
C SER A 90 -5.44 -2.08 -9.98
N ALA A 91 -4.69 -1.09 -10.48
CA ALA A 91 -4.61 0.27 -9.93
C ALA A 91 -5.86 1.12 -9.77
N SER A 92 -6.90 0.84 -10.52
CA SER A 92 -8.22 1.40 -10.20
C SER A 92 -9.36 0.36 -10.24
N THR A 93 -9.03 -0.88 -10.58
CA THR A 93 -10.02 -1.90 -10.98
C THR A 93 -10.48 -2.92 -9.91
N THR A 94 -9.80 -3.05 -8.78
CA THR A 94 -10.00 -4.22 -7.87
C THR A 94 -10.45 -3.86 -6.46
N GLU A 95 -10.09 -2.65 -6.02
CA GLU A 95 -10.50 -2.01 -4.77
C GLU A 95 -10.12 -2.77 -3.49
N LEU A 96 -9.46 -2.07 -2.57
CA LEU A 96 -8.78 -2.70 -1.40
C LEU A 96 -9.56 -2.66 -0.09
N VAL A 97 -10.29 -1.56 0.15
CA VAL A 97 -11.10 -1.23 1.34
C VAL A 97 -11.70 0.18 1.13
N ARG A 98 -12.48 0.71 2.09
CA ARG A 98 -12.92 2.11 2.15
C ARG A 98 -12.31 2.89 3.33
N VAL A 99 -12.04 4.19 3.18
CA VAL A 99 -11.54 5.04 4.29
C VAL A 99 -12.52 6.20 4.51
N THR A 100 -12.76 6.55 5.77
CA THR A 100 -13.84 7.48 6.14
C THR A 100 -13.43 8.45 7.27
N ASN A 101 -13.30 9.74 6.93
CA ASN A 101 -12.72 10.76 7.79
C ASN A 101 -13.61 11.03 9.02
N LEU A 102 -12.99 11.06 10.20
CA LEU A 102 -13.61 11.46 11.46
C LEU A 102 -13.82 12.99 11.54
N ASN A 103 -14.52 13.46 12.56
CA ASN A 103 -14.71 14.89 12.77
C ASN A 103 -13.35 15.61 12.97
N PRO A 104 -13.21 16.87 12.49
CA PRO A 104 -11.92 17.54 12.40
C PRO A 104 -11.42 18.14 13.72
N ILE A 105 -12.26 18.09 14.74
CA ILE A 105 -11.98 18.41 16.15
C ILE A 105 -10.96 17.49 16.79
N TYR A 106 -10.70 16.33 16.19
CA TYR A 106 -9.78 15.34 16.76
C TYR A 106 -9.05 14.48 15.72
N ALA A 107 -9.53 14.46 14.47
CA ALA A 107 -8.79 13.91 13.32
C ALA A 107 -7.51 14.66 12.98
N ASP A 108 -7.30 15.84 13.57
CA ASP A 108 -6.14 16.68 13.31
C ASP A 108 -5.66 17.45 14.56
N GLY A 109 -5.93 16.91 15.76
CA GLY A 109 -5.53 17.50 17.05
C GLY A 109 -4.06 17.24 17.44
N SER A 110 -3.66 17.80 18.58
CA SER A 110 -2.28 17.68 19.13
C SER A 110 -2.28 17.74 20.68
N HIS A 111 -1.16 17.34 21.29
CA HIS A 111 -0.94 17.32 22.75
C HIS A 111 -0.86 18.73 23.38
N HIS A 112 -0.62 19.78 22.59
CA HIS A 112 -0.55 21.19 23.01
C HIS A 112 -0.96 22.15 21.89
N HIS A 113 -0.99 23.46 22.19
CA HIS A 113 -1.45 24.51 21.28
C HIS A 113 -0.47 25.70 21.14
N HIS A 114 0.61 25.76 21.95
CA HIS A 114 1.62 26.82 21.91
C HIS A 114 2.98 26.44 22.54
N HIS A 115 2.98 25.64 23.62
CA HIS A 115 4.18 25.19 24.34
C HIS A 115 3.93 23.87 25.10
N HIS A 116 4.99 23.10 25.33
CA HIS A 116 4.96 21.78 26.00
C HIS A 116 6.26 21.51 26.79
N ASP A 1 -16.16 9.71 2.96
CA ASP A 1 -16.11 8.28 2.54
C ASP A 1 -15.31 8.13 1.24
N VAL A 2 -14.46 7.11 1.17
CA VAL A 2 -13.58 6.78 0.04
C VAL A 2 -13.50 5.28 -0.17
N ILE A 3 -12.97 4.84 -1.31
CA ILE A 3 -12.58 3.46 -1.58
C ILE A 3 -11.11 3.48 -2.05
N ILE A 4 -10.20 3.02 -1.19
CA ILE A 4 -8.76 3.03 -1.39
C ILE A 4 -8.35 2.04 -2.49
N LYS A 5 -7.29 2.39 -3.22
CA LYS A 5 -6.72 1.63 -4.35
C LYS A 5 -5.21 1.71 -4.42
N PRO A 6 -4.56 0.69 -5.03
CA PRO A 6 -3.11 0.59 -5.05
C PRO A 6 -2.46 1.51 -6.09
N GLN A 7 -1.23 1.98 -5.82
CA GLN A 7 -0.49 2.84 -6.76
C GLN A 7 0.10 2.09 -7.98
N VAL A 8 0.14 0.75 -7.94
CA VAL A 8 0.58 -0.14 -9.03
C VAL A 8 -0.29 -1.41 -9.06
N SER A 9 -0.32 -2.10 -10.20
CA SER A 9 -0.91 -3.45 -10.27
C SER A 9 0.08 -4.52 -9.75
N GLY A 10 -0.42 -5.69 -9.33
CA GLY A 10 0.36 -6.77 -8.71
C GLY A 10 -0.52 -7.57 -7.77
N VAL A 11 0.04 -8.17 -6.73
CA VAL A 11 -0.71 -8.94 -5.76
C VAL A 11 -0.36 -8.59 -4.33
N ILE A 12 -1.32 -8.65 -3.40
CA ILE A 12 -1.08 -8.32 -1.98
C ILE A 12 -0.04 -9.25 -1.33
N VAL A 13 0.80 -8.70 -0.45
CA VAL A 13 1.89 -9.38 0.29
C VAL A 13 1.72 -9.21 1.80
N ASN A 14 1.23 -8.06 2.26
CA ASN A 14 0.96 -7.77 3.66
C ASN A 14 -0.24 -6.83 3.84
N LYS A 15 -0.81 -6.86 5.04
CA LYS A 15 -1.95 -6.08 5.53
C LYS A 15 -1.50 -5.36 6.80
N LEU A 16 -1.05 -4.12 6.63
CA LEU A 16 -0.55 -3.29 7.73
C LEU A 16 -1.68 -2.84 8.66
N PHE A 17 -2.77 -2.40 8.05
CA PHE A 17 -3.97 -1.93 8.74
C PHE A 17 -4.77 -3.07 9.39
N LYS A 18 -5.92 -2.72 9.99
CA LYS A 18 -6.87 -3.65 10.61
C LYS A 18 -8.30 -3.36 10.19
N ALA A 19 -9.00 -4.42 9.81
CA ALA A 19 -10.37 -4.39 9.28
C ALA A 19 -11.42 -3.94 10.32
N GLY A 20 -11.63 -2.61 10.37
CA GLY A 20 -12.58 -1.95 11.27
C GLY A 20 -11.98 -0.87 12.19
N ASP A 21 -10.66 -0.75 12.28
CA ASP A 21 -9.98 0.19 13.21
C ASP A 21 -9.87 1.64 12.68
N LYS A 22 -9.07 2.49 13.34
CA LYS A 22 -8.73 3.86 12.92
C LYS A 22 -7.51 3.89 11.98
N VAL A 23 -7.31 5.02 11.30
CA VAL A 23 -6.11 5.37 10.51
C VAL A 23 -5.64 6.80 10.83
N LYS A 24 -4.32 7.03 10.88
CA LYS A 24 -3.67 8.34 10.90
C LYS A 24 -3.77 8.98 9.48
N LYS A 25 -3.32 10.23 9.28
CA LYS A 25 -3.36 11.10 8.06
C LYS A 25 -2.68 10.53 6.79
N GLY A 26 -2.78 9.23 6.53
CA GLY A 26 -2.05 8.52 5.49
C GLY A 26 -1.20 7.34 5.97
N GLN A 27 -1.60 6.69 7.07
CA GLN A 27 -0.93 5.46 7.51
C GLN A 27 -0.84 4.39 6.40
N THR A 28 0.22 3.57 6.45
CA THR A 28 0.43 2.45 5.51
C THR A 28 -0.58 1.34 5.76
N LEU A 29 -1.10 0.78 4.67
CA LEU A 29 -2.24 -0.14 4.64
C LEU A 29 -1.89 -1.50 4.00
N PHE A 30 -1.20 -1.52 2.87
CA PHE A 30 -0.87 -2.74 2.12
C PHE A 30 0.54 -2.75 1.54
N ILE A 31 0.97 -3.93 1.11
CA ILE A 31 2.18 -4.19 0.34
C ILE A 31 1.78 -5.08 -0.84
N ILE A 32 2.38 -4.85 -2.00
CA ILE A 32 2.11 -5.55 -3.27
C ILE A 32 3.39 -6.09 -3.88
N GLU A 33 3.26 -7.16 -4.67
CA GLU A 33 4.32 -7.66 -5.52
C GLU A 33 3.90 -7.51 -6.99
N GLN A 34 4.64 -6.69 -7.75
CA GLN A 34 4.32 -6.36 -9.14
C GLN A 34 4.40 -7.53 -10.13
N ASP A 35 4.93 -8.67 -9.68
CA ASP A 35 5.09 -9.94 -10.41
C ASP A 35 5.97 -9.85 -11.69
N GLN A 36 6.59 -8.69 -11.96
CA GLN A 36 7.45 -8.38 -13.10
C GLN A 36 7.00 -8.89 -14.49
N ALA A 37 5.69 -9.00 -14.73
CA ALA A 37 5.15 -9.28 -16.07
C ALA A 37 5.58 -8.22 -17.12
N SER A 38 5.62 -6.94 -16.74
CA SER A 38 6.05 -5.81 -17.58
C SER A 38 7.49 -5.93 -18.09
N LYS A 39 8.38 -6.64 -17.37
CA LYS A 39 9.76 -6.92 -17.81
C LYS A 39 9.85 -7.71 -19.13
N ASP A 40 8.75 -8.33 -19.55
CA ASP A 40 8.58 -8.93 -20.88
C ASP A 40 7.55 -8.15 -21.71
N PHE A 41 6.40 -7.83 -21.10
CA PHE A 41 5.23 -7.28 -21.80
C PHE A 41 5.41 -5.87 -22.35
N ASN A 42 6.23 -5.02 -21.72
CA ASN A 42 6.55 -3.67 -22.21
C ASN A 42 7.54 -3.68 -23.38
N ARG A 43 8.52 -4.58 -23.29
CA ARG A 43 9.74 -4.52 -24.12
C ARG A 43 9.50 -4.54 -25.63
N SER A 44 8.58 -5.34 -26.12
CA SER A 44 8.27 -5.49 -27.56
C SER A 44 7.89 -4.19 -28.26
N LYS A 45 7.34 -3.22 -27.52
CA LYS A 45 6.89 -1.90 -28.00
C LYS A 45 7.89 -0.75 -27.76
N ALA A 46 8.96 -1.01 -27.00
CA ALA A 46 9.89 0.01 -26.48
C ALA A 46 11.36 -0.47 -26.43
N LEU A 47 11.80 -1.22 -27.44
CA LEU A 47 13.20 -1.62 -27.63
C LEU A 47 14.13 -0.40 -27.85
N PHE A 48 15.42 -0.58 -27.54
CA PHE A 48 16.54 0.34 -27.81
C PHE A 48 16.25 1.85 -27.63
N SER A 49 15.96 2.25 -26.38
CA SER A 49 15.88 3.67 -25.99
C SER A 49 16.22 3.87 -24.51
N GLN A 50 16.69 5.07 -24.14
CA GLN A 50 16.86 5.50 -22.75
C GLN A 50 15.54 5.46 -21.95
N SER A 51 14.41 5.69 -22.63
CA SER A 51 13.05 5.64 -22.06
C SER A 51 12.55 4.22 -21.73
N ALA A 52 13.30 3.16 -22.04
CA ALA A 52 12.88 1.77 -21.95
C ALA A 52 12.38 1.31 -20.56
N ILE A 53 13.05 1.75 -19.47
CA ILE A 53 12.83 1.22 -18.12
C ILE A 53 12.66 2.30 -17.03
N SER A 54 12.83 3.58 -17.38
CA SER A 54 12.85 4.75 -16.49
C SER A 54 13.88 4.66 -15.34
N GLN A 55 14.96 5.44 -15.48
CA GLN A 55 16.12 5.53 -14.56
C GLN A 55 15.81 5.91 -13.10
N LYS A 56 14.57 6.25 -12.79
CA LYS A 56 14.11 6.67 -11.46
C LYS A 56 12.98 5.77 -10.91
N GLU A 57 12.62 4.73 -11.66
CA GLU A 57 11.65 3.69 -11.30
C GLU A 57 12.28 2.29 -11.17
N TYR A 58 13.20 1.94 -12.09
CA TYR A 58 13.76 0.58 -12.25
C TYR A 58 14.45 0.00 -10.98
N ASP A 59 14.91 0.87 -10.08
CA ASP A 59 15.66 0.50 -8.88
C ASP A 59 14.93 -0.42 -7.88
N SER A 60 13.59 -0.55 -7.99
CA SER A 60 12.79 -1.51 -7.24
C SER A 60 13.16 -2.98 -7.49
N SER A 61 13.93 -3.28 -8.55
CA SER A 61 14.52 -4.60 -8.83
C SER A 61 16.02 -4.71 -8.51
N LEU A 62 16.69 -3.59 -8.20
CA LEU A 62 18.12 -3.52 -7.89
C LEU A 62 18.37 -3.50 -6.38
N ALA A 63 17.46 -2.91 -5.60
CA ALA A 63 17.57 -2.72 -4.16
C ALA A 63 16.31 -3.18 -3.38
N THR A 64 15.36 -3.80 -4.09
CA THR A 64 14.13 -4.43 -3.57
C THR A 64 13.74 -5.63 -4.46
N LEU A 65 12.50 -6.11 -4.34
CA LEU A 65 11.97 -7.35 -4.92
C LEU A 65 10.72 -7.07 -5.78
N ASP A 66 10.70 -5.93 -6.49
CA ASP A 66 9.53 -5.35 -7.18
C ASP A 66 8.27 -5.21 -6.31
N HIS A 67 8.45 -5.03 -5.00
CA HIS A 67 7.37 -4.68 -4.09
C HIS A 67 7.01 -3.18 -4.12
N THR A 68 5.76 -2.85 -3.76
CA THR A 68 5.31 -1.47 -3.58
C THR A 68 4.33 -1.36 -2.41
N GLU A 69 4.40 -0.26 -1.64
CA GLU A 69 3.55 0.00 -0.47
C GLU A 69 2.34 0.89 -0.83
N ILE A 70 1.25 0.75 -0.08
CA ILE A 70 -0.02 1.47 -0.28
C ILE A 70 -0.42 2.13 1.03
N LYS A 71 -0.90 3.39 0.98
CA LYS A 71 -1.14 4.25 2.15
C LYS A 71 -2.50 4.96 2.05
N ALA A 72 -3.13 5.23 3.19
CA ALA A 72 -4.39 5.98 3.30
C ALA A 72 -4.28 7.42 2.72
N PRO A 73 -5.42 8.09 2.46
CA PRO A 73 -5.43 9.52 2.11
C PRO A 73 -5.34 10.48 3.32
N PHE A 74 -6.03 10.13 4.40
CA PHE A 74 -6.33 11.01 5.54
C PHE A 74 -6.70 10.22 6.82
N ASP A 75 -6.90 10.94 7.93
CA ASP A 75 -7.35 10.38 9.22
C ASP A 75 -8.83 10.00 9.23
N GLY A 76 -9.17 8.92 9.93
CA GLY A 76 -10.54 8.43 9.98
C GLY A 76 -10.65 7.01 10.51
N THR A 77 -11.74 6.34 10.12
CA THR A 77 -12.00 4.92 10.38
C THR A 77 -11.95 4.17 9.05
N ILE A 78 -11.71 2.86 9.10
CA ILE A 78 -11.56 2.02 7.91
C ILE A 78 -12.59 0.88 7.95
N GLY A 79 -13.18 0.56 6.80
CA GLY A 79 -14.38 -0.29 6.75
C GLY A 79 -14.12 -1.67 6.17
N ASP A 80 -13.93 -2.67 7.03
CA ASP A 80 -13.47 -3.98 6.69
C ASP A 80 -12.13 -4.02 5.92
N ALA A 81 -12.01 -4.96 5.01
CA ALA A 81 -10.99 -5.20 3.99
C ALA A 81 -11.67 -5.93 2.81
N LEU A 82 -11.13 -5.81 1.60
CA LEU A 82 -11.68 -6.40 0.37
C LEU A 82 -10.66 -7.30 -0.39
N VAL A 83 -9.49 -7.53 0.21
CA VAL A 83 -8.33 -8.27 -0.34
C VAL A 83 -7.57 -8.99 0.77
N ASN A 84 -6.80 -10.01 0.39
CA ASN A 84 -5.98 -10.85 1.26
C ASN A 84 -4.61 -11.07 0.59
N ILE A 85 -3.66 -11.58 1.37
CA ILE A 85 -2.31 -11.94 0.95
C ILE A 85 -2.38 -12.94 -0.21
N GLY A 86 -2.12 -12.46 -1.43
CA GLY A 86 -2.12 -13.24 -2.67
C GLY A 86 -3.16 -12.77 -3.69
N ASP A 87 -4.10 -11.89 -3.30
CA ASP A 87 -5.10 -11.35 -4.22
C ASP A 87 -4.46 -10.44 -5.28
N TYR A 88 -4.64 -10.78 -6.57
CA TYR A 88 -4.31 -9.89 -7.69
C TYR A 88 -5.18 -8.64 -7.70
N VAL A 89 -4.54 -7.49 -7.95
CA VAL A 89 -5.12 -6.16 -7.95
C VAL A 89 -4.50 -5.28 -9.04
N SER A 90 -5.23 -4.25 -9.43
CA SER A 90 -4.85 -3.29 -10.47
C SER A 90 -5.14 -1.86 -10.01
N ALA A 91 -4.31 -0.90 -10.46
CA ALA A 91 -4.22 0.44 -9.90
C ALA A 91 -5.45 1.35 -9.84
N SER A 92 -6.44 1.12 -10.68
CA SER A 92 -7.75 1.73 -10.47
C SER A 92 -8.90 0.71 -10.59
N THR A 93 -8.60 -0.54 -10.92
CA THR A 93 -9.60 -1.56 -11.30
C THR A 93 -10.02 -2.48 -10.16
N THR A 94 -9.27 -2.53 -9.05
CA THR A 94 -9.46 -3.49 -7.95
C THR A 94 -9.28 -2.74 -6.65
N GLU A 95 -10.32 -2.82 -5.85
CA GLU A 95 -10.54 -1.97 -4.71
C GLU A 95 -10.24 -2.72 -3.40
N LEU A 96 -9.49 -2.06 -2.52
CA LEU A 96 -8.85 -2.71 -1.38
C LEU A 96 -9.63 -2.64 -0.07
N VAL A 97 -10.28 -1.51 0.21
CA VAL A 97 -11.07 -1.19 1.42
C VAL A 97 -11.57 0.27 1.36
N ARG A 98 -12.68 0.62 2.05
CA ARG A 98 -13.04 2.04 2.23
C ARG A 98 -12.31 2.75 3.37
N VAL A 99 -11.96 4.03 3.20
CA VAL A 99 -11.44 4.88 4.32
C VAL A 99 -12.40 6.05 4.52
N THR A 100 -12.79 6.36 5.76
CA THR A 100 -13.84 7.34 6.02
C THR A 100 -13.58 8.23 7.23
N ASN A 101 -13.44 9.53 6.98
CA ASN A 101 -13.06 10.55 7.96
C ASN A 101 -14.16 10.81 9.02
N LEU A 102 -13.73 11.28 10.18
CA LEU A 102 -14.55 11.79 11.29
C LEU A 102 -14.01 13.16 11.72
N ASN A 103 -14.70 13.85 12.63
CA ASN A 103 -14.20 15.10 13.19
C ASN A 103 -12.79 14.91 13.81
N PRO A 104 -11.90 15.91 13.78
CA PRO A 104 -10.46 15.78 14.09
C PRO A 104 -10.17 15.82 15.61
N ILE A 105 -11.13 15.39 16.42
CA ILE A 105 -11.21 15.53 17.88
C ILE A 105 -11.67 14.25 18.61
N TYR A 106 -11.96 13.16 17.88
CA TYR A 106 -12.47 11.91 18.46
C TYR A 106 -11.49 11.29 19.47
N ALA A 107 -12.02 10.90 20.63
CA ALA A 107 -11.29 10.27 21.73
C ALA A 107 -10.85 8.82 21.41
N ASP A 108 -10.05 8.23 22.32
CA ASP A 108 -9.67 6.82 22.25
C ASP A 108 -10.80 5.85 22.63
N GLY A 109 -11.70 6.27 23.55
CA GLY A 109 -12.76 5.42 24.11
C GLY A 109 -13.72 6.16 25.06
N SER A 110 -14.11 7.39 24.72
CA SER A 110 -14.86 8.31 25.60
C SER A 110 -15.90 9.17 24.86
N HIS A 111 -16.35 8.71 23.67
CA HIS A 111 -17.14 9.46 22.69
C HIS A 111 -18.51 9.96 23.20
N HIS A 112 -19.26 9.14 23.96
CA HIS A 112 -20.60 9.47 24.47
C HIS A 112 -21.06 8.59 25.64
N HIS A 113 -20.66 7.32 25.66
CA HIS A 113 -21.10 6.27 26.60
C HIS A 113 -20.77 6.52 28.09
N HIS A 114 -19.92 7.49 28.41
CA HIS A 114 -19.69 7.96 29.80
C HIS A 114 -20.86 8.81 30.35
N HIS A 115 -21.79 9.24 29.49
CA HIS A 115 -22.91 10.15 29.79
C HIS A 115 -22.51 11.51 30.42
N HIS A 116 -21.26 11.94 30.18
CA HIS A 116 -20.69 13.22 30.62
C HIS A 116 -21.42 14.44 30.03
N ASP A 1 -16.10 10.29 1.57
CA ASP A 1 -15.46 8.97 1.87
C ASP A 1 -14.67 8.45 0.66
N VAL A 2 -13.96 7.32 0.85
CA VAL A 2 -13.02 6.73 -0.13
C VAL A 2 -13.22 5.24 -0.22
N ILE A 3 -12.96 4.71 -1.41
CA ILE A 3 -12.79 3.29 -1.71
C ILE A 3 -11.32 3.21 -2.16
N ILE A 4 -10.41 2.90 -1.23
CA ILE A 4 -8.95 3.00 -1.38
C ILE A 4 -8.45 2.04 -2.46
N LYS A 5 -7.39 2.44 -3.18
CA LYS A 5 -6.79 1.67 -4.29
C LYS A 5 -5.27 1.79 -4.37
N PRO A 6 -4.59 0.79 -4.96
CA PRO A 6 -3.14 0.76 -5.07
C PRO A 6 -2.62 1.67 -6.18
N GLN A 7 -1.36 2.14 -6.07
CA GLN A 7 -0.72 2.97 -7.10
C GLN A 7 -0.04 2.17 -8.23
N VAL A 8 0.03 0.84 -8.11
CA VAL A 8 0.51 -0.10 -9.14
C VAL A 8 -0.37 -1.36 -9.16
N SER A 9 -0.36 -2.11 -10.26
CA SER A 9 -0.95 -3.45 -10.32
C SER A 9 0.06 -4.50 -9.80
N GLY A 10 -0.43 -5.64 -9.31
CA GLY A 10 0.36 -6.67 -8.66
C GLY A 10 -0.51 -7.51 -7.74
N VAL A 11 0.04 -8.07 -6.66
CA VAL A 11 -0.69 -8.85 -5.71
C VAL A 11 -0.38 -8.47 -4.28
N ILE A 12 -1.33 -8.55 -3.34
CA ILE A 12 -1.10 -8.22 -1.93
C ILE A 12 -0.02 -9.13 -1.29
N VAL A 13 0.80 -8.58 -0.40
CA VAL A 13 1.88 -9.26 0.35
C VAL A 13 1.68 -9.13 1.87
N ASN A 14 1.15 -8.00 2.34
CA ASN A 14 0.86 -7.75 3.76
C ASN A 14 -0.34 -6.80 3.92
N LYS A 15 -0.92 -6.83 5.13
CA LYS A 15 -2.08 -6.09 5.60
C LYS A 15 -1.67 -5.37 6.89
N LEU A 16 -1.25 -4.12 6.75
CA LEU A 16 -0.77 -3.28 7.84
C LEU A 16 -1.90 -2.83 8.77
N PHE A 17 -3.00 -2.42 8.15
CA PHE A 17 -4.25 -2.09 8.84
C PHE A 17 -5.05 -3.36 9.17
N LYS A 18 -6.19 -3.18 9.85
CA LYS A 18 -7.18 -4.23 10.16
C LYS A 18 -8.60 -3.78 9.82
N ALA A 19 -9.43 -4.71 9.35
CA ALA A 19 -10.85 -4.48 9.08
C ALA A 19 -11.59 -3.93 10.32
N GLY A 20 -11.97 -2.65 10.26
CA GLY A 20 -12.69 -1.93 11.32
C GLY A 20 -11.81 -1.06 12.24
N ASP A 21 -10.48 -1.06 12.07
CA ASP A 21 -9.53 -0.24 12.84
C ASP A 21 -9.61 1.27 12.50
N LYS A 22 -8.60 2.04 12.90
CA LYS A 22 -8.43 3.47 12.63
C LYS A 22 -7.15 3.72 11.81
N VAL A 23 -7.08 4.90 11.21
CA VAL A 23 -5.94 5.32 10.34
C VAL A 23 -5.55 6.77 10.61
N LYS A 24 -4.26 7.06 10.75
CA LYS A 24 -3.70 8.40 10.71
C LYS A 24 -3.65 8.90 9.25
N LYS A 25 -3.59 10.21 9.03
CA LYS A 25 -3.32 10.87 7.73
C LYS A 25 -2.03 10.35 7.04
N GLY A 26 -2.17 9.19 6.39
CA GLY A 26 -1.17 8.56 5.53
C GLY A 26 -0.48 7.36 6.15
N GLN A 27 -1.03 6.78 7.22
CA GLN A 27 -0.55 5.50 7.69
C GLN A 27 -0.60 4.43 6.57
N THR A 28 0.40 3.55 6.56
CA THR A 28 0.52 2.43 5.63
C THR A 28 -0.52 1.37 5.91
N LEU A 29 -1.11 0.83 4.83
CA LEU A 29 -2.30 -0.03 4.83
C LEU A 29 -2.03 -1.40 4.17
N PHE A 30 -1.32 -1.42 3.03
CA PHE A 30 -1.01 -2.65 2.28
C PHE A 30 0.40 -2.64 1.69
N ILE A 31 0.84 -3.83 1.25
CA ILE A 31 2.05 -4.09 0.48
C ILE A 31 1.68 -4.95 -0.71
N ILE A 32 2.32 -4.73 -1.86
CA ILE A 32 2.11 -5.43 -3.12
C ILE A 32 3.40 -5.96 -3.70
N GLU A 33 3.30 -7.02 -4.49
CA GLU A 33 4.37 -7.49 -5.35
C GLU A 33 3.92 -7.37 -6.80
N GLN A 34 4.69 -6.64 -7.62
CA GLN A 34 4.40 -6.31 -9.04
C GLN A 34 4.55 -7.52 -9.99
N ASP A 35 4.08 -8.70 -9.56
CA ASP A 35 4.03 -9.97 -10.30
C ASP A 35 5.40 -10.54 -10.74
N GLN A 36 6.51 -9.95 -10.26
CA GLN A 36 7.90 -10.41 -10.39
C GLN A 36 8.42 -10.81 -11.78
N ALA A 37 7.75 -10.38 -12.87
CA ALA A 37 8.04 -10.80 -14.24
C ALA A 37 9.49 -10.53 -14.71
N SER A 38 10.10 -9.44 -14.25
CA SER A 38 11.48 -9.06 -14.58
C SER A 38 12.52 -9.53 -13.55
N LYS A 39 12.13 -9.76 -12.30
CA LYS A 39 13.05 -10.09 -11.18
C LYS A 39 13.81 -11.41 -11.34
N ASP A 40 13.30 -12.32 -12.17
CA ASP A 40 13.98 -13.57 -12.54
C ASP A 40 14.56 -13.57 -13.97
N PHE A 41 14.26 -12.52 -14.76
CA PHE A 41 14.63 -12.40 -16.17
C PHE A 41 15.76 -11.39 -16.43
N ASN A 42 15.88 -10.36 -15.58
CA ASN A 42 16.89 -9.28 -15.70
C ASN A 42 18.32 -9.74 -15.46
N ARG A 43 18.49 -10.72 -14.55
CA ARG A 43 19.81 -11.06 -14.03
C ARG A 43 20.78 -11.58 -15.11
N SER A 44 20.25 -12.37 -16.06
CA SER A 44 21.01 -12.99 -17.16
C SER A 44 21.00 -12.15 -18.45
N LYS A 45 19.92 -11.40 -18.72
CA LYS A 45 19.76 -10.51 -19.89
C LYS A 45 20.89 -9.47 -20.02
N ALA A 46 21.37 -8.96 -18.88
CA ALA A 46 22.35 -7.88 -18.79
C ALA A 46 23.40 -8.12 -17.68
N LEU A 47 23.80 -9.39 -17.51
CA LEU A 47 24.69 -9.88 -16.46
C LEU A 47 26.03 -9.13 -16.41
N PHE A 48 26.35 -8.59 -15.23
CA PHE A 48 27.68 -8.08 -14.85
C PHE A 48 28.25 -6.91 -15.67
N SER A 49 27.50 -6.34 -16.61
CA SER A 49 27.93 -5.26 -17.53
C SER A 49 28.56 -4.04 -16.83
N GLN A 50 27.99 -3.60 -15.68
CA GLN A 50 28.62 -2.62 -14.79
C GLN A 50 29.30 -3.31 -13.61
N SER A 51 28.53 -3.93 -12.70
CA SER A 51 29.03 -4.76 -11.60
C SER A 51 28.27 -6.09 -11.46
N ALA A 52 26.98 -6.03 -11.16
CA ALA A 52 26.07 -7.18 -11.05
C ALA A 52 25.14 -7.32 -12.27
N ILE A 53 24.55 -6.20 -12.71
CA ILE A 53 23.56 -6.09 -13.79
C ILE A 53 23.69 -4.66 -14.38
N SER A 54 23.39 -4.43 -15.66
CA SER A 54 23.32 -3.06 -16.24
C SER A 54 22.36 -2.13 -15.49
N GLN A 55 22.72 -0.84 -15.42
CA GLN A 55 21.97 0.29 -14.83
C GLN A 55 20.55 0.52 -15.36
N LYS A 56 20.10 -0.28 -16.33
CA LYS A 56 18.79 -0.20 -16.99
C LYS A 56 17.90 -1.41 -16.66
N GLU A 57 18.53 -2.55 -16.35
CA GLU A 57 17.88 -3.81 -15.96
C GLU A 57 17.83 -4.08 -14.45
N TYR A 58 18.81 -3.58 -13.71
CA TYR A 58 19.07 -3.77 -12.27
C TYR A 58 17.96 -3.29 -11.29
N ASP A 59 16.79 -2.93 -11.81
CA ASP A 59 15.61 -2.38 -11.10
C ASP A 59 15.25 -3.10 -9.78
N SER A 60 15.60 -4.38 -9.61
CA SER A 60 15.52 -5.12 -8.34
C SER A 60 16.17 -4.39 -7.15
N SER A 61 17.18 -3.54 -7.40
CA SER A 61 17.89 -2.71 -6.41
C SER A 61 17.35 -1.27 -6.30
N LEU A 62 16.69 -0.75 -7.33
CA LEU A 62 15.97 0.52 -7.30
C LEU A 62 14.63 0.43 -6.54
N ALA A 63 13.98 -0.73 -6.63
CA ALA A 63 12.65 -1.02 -6.12
C ALA A 63 12.66 -2.44 -5.54
N THR A 64 13.05 -2.54 -4.27
CA THR A 64 13.36 -3.78 -3.56
C THR A 64 12.29 -4.86 -3.75
N LEU A 65 12.73 -6.02 -4.25
CA LEU A 65 11.93 -7.18 -4.63
C LEU A 65 10.65 -6.85 -5.44
N ASP A 66 10.66 -5.77 -6.24
CA ASP A 66 9.51 -5.17 -6.95
C ASP A 66 8.25 -4.99 -6.07
N HIS A 67 8.43 -4.74 -4.77
CA HIS A 67 7.31 -4.38 -3.89
C HIS A 67 6.92 -2.89 -3.95
N THR A 68 5.65 -2.61 -3.62
CA THR A 68 5.11 -1.25 -3.47
C THR A 68 4.15 -1.21 -2.26
N GLU A 69 4.01 -0.04 -1.62
CA GLU A 69 3.27 0.11 -0.35
C GLU A 69 2.17 1.16 -0.48
N ILE A 70 0.97 0.83 0.03
CA ILE A 70 -0.27 1.61 -0.13
C ILE A 70 -0.57 2.27 1.22
N LYS A 71 -0.96 3.55 1.19
CA LYS A 71 -1.09 4.43 2.37
C LYS A 71 -2.43 5.20 2.34
N ALA A 72 -2.98 5.51 3.51
CA ALA A 72 -4.27 6.18 3.67
C ALA A 72 -4.34 7.56 2.99
N PRO A 73 -5.54 8.03 2.58
CA PRO A 73 -5.75 9.39 2.08
C PRO A 73 -5.71 10.45 3.19
N PHE A 74 -6.21 10.09 4.38
CA PHE A 74 -6.43 10.98 5.51
C PHE A 74 -6.69 10.25 6.85
N ASP A 75 -6.59 11.03 7.92
CA ASP A 75 -6.99 10.67 9.29
C ASP A 75 -8.49 10.34 9.41
N GLY A 76 -8.83 9.19 9.97
CA GLY A 76 -10.21 8.68 9.99
C GLY A 76 -10.33 7.25 10.50
N THR A 77 -11.34 6.54 9.99
CA THR A 77 -11.62 5.14 10.27
C THR A 77 -11.67 4.34 8.97
N ILE A 78 -11.53 3.04 9.08
CA ILE A 78 -11.31 2.18 7.90
C ILE A 78 -12.20 0.92 7.97
N GLY A 79 -12.86 0.62 6.85
CA GLY A 79 -13.92 -0.40 6.78
C GLY A 79 -13.39 -1.84 6.75
N ASP A 80 -14.28 -2.79 6.47
CA ASP A 80 -13.88 -4.17 6.16
C ASP A 80 -13.08 -4.25 4.86
N ALA A 81 -11.94 -4.92 4.98
CA ALA A 81 -11.03 -5.24 3.89
C ALA A 81 -11.72 -6.03 2.76
N LEU A 82 -11.20 -5.90 1.54
CA LEU A 82 -11.73 -6.52 0.31
C LEU A 82 -10.70 -7.42 -0.41
N VAL A 83 -9.52 -7.60 0.18
CA VAL A 83 -8.34 -8.32 -0.35
C VAL A 83 -7.58 -9.02 0.79
N ASN A 84 -6.81 -10.04 0.42
CA ASN A 84 -5.99 -10.84 1.30
C ASN A 84 -4.60 -11.04 0.67
N ILE A 85 -3.67 -11.56 1.46
CA ILE A 85 -2.31 -11.90 1.06
C ILE A 85 -2.33 -12.90 -0.11
N GLY A 86 -2.05 -12.39 -1.31
CA GLY A 86 -1.98 -13.15 -2.56
C GLY A 86 -3.03 -12.72 -3.58
N ASP A 87 -3.99 -11.87 -3.22
CA ASP A 87 -5.00 -11.37 -4.15
C ASP A 87 -4.37 -10.45 -5.21
N TYR A 88 -4.54 -10.80 -6.49
CA TYR A 88 -4.23 -9.93 -7.62
C TYR A 88 -5.13 -8.69 -7.62
N VAL A 89 -4.52 -7.53 -7.90
CA VAL A 89 -5.13 -6.21 -7.93
C VAL A 89 -4.52 -5.34 -9.04
N SER A 90 -5.28 -4.32 -9.44
CA SER A 90 -4.91 -3.36 -10.48
C SER A 90 -5.22 -1.92 -10.01
N ALA A 91 -4.42 -0.96 -10.46
CA ALA A 91 -4.35 0.39 -9.90
C ALA A 91 -5.57 1.29 -9.84
N SER A 92 -6.59 1.01 -10.66
CA SER A 92 -7.91 1.60 -10.45
C SER A 92 -9.04 0.57 -10.56
N THR A 93 -8.72 -0.67 -10.90
CA THR A 93 -9.70 -1.71 -11.29
C THR A 93 -10.11 -2.64 -10.14
N THR A 94 -9.37 -2.65 -9.04
CA THR A 94 -9.52 -3.61 -7.95
C THR A 94 -9.34 -2.86 -6.64
N GLU A 95 -10.37 -2.96 -5.83
CA GLU A 95 -10.59 -2.12 -4.68
C GLU A 95 -10.26 -2.85 -3.37
N LEU A 96 -9.50 -2.18 -2.50
CA LEU A 96 -8.84 -2.82 -1.34
C LEU A 96 -9.63 -2.78 -0.03
N VAL A 97 -10.33 -1.67 0.22
CA VAL A 97 -11.15 -1.32 1.41
C VAL A 97 -11.72 0.09 1.21
N ARG A 98 -12.52 0.61 2.16
CA ARG A 98 -12.94 2.02 2.22
C ARG A 98 -12.30 2.81 3.36
N VAL A 99 -12.03 4.11 3.18
CA VAL A 99 -11.55 4.97 4.28
C VAL A 99 -12.52 6.14 4.46
N THR A 100 -12.85 6.46 5.70
CA THR A 100 -13.91 7.42 6.02
C THR A 100 -13.55 8.31 7.20
N ASN A 101 -13.81 9.62 7.11
CA ASN A 101 -13.29 10.59 8.07
C ASN A 101 -13.95 10.51 9.47
N LEU A 102 -13.30 11.17 10.43
CA LEU A 102 -13.78 11.39 11.80
C LEU A 102 -14.03 12.88 12.05
N ASN A 103 -14.36 13.26 13.29
CA ASN A 103 -14.86 14.60 13.61
C ASN A 103 -13.87 15.72 13.21
N PRO A 104 -14.40 16.91 12.83
CA PRO A 104 -13.63 17.96 12.17
C PRO A 104 -12.74 18.78 13.10
N ILE A 105 -12.90 18.55 14.39
CA ILE A 105 -12.05 19.05 15.51
C ILE A 105 -10.63 18.52 15.50
N TYR A 106 -10.36 17.43 14.78
CA TYR A 106 -9.09 16.72 14.90
C TYR A 106 -8.70 15.90 13.66
N ALA A 107 -9.66 15.33 12.92
CA ALA A 107 -9.42 14.67 11.63
C ALA A 107 -9.37 15.63 10.44
N ASP A 108 -9.79 16.89 10.63
CA ASP A 108 -9.82 17.90 9.58
C ASP A 108 -9.62 19.34 10.11
N GLY A 109 -8.89 19.49 11.22
CA GLY A 109 -8.70 20.76 11.94
C GLY A 109 -7.63 20.72 13.04
N SER A 110 -7.46 21.86 13.71
CA SER A 110 -6.37 22.16 14.65
C SER A 110 -6.86 22.94 15.89
N HIS A 111 -8.12 22.70 16.26
CA HIS A 111 -8.90 23.46 17.25
C HIS A 111 -9.55 22.53 18.31
N HIS A 112 -8.84 21.45 18.65
CA HIS A 112 -9.24 20.35 19.54
C HIS A 112 -9.88 20.83 20.85
N HIS A 113 -9.24 21.80 21.51
CA HIS A 113 -9.70 22.47 22.75
C HIS A 113 -8.98 23.81 22.95
N HIS A 114 -9.28 24.51 24.05
CA HIS A 114 -8.80 25.86 24.40
C HIS A 114 -8.44 25.94 25.90
N HIS A 115 -7.64 24.98 26.39
CA HIS A 115 -7.25 24.83 27.80
C HIS A 115 -6.60 26.07 28.45
N HIS A 116 -5.98 26.95 27.64
CA HIS A 116 -5.26 28.16 28.09
C HIS A 116 -5.40 29.31 27.07
N ASP A 1 -15.76 10.10 2.28
CA ASP A 1 -15.73 8.64 2.09
C ASP A 1 -14.89 8.28 0.86
N VAL A 2 -14.08 7.22 0.95
CA VAL A 2 -13.11 6.76 -0.06
C VAL A 2 -13.22 5.27 -0.23
N ILE A 3 -12.95 4.80 -1.44
CA ILE A 3 -12.72 3.41 -1.78
C ILE A 3 -11.22 3.39 -2.16
N ILE A 4 -10.33 3.02 -1.24
CA ILE A 4 -8.89 3.16 -1.37
C ILE A 4 -8.38 2.24 -2.51
N LYS A 5 -7.30 2.62 -3.20
CA LYS A 5 -6.74 1.86 -4.34
C LYS A 5 -5.21 1.92 -4.42
N PRO A 6 -4.58 0.90 -5.03
CA PRO A 6 -3.13 0.77 -5.06
C PRO A 6 -2.47 1.61 -6.15
N GLN A 7 -1.22 2.05 -5.92
CA GLN A 7 -0.45 2.87 -6.88
C GLN A 7 0.16 2.07 -8.06
N VAL A 8 0.21 0.73 -7.97
CA VAL A 8 0.66 -0.19 -9.04
C VAL A 8 -0.21 -1.45 -9.07
N SER A 9 -0.14 -2.21 -10.17
CA SER A 9 -0.74 -3.55 -10.28
C SER A 9 0.22 -4.67 -9.85
N GLY A 10 -0.32 -5.86 -9.55
CA GLY A 10 0.36 -6.98 -8.92
C GLY A 10 -0.60 -7.68 -8.03
N VAL A 11 -0.12 -7.90 -6.84
CA VAL A 11 -0.78 -8.78 -5.90
C VAL A 11 -0.43 -8.33 -4.48
N ILE A 12 -1.37 -8.47 -3.55
CA ILE A 12 -1.13 -8.16 -2.13
C ILE A 12 -0.06 -9.08 -1.49
N VAL A 13 0.74 -8.52 -0.57
CA VAL A 13 1.85 -9.17 0.16
C VAL A 13 1.71 -9.03 1.68
N ASN A 14 1.19 -7.90 2.16
CA ASN A 14 0.95 -7.65 3.59
C ASN A 14 -0.26 -6.73 3.79
N LYS A 15 -0.82 -6.79 5.00
CA LYS A 15 -1.97 -6.06 5.50
C LYS A 15 -1.55 -5.36 6.79
N LEU A 16 -1.14 -4.10 6.65
CA LEU A 16 -0.66 -3.27 7.75
C LEU A 16 -1.78 -2.83 8.68
N PHE A 17 -2.91 -2.45 8.08
CA PHE A 17 -4.11 -2.00 8.77
C PHE A 17 -4.95 -3.15 9.35
N LYS A 18 -6.06 -2.79 10.01
CA LYS A 18 -7.09 -3.71 10.51
C LYS A 18 -8.49 -3.23 10.13
N ALA A 19 -9.32 -4.15 9.65
CA ALA A 19 -10.73 -3.90 9.35
C ALA A 19 -11.51 -3.43 10.60
N GLY A 20 -12.02 -2.20 10.53
CA GLY A 20 -12.80 -1.57 11.60
C GLY A 20 -12.02 -0.62 12.52
N ASP A 21 -10.68 -0.64 12.50
CA ASP A 21 -9.83 0.21 13.33
C ASP A 21 -9.73 1.67 12.81
N LYS A 22 -8.93 2.50 13.49
CA LYS A 22 -8.53 3.84 13.02
C LYS A 22 -7.38 3.78 12.01
N VAL A 23 -7.18 4.90 11.32
CA VAL A 23 -6.02 5.22 10.47
C VAL A 23 -5.60 6.67 10.73
N LYS A 24 -4.29 6.96 10.81
CA LYS A 24 -3.74 8.32 10.84
C LYS A 24 -3.90 9.01 9.47
N LYS A 25 -3.42 10.25 9.35
CA LYS A 25 -3.39 11.12 8.13
C LYS A 25 -2.62 10.57 6.90
N GLY A 26 -2.67 9.25 6.64
CA GLY A 26 -1.85 8.57 5.63
C GLY A 26 -1.00 7.42 6.15
N GLN A 27 -1.40 6.75 7.25
CA GLN A 27 -0.74 5.52 7.65
C GLN A 27 -0.72 4.45 6.55
N THR A 28 0.30 3.59 6.57
CA THR A 28 0.47 2.48 5.61
C THR A 28 -0.57 1.39 5.86
N LEU A 29 -1.10 0.83 4.75
CA LEU A 29 -2.27 -0.06 4.71
C LEU A 29 -1.96 -1.41 4.06
N PHE A 30 -1.27 -1.42 2.92
CA PHE A 30 -0.91 -2.65 2.18
C PHE A 30 0.50 -2.61 1.59
N ILE A 31 0.94 -3.78 1.15
CA ILE A 31 2.18 -4.01 0.38
C ILE A 31 1.79 -4.87 -0.83
N ILE A 32 2.42 -4.64 -1.98
CA ILE A 32 2.20 -5.32 -3.24
C ILE A 32 3.50 -5.85 -3.81
N GLU A 33 3.38 -6.89 -4.63
CA GLU A 33 4.42 -7.44 -5.46
C GLU A 33 4.06 -7.28 -6.94
N GLN A 34 4.89 -6.55 -7.69
CA GLN A 34 4.78 -6.31 -9.14
C GLN A 34 5.12 -7.57 -9.98
N ASP A 35 4.58 -8.72 -9.58
CA ASP A 35 4.75 -10.07 -10.15
C ASP A 35 6.20 -10.64 -10.12
N GLN A 36 6.30 -11.97 -10.17
CA GLN A 36 7.52 -12.76 -9.93
C GLN A 36 8.49 -12.88 -11.13
N ALA A 37 8.31 -12.09 -12.19
CA ALA A 37 9.05 -12.22 -13.45
C ALA A 37 10.58 -12.24 -13.29
N SER A 38 11.15 -11.20 -12.68
CA SER A 38 12.61 -11.10 -12.45
C SER A 38 13.16 -12.16 -11.50
N LYS A 39 12.32 -12.77 -10.67
CA LYS A 39 12.71 -13.82 -9.69
C LYS A 39 13.28 -15.08 -10.37
N ASP A 40 12.94 -15.29 -11.65
CA ASP A 40 13.58 -16.31 -12.50
C ASP A 40 14.39 -15.70 -13.66
N PHE A 41 13.96 -14.56 -14.20
CA PHE A 41 14.65 -13.93 -15.35
C PHE A 41 16.04 -13.34 -15.00
N ASN A 42 16.26 -12.91 -13.76
CA ASN A 42 17.60 -12.56 -13.25
C ASN A 42 18.44 -13.81 -12.98
N ARG A 43 17.80 -14.84 -12.42
CA ARG A 43 18.46 -16.01 -11.83
C ARG A 43 19.42 -16.74 -12.75
N SER A 44 19.14 -16.82 -14.04
CA SER A 44 19.97 -17.53 -15.03
C SER A 44 21.39 -16.98 -15.23
N LYS A 45 21.70 -15.77 -14.72
CA LYS A 45 23.07 -15.20 -14.71
C LYS A 45 23.94 -15.70 -13.54
N ALA A 46 23.36 -16.39 -12.54
CA ALA A 46 24.02 -16.86 -11.32
C ALA A 46 24.93 -18.10 -11.50
N LEU A 47 25.78 -18.12 -12.54
CA LEU A 47 26.69 -19.22 -12.87
C LEU A 47 27.65 -19.62 -11.74
N PHE A 48 28.16 -18.63 -11.00
CA PHE A 48 29.21 -18.83 -9.98
C PHE A 48 29.15 -17.84 -8.80
N SER A 49 28.32 -16.79 -8.89
CA SER A 49 28.13 -15.77 -7.84
C SER A 49 27.42 -16.26 -6.58
N GLN A 50 26.80 -17.45 -6.62
CA GLN A 50 26.02 -18.01 -5.51
C GLN A 50 26.82 -18.19 -4.21
N SER A 51 28.13 -18.40 -4.32
CA SER A 51 29.06 -18.57 -3.22
C SER A 51 29.38 -17.28 -2.44
N ALA A 52 28.88 -16.11 -2.86
CA ALA A 52 29.13 -14.81 -2.21
C ALA A 52 28.74 -14.77 -0.73
N ILE A 53 27.63 -15.43 -0.36
CA ILE A 53 27.00 -15.34 0.96
C ILE A 53 26.44 -16.73 1.32
N SER A 54 25.43 -17.18 0.57
CA SER A 54 24.85 -18.52 0.55
C SER A 54 23.95 -18.64 -0.67
N GLN A 55 23.78 -19.85 -1.23
CA GLN A 55 22.95 -20.15 -2.41
C GLN A 55 21.45 -19.85 -2.24
N LYS A 56 21.02 -19.47 -1.04
CA LYS A 56 19.63 -19.11 -0.70
C LYS A 56 19.49 -17.62 -0.31
N GLU A 57 20.61 -16.89 -0.31
CA GLU A 57 20.72 -15.48 0.11
C GLU A 57 21.25 -14.53 -0.98
N TYR A 58 22.23 -14.99 -1.76
CA TYR A 58 23.03 -14.17 -2.68
C TYR A 58 22.22 -13.29 -3.64
N ASP A 59 21.06 -13.77 -4.10
CA ASP A 59 20.18 -13.08 -5.05
C ASP A 59 19.65 -11.73 -4.51
N SER A 60 19.56 -11.56 -3.18
CA SER A 60 19.21 -10.28 -2.54
C SER A 60 20.23 -9.16 -2.80
N SER A 61 21.46 -9.50 -3.22
CA SER A 61 22.50 -8.56 -3.64
C SER A 61 22.49 -8.30 -5.16
N LEU A 62 21.74 -9.09 -5.95
CA LEU A 62 21.63 -8.97 -7.40
C LEU A 62 20.35 -8.27 -7.84
N ALA A 63 19.24 -8.51 -7.13
CA ALA A 63 17.88 -8.07 -7.49
C ALA A 63 16.94 -8.03 -6.26
N THR A 64 15.69 -7.62 -6.47
CA THR A 64 14.62 -7.67 -5.46
C THR A 64 13.26 -8.01 -6.09
N LEU A 65 12.26 -8.25 -5.23
CA LEU A 65 10.92 -8.77 -5.59
C LEU A 65 9.97 -7.74 -6.22
N ASP A 66 10.41 -6.49 -6.46
CA ASP A 66 9.60 -5.39 -7.00
C ASP A 66 8.36 -5.08 -6.15
N HIS A 67 8.57 -4.90 -4.83
CA HIS A 67 7.51 -4.53 -3.89
C HIS A 67 7.15 -3.04 -3.93
N THR A 68 5.89 -2.71 -3.62
CA THR A 68 5.39 -1.31 -3.53
C THR A 68 4.39 -1.18 -2.38
N GLU A 69 4.36 -0.04 -1.68
CA GLU A 69 3.53 0.19 -0.48
C GLU A 69 2.30 1.08 -0.80
N ILE A 70 1.22 0.91 -0.02
CA ILE A 70 -0.06 1.61 -0.20
C ILE A 70 -0.44 2.24 1.14
N LYS A 71 -0.90 3.49 1.11
CA LYS A 71 -1.12 4.34 2.29
C LYS A 71 -2.47 5.06 2.23
N ALA A 72 -3.07 5.35 3.39
CA ALA A 72 -4.35 6.06 3.51
C ALA A 72 -4.29 7.48 2.90
N PRO A 73 -5.46 8.11 2.63
CA PRO A 73 -5.54 9.52 2.26
C PRO A 73 -5.46 10.49 3.45
N PHE A 74 -6.14 10.15 4.56
CA PHE A 74 -6.42 11.02 5.69
C PHE A 74 -6.78 10.26 6.98
N ASP A 75 -6.86 10.98 8.11
CA ASP A 75 -7.24 10.42 9.42
C ASP A 75 -8.74 10.09 9.53
N GLY A 76 -9.05 8.93 10.10
CA GLY A 76 -10.42 8.45 10.25
C GLY A 76 -10.49 6.97 10.66
N THR A 77 -11.51 6.29 10.13
CA THR A 77 -11.79 4.87 10.33
C THR A 77 -11.78 4.16 8.99
N ILE A 78 -11.58 2.85 9.02
CA ILE A 78 -11.37 2.05 7.81
C ILE A 78 -12.26 0.80 7.82
N GLY A 79 -12.87 0.50 6.66
CA GLY A 79 -13.90 -0.54 6.52
C GLY A 79 -13.34 -1.96 6.52
N ASP A 80 -14.20 -2.95 6.22
CA ASP A 80 -13.75 -4.31 5.95
C ASP A 80 -12.88 -4.40 4.70
N ALA A 81 -11.75 -5.08 4.87
CA ALA A 81 -10.79 -5.33 3.82
C ALA A 81 -11.44 -6.12 2.65
N LEU A 82 -11.30 -5.62 1.43
CA LEU A 82 -11.78 -6.27 0.20
C LEU A 82 -10.77 -7.30 -0.36
N VAL A 83 -9.54 -7.37 0.17
CA VAL A 83 -8.40 -8.11 -0.40
C VAL A 83 -7.53 -8.79 0.67
N ASN A 84 -6.77 -9.80 0.27
CA ASN A 84 -5.88 -10.60 1.08
C ASN A 84 -4.61 -10.93 0.28
N ILE A 85 -3.60 -11.46 0.97
CA ILE A 85 -2.29 -11.82 0.45
C ILE A 85 -2.45 -12.88 -0.65
N GLY A 86 -2.33 -12.48 -1.92
CA GLY A 86 -2.52 -13.38 -3.06
C GLY A 86 -3.71 -12.97 -3.92
N ASP A 87 -4.58 -12.05 -3.45
CA ASP A 87 -5.57 -11.44 -4.33
C ASP A 87 -4.81 -10.63 -5.40
N TYR A 88 -5.12 -10.93 -6.66
CA TYR A 88 -4.56 -10.21 -7.79
C TYR A 88 -5.18 -8.82 -7.86
N VAL A 89 -4.41 -7.80 -7.49
CA VAL A 89 -4.89 -6.40 -7.57
C VAL A 89 -4.28 -5.53 -8.67
N SER A 90 -5.04 -4.54 -9.11
CA SER A 90 -4.69 -3.61 -10.19
C SER A 90 -5.07 -2.18 -9.81
N ALA A 91 -4.33 -1.20 -10.37
CA ALA A 91 -4.28 0.19 -9.89
C ALA A 91 -5.56 1.02 -9.77
N SER A 92 -6.60 0.69 -10.52
CA SER A 92 -7.94 1.23 -10.22
C SER A 92 -9.05 0.17 -10.28
N THR A 93 -8.68 -1.07 -10.56
CA THR A 93 -9.61 -2.14 -10.99
C THR A 93 -10.11 -3.11 -9.91
N THR A 94 -9.51 -3.14 -8.71
CA THR A 94 -9.76 -4.26 -7.76
C THR A 94 -10.31 -3.85 -6.41
N GLU A 95 -9.97 -2.63 -5.98
CA GLU A 95 -10.44 -1.97 -4.77
C GLU A 95 -10.10 -2.73 -3.47
N LEU A 96 -9.40 -2.04 -2.57
CA LEU A 96 -8.74 -2.68 -1.42
C LEU A 96 -9.52 -2.65 -0.10
N VAL A 97 -10.24 -1.56 0.18
CA VAL A 97 -11.04 -1.25 1.38
C VAL A 97 -11.62 0.17 1.25
N ARG A 98 -12.55 0.60 2.12
CA ARG A 98 -12.96 2.01 2.21
C ARG A 98 -12.33 2.81 3.36
N VAL A 99 -12.12 4.12 3.22
CA VAL A 99 -11.60 4.97 4.32
C VAL A 99 -12.56 6.12 4.56
N THR A 100 -12.87 6.42 5.82
CA THR A 100 -13.92 7.38 6.18
C THR A 100 -13.57 8.26 7.39
N ASN A 101 -13.61 9.57 7.21
CA ASN A 101 -13.23 10.57 8.22
C ASN A 101 -14.37 10.80 9.23
N LEU A 102 -14.04 10.66 10.52
CA LEU A 102 -14.89 10.97 11.67
C LEU A 102 -14.92 12.49 11.95
N ASN A 103 -15.59 12.90 13.04
CA ASN A 103 -15.54 14.28 13.55
C ASN A 103 -14.07 14.70 13.84
N PRO A 104 -13.77 16.02 13.85
CA PRO A 104 -12.38 16.52 13.86
C PRO A 104 -11.73 16.57 15.25
N ILE A 105 -12.41 16.01 16.26
CA ILE A 105 -12.00 15.93 17.67
C ILE A 105 -10.70 15.16 17.91
N TYR A 106 -10.34 14.29 16.99
CA TYR A 106 -9.16 13.43 16.99
C TYR A 106 -7.90 14.20 16.53
N ALA A 107 -7.64 15.34 17.18
CA ALA A 107 -6.54 16.28 16.92
C ALA A 107 -6.40 16.72 15.45
N ASP A 108 -7.52 17.17 14.87
CA ASP A 108 -7.61 17.60 13.46
C ASP A 108 -8.34 18.94 13.25
N GLY A 109 -9.22 19.30 14.20
CA GLY A 109 -9.97 20.56 14.26
C GLY A 109 -10.86 20.60 15.51
N SER A 110 -10.30 20.16 16.65
CA SER A 110 -10.98 19.89 17.93
C SER A 110 -11.46 21.12 18.73
N HIS A 111 -11.26 22.34 18.20
CA HIS A 111 -11.58 23.60 18.87
C HIS A 111 -12.04 24.69 17.87
N HIS A 112 -12.75 25.69 18.39
CA HIS A 112 -13.42 26.77 17.63
C HIS A 112 -14.26 26.27 16.43
N HIS A 113 -14.92 25.11 16.62
CA HIS A 113 -15.66 24.35 15.59
C HIS A 113 -17.12 24.08 15.96
N HIS A 114 -17.51 24.34 17.22
CA HIS A 114 -18.85 24.20 17.78
C HIS A 114 -19.09 25.29 18.84
N HIS A 115 -18.58 26.50 18.57
CA HIS A 115 -18.45 27.62 19.51
C HIS A 115 -18.83 28.96 18.88
N HIS A 116 -19.45 29.84 19.68
CA HIS A 116 -19.87 31.21 19.29
C HIS A 116 -19.95 32.15 20.51
N ASP A 1 -16.38 7.29 3.03
CA ASP A 1 -15.97 8.37 2.09
C ASP A 1 -15.24 7.79 0.87
N VAL A 2 -14.01 7.34 1.06
CA VAL A 2 -13.11 6.74 0.05
C VAL A 2 -13.34 5.26 -0.10
N ILE A 3 -13.05 4.75 -1.30
CA ILE A 3 -12.90 3.34 -1.67
C ILE A 3 -11.44 3.28 -2.16
N ILE A 4 -10.50 2.94 -1.27
CA ILE A 4 -9.06 3.06 -1.45
C ILE A 4 -8.55 2.11 -2.57
N LYS A 5 -7.48 2.50 -3.27
CA LYS A 5 -6.87 1.73 -4.37
C LYS A 5 -5.35 1.84 -4.42
N PRO A 6 -4.67 0.83 -4.99
CA PRO A 6 -3.21 0.74 -4.97
C PRO A 6 -2.55 1.62 -6.05
N GLN A 7 -1.30 2.04 -5.81
CA GLN A 7 -0.55 2.87 -6.76
C GLN A 7 0.09 2.09 -7.94
N VAL A 8 0.12 0.76 -7.87
CA VAL A 8 0.62 -0.15 -8.93
C VAL A 8 -0.24 -1.42 -8.98
N SER A 9 -0.08 -2.21 -10.03
CA SER A 9 -0.72 -3.54 -10.17
C SER A 9 0.23 -4.68 -9.74
N GLY A 10 -0.33 -5.88 -9.50
CA GLY A 10 0.34 -7.03 -8.89
C GLY A 10 -0.61 -7.68 -7.97
N VAL A 11 -0.09 -7.97 -6.81
CA VAL A 11 -0.76 -8.81 -5.87
C VAL A 11 -0.41 -8.35 -4.44
N ILE A 12 -1.37 -8.46 -3.52
CA ILE A 12 -1.14 -8.14 -2.09
C ILE A 12 -0.08 -9.06 -1.43
N VAL A 13 0.71 -8.50 -0.50
CA VAL A 13 1.82 -9.16 0.24
C VAL A 13 1.69 -9.01 1.75
N ASN A 14 1.14 -7.89 2.23
CA ASN A 14 0.89 -7.64 3.66
C ASN A 14 -0.31 -6.71 3.85
N LYS A 15 -0.87 -6.74 5.06
CA LYS A 15 -2.03 -6.00 5.53
C LYS A 15 -1.64 -5.28 6.82
N LEU A 16 -1.19 -4.03 6.67
CA LEU A 16 -0.71 -3.21 7.77
C LEU A 16 -1.85 -2.77 8.69
N PHE A 17 -2.91 -2.26 8.06
CA PHE A 17 -4.15 -1.88 8.71
C PHE A 17 -4.97 -3.11 9.15
N LYS A 18 -6.13 -2.87 9.74
CA LYS A 18 -7.07 -3.91 10.20
C LYS A 18 -8.52 -3.55 9.84
N ALA A 19 -9.27 -4.56 9.40
CA ALA A 19 -10.69 -4.49 9.09
C ALA A 19 -11.52 -3.96 10.28
N GLY A 20 -11.92 -2.68 10.21
CA GLY A 20 -12.75 -1.99 11.20
C GLY A 20 -12.00 -1.02 12.13
N ASP A 21 -10.66 -0.97 12.09
CA ASP A 21 -9.83 -0.13 12.98
C ASP A 21 -9.78 1.37 12.57
N LYS A 22 -8.67 2.06 12.85
CA LYS A 22 -8.44 3.49 12.63
C LYS A 22 -7.22 3.72 11.74
N VAL A 23 -7.12 4.91 11.15
CA VAL A 23 -5.97 5.35 10.34
C VAL A 23 -5.58 6.79 10.64
N LYS A 24 -4.28 7.06 10.76
CA LYS A 24 -3.69 8.38 10.75
C LYS A 24 -3.65 8.87 9.29
N LYS A 25 -3.64 10.19 9.06
CA LYS A 25 -3.52 10.91 7.75
C LYS A 25 -2.28 10.56 6.92
N GLY A 26 -2.30 9.32 6.42
CA GLY A 26 -1.30 8.70 5.53
C GLY A 26 -0.59 7.49 6.11
N GLN A 27 -1.10 6.88 7.16
CA GLN A 27 -0.58 5.58 7.60
C GLN A 27 -0.60 4.54 6.47
N THR A 28 0.39 3.66 6.49
CA THR A 28 0.53 2.53 5.55
C THR A 28 -0.52 1.44 5.82
N LEU A 29 -1.09 0.92 4.74
CA LEU A 29 -2.28 0.05 4.72
C LEU A 29 -2.00 -1.33 4.09
N PHE A 30 -1.29 -1.38 2.97
CA PHE A 30 -0.95 -2.62 2.24
C PHE A 30 0.46 -2.59 1.65
N ILE A 31 0.88 -3.77 1.19
CA ILE A 31 2.11 -4.01 0.42
C ILE A 31 1.73 -4.85 -0.80
N ILE A 32 2.35 -4.62 -1.94
CA ILE A 32 2.15 -5.32 -3.21
C ILE A 32 3.45 -5.83 -3.79
N GLU A 33 3.34 -6.88 -4.59
CA GLU A 33 4.39 -7.44 -5.41
C GLU A 33 4.05 -7.26 -6.88
N GLN A 34 4.81 -6.40 -7.57
CA GLN A 34 4.68 -6.14 -9.02
C GLN A 34 5.14 -7.29 -9.91
N ASP A 35 5.95 -8.18 -9.35
CA ASP A 35 6.61 -9.37 -9.90
C ASP A 35 7.53 -9.17 -11.12
N GLN A 36 7.25 -8.24 -12.03
CA GLN A 36 7.93 -8.17 -13.33
C GLN A 36 7.99 -6.81 -14.06
N ALA A 37 7.89 -5.67 -13.35
CA ALA A 37 8.10 -4.35 -13.96
C ALA A 37 9.53 -4.20 -14.53
N SER A 38 10.54 -4.81 -13.89
CA SER A 38 11.91 -4.90 -14.40
C SER A 38 12.23 -6.23 -15.10
N LYS A 39 11.56 -7.34 -14.74
CA LYS A 39 11.80 -8.69 -15.32
C LYS A 39 11.42 -8.80 -16.81
N ASP A 40 10.65 -7.85 -17.34
CA ASP A 40 10.43 -7.70 -18.79
C ASP A 40 11.41 -6.67 -19.40
N PHE A 41 11.70 -5.59 -18.68
CA PHE A 41 12.60 -4.51 -19.10
C PHE A 41 14.07 -4.96 -19.30
N ASN A 42 14.53 -5.93 -18.50
CA ASN A 42 15.92 -6.41 -18.53
C ASN A 42 16.22 -7.44 -19.63
N ARG A 43 15.20 -7.94 -20.34
CA ARG A 43 15.35 -9.13 -21.20
C ARG A 43 16.47 -9.04 -22.25
N SER A 44 16.59 -7.90 -22.92
CA SER A 44 17.68 -7.62 -23.89
C SER A 44 18.98 -7.19 -23.20
N LYS A 45 18.91 -6.63 -21.98
CA LYS A 45 20.05 -6.16 -21.18
C LYS A 45 20.88 -7.30 -20.57
N ALA A 46 20.34 -8.52 -20.54
CA ALA A 46 21.00 -9.75 -20.11
C ALA A 46 22.20 -10.19 -20.99
N LEU A 47 22.44 -9.52 -22.12
CA LEU A 47 23.65 -9.68 -22.95
C LEU A 47 24.94 -9.28 -22.20
N PHE A 48 26.07 -9.47 -22.88
CA PHE A 48 27.45 -9.18 -22.49
C PHE A 48 27.67 -8.04 -21.47
N SER A 49 27.03 -6.89 -21.69
CA SER A 49 27.23 -5.68 -20.88
C SER A 49 26.77 -5.82 -19.40
N GLN A 50 26.04 -6.91 -19.06
CA GLN A 50 25.59 -7.26 -17.72
C GLN A 50 26.72 -7.35 -16.66
N SER A 51 28.00 -7.42 -17.04
CA SER A 51 29.16 -7.34 -16.12
C SER A 51 29.16 -6.09 -15.20
N ALA A 52 28.58 -4.96 -15.64
CA ALA A 52 28.38 -3.78 -14.79
C ALA A 52 27.16 -3.87 -13.87
N ILE A 53 26.22 -4.76 -14.19
CA ILE A 53 24.88 -4.94 -13.65
C ILE A 53 23.99 -3.76 -14.08
N SER A 54 23.03 -4.05 -14.96
CA SER A 54 22.20 -3.04 -15.65
C SER A 54 21.37 -2.18 -14.68
N GLN A 55 20.99 -0.97 -15.09
CA GLN A 55 20.28 0.04 -14.25
C GLN A 55 18.90 -0.38 -13.73
N LYS A 56 18.38 -1.53 -14.16
CA LYS A 56 17.09 -2.08 -13.71
C LYS A 56 17.23 -3.51 -13.16
N GLU A 57 18.48 -3.97 -13.02
CA GLU A 57 18.91 -5.21 -12.37
C GLU A 57 19.67 -4.95 -11.06
N TYR A 58 20.61 -4.00 -11.06
CA TYR A 58 21.53 -3.71 -9.95
C TYR A 58 20.83 -3.28 -8.64
N ASP A 59 19.61 -2.75 -8.75
CA ASP A 59 18.75 -2.37 -7.63
C ASP A 59 18.23 -3.57 -6.82
N SER A 60 18.40 -4.81 -7.30
CA SER A 60 18.17 -6.03 -6.50
C SER A 60 19.07 -6.13 -5.26
N SER A 61 20.22 -5.43 -5.25
CA SER A 61 21.07 -5.28 -4.06
C SER A 61 20.62 -4.15 -3.12
N LEU A 62 19.79 -3.21 -3.60
CA LEU A 62 19.33 -2.01 -2.91
C LEU A 62 17.91 -2.11 -2.34
N ALA A 63 17.05 -2.92 -2.98
CA ALA A 63 15.60 -2.97 -2.76
C ALA A 63 15.03 -4.40 -2.91
N THR A 64 13.74 -4.56 -2.61
CA THR A 64 13.03 -5.85 -2.48
C THR A 64 12.53 -6.39 -3.82
N LEU A 65 11.74 -7.48 -3.78
CA LEU A 65 11.22 -8.26 -4.92
C LEU A 65 10.12 -7.53 -5.74
N ASP A 66 10.42 -6.32 -6.22
CA ASP A 66 9.50 -5.40 -6.91
C ASP A 66 8.30 -5.00 -6.04
N HIS A 67 8.53 -4.84 -4.73
CA HIS A 67 7.47 -4.48 -3.79
C HIS A 67 7.12 -2.99 -3.79
N THR A 68 5.84 -2.67 -3.54
CA THR A 68 5.36 -1.28 -3.42
C THR A 68 4.33 -1.17 -2.30
N GLU A 69 4.38 -0.09 -1.50
CA GLU A 69 3.50 0.14 -0.35
C GLU A 69 2.30 1.02 -0.73
N ILE A 70 1.19 0.88 0.02
CA ILE A 70 -0.07 1.58 -0.19
C ILE A 70 -0.46 2.24 1.13
N LYS A 71 -0.91 3.50 1.08
CA LYS A 71 -1.12 4.37 2.25
C LYS A 71 -2.47 5.09 2.19
N ALA A 72 -3.05 5.42 3.35
CA ALA A 72 -4.31 6.15 3.46
C ALA A 72 -4.22 7.55 2.82
N PRO A 73 -5.36 8.13 2.39
CA PRO A 73 -5.37 9.55 2.02
C PRO A 73 -5.42 10.45 3.26
N PHE A 74 -6.20 10.05 4.28
CA PHE A 74 -6.50 10.85 5.46
C PHE A 74 -6.98 10.11 6.71
N ASP A 75 -6.91 10.89 7.80
CA ASP A 75 -7.30 10.53 9.16
C ASP A 75 -8.77 10.13 9.32
N GLY A 76 -9.03 9.04 10.03
CA GLY A 76 -10.38 8.53 10.27
C GLY A 76 -10.45 7.06 10.67
N THR A 77 -11.54 6.43 10.25
CA THR A 77 -11.84 5.00 10.41
C THR A 77 -11.74 4.30 9.07
N ILE A 78 -11.59 2.98 9.12
CA ILE A 78 -11.37 2.17 7.94
C ILE A 78 -12.23 0.91 8.02
N GLY A 79 -12.90 0.57 6.91
CA GLY A 79 -13.93 -0.47 6.87
C GLY A 79 -13.36 -1.88 6.86
N ASP A 80 -14.21 -2.88 6.64
CA ASP A 80 -13.76 -4.23 6.35
C ASP A 80 -12.96 -4.30 5.06
N ALA A 81 -11.79 -4.91 5.16
CA ALA A 81 -10.90 -5.20 4.04
C ALA A 81 -11.63 -6.02 2.95
N LEU A 82 -11.21 -5.84 1.69
CA LEU A 82 -11.81 -6.46 0.51
C LEU A 82 -10.81 -7.34 -0.26
N VAL A 83 -9.58 -7.48 0.25
CA VAL A 83 -8.43 -8.17 -0.37
C VAL A 83 -7.55 -8.85 0.68
N ASN A 84 -6.79 -9.85 0.26
CA ASN A 84 -5.87 -10.64 1.05
C ASN A 84 -4.61 -10.93 0.25
N ILE A 85 -3.59 -11.44 0.94
CA ILE A 85 -2.27 -11.80 0.42
C ILE A 85 -2.42 -12.87 -0.68
N GLY A 86 -2.33 -12.47 -1.96
CA GLY A 86 -2.55 -13.36 -3.09
C GLY A 86 -3.73 -12.93 -3.96
N ASP A 87 -4.59 -12.02 -3.48
CA ASP A 87 -5.58 -11.39 -4.34
C ASP A 87 -4.84 -10.55 -5.39
N TYR A 88 -5.17 -10.84 -6.65
CA TYR A 88 -4.64 -10.09 -7.78
C TYR A 88 -5.27 -8.70 -7.81
N VAL A 89 -4.45 -7.71 -7.46
CA VAL A 89 -4.90 -6.29 -7.51
C VAL A 89 -4.26 -5.44 -8.61
N SER A 90 -5.02 -4.44 -9.08
CA SER A 90 -4.62 -3.54 -10.16
C SER A 90 -4.99 -2.10 -9.82
N ALA A 91 -4.19 -1.14 -10.31
CA ALA A 91 -4.15 0.25 -9.85
C ALA A 91 -5.41 1.11 -9.83
N SER A 92 -6.40 0.78 -10.65
CA SER A 92 -7.74 1.35 -10.47
C SER A 92 -8.85 0.29 -10.53
N THR A 93 -8.48 -0.97 -10.74
CA THR A 93 -9.39 -2.07 -11.10
C THR A 93 -9.87 -2.91 -9.91
N THR A 94 -9.21 -2.79 -8.77
CA THR A 94 -9.36 -3.65 -7.61
C THR A 94 -9.24 -2.82 -6.36
N GLU A 95 -10.33 -2.86 -5.61
CA GLU A 95 -10.65 -1.96 -4.53
C GLU A 95 -10.40 -2.68 -3.20
N LEU A 96 -9.48 -2.10 -2.44
CA LEU A 96 -8.83 -2.75 -1.29
C LEU A 96 -9.64 -2.72 0.01
N VAL A 97 -10.34 -1.60 0.28
CA VAL A 97 -11.12 -1.26 1.47
C VAL A 97 -11.71 0.14 1.29
N ARG A 98 -12.53 0.62 2.23
CA ARG A 98 -12.99 2.01 2.32
C ARG A 98 -12.39 2.79 3.49
N VAL A 99 -12.13 4.09 3.32
CA VAL A 99 -11.59 4.97 4.39
C VAL A 99 -12.59 6.08 4.63
N THR A 100 -12.89 6.36 5.90
CA THR A 100 -14.01 7.23 6.28
C THR A 100 -13.69 8.15 7.47
N ASN A 101 -13.70 9.47 7.25
CA ASN A 101 -13.31 10.45 8.28
C ASN A 101 -14.36 10.51 9.42
N LEU A 102 -13.87 10.63 10.66
CA LEU A 102 -14.72 10.84 11.84
C LEU A 102 -15.15 12.32 11.92
N ASN A 103 -14.22 13.22 12.23
CA ASN A 103 -14.36 14.68 12.09
C ASN A 103 -13.07 15.25 11.48
N PRO A 104 -13.09 16.45 10.85
CA PRO A 104 -11.97 16.98 10.06
C PRO A 104 -10.90 17.71 10.92
N ILE A 105 -10.77 17.26 12.16
CA ILE A 105 -10.02 17.90 13.26
C ILE A 105 -9.19 16.93 14.13
N TYR A 106 -9.20 15.62 13.82
CA TYR A 106 -8.52 14.59 14.60
C TYR A 106 -7.00 14.78 14.60
N ALA A 107 -6.43 15.07 15.78
CA ALA A 107 -5.03 15.40 16.01
C ALA A 107 -4.60 15.10 17.46
N ASP A 108 -3.30 15.27 17.75
CA ASP A 108 -2.71 15.03 19.06
C ASP A 108 -1.77 16.17 19.48
N GLY A 109 -1.73 16.49 20.78
CA GLY A 109 -0.98 17.61 21.36
C GLY A 109 -1.28 17.84 22.86
N SER A 110 -0.80 18.96 23.39
CA SER A 110 -1.00 19.39 24.79
C SER A 110 -1.12 20.92 24.92
N HIS A 111 -1.66 21.38 26.05
CA HIS A 111 -1.97 22.80 26.33
C HIS A 111 -1.49 23.30 27.70
N HIS A 112 -1.16 22.39 28.62
CA HIS A 112 -0.56 22.66 29.93
C HIS A 112 0.34 21.48 30.37
N HIS A 113 1.27 21.75 31.29
CA HIS A 113 2.34 20.82 31.69
C HIS A 113 2.54 20.75 33.21
N HIS A 114 1.47 21.07 33.97
CA HIS A 114 1.33 20.90 35.43
C HIS A 114 2.24 21.78 36.30
N HIS A 115 2.98 22.72 35.70
CA HIS A 115 3.74 23.77 36.40
C HIS A 115 2.81 24.82 37.04
N HIS A 116 3.34 25.56 38.03
CA HIS A 116 2.67 26.63 38.79
C HIS A 116 3.63 27.76 39.15
N ASP A 1 -17.27 9.11 0.93
CA ASP A 1 -16.29 8.12 1.47
C ASP A 1 -15.25 7.77 0.42
N VAL A 2 -14.03 7.39 0.84
CA VAL A 2 -13.00 6.83 -0.05
C VAL A 2 -13.19 5.34 -0.21
N ILE A 3 -12.87 4.85 -1.41
CA ILE A 3 -12.68 3.45 -1.76
C ILE A 3 -11.19 3.42 -2.13
N ILE A 4 -10.31 3.08 -1.19
CA ILE A 4 -8.86 3.20 -1.34
C ILE A 4 -8.36 2.26 -2.46
N LYS A 5 -7.31 2.64 -3.17
CA LYS A 5 -6.75 1.88 -4.30
C LYS A 5 -5.22 1.96 -4.41
N PRO A 6 -4.58 0.94 -5.01
CA PRO A 6 -3.13 0.83 -5.06
C PRO A 6 -2.50 1.67 -6.17
N GLN A 7 -1.27 2.16 -5.96
CA GLN A 7 -0.53 2.98 -6.93
C GLN A 7 0.08 2.18 -8.10
N VAL A 8 0.08 0.83 -8.02
CA VAL A 8 0.55 -0.11 -9.06
C VAL A 8 -0.34 -1.36 -9.11
N SER A 9 -0.16 -2.22 -10.11
CA SER A 9 -0.77 -3.55 -10.18
C SER A 9 0.20 -4.67 -9.73
N GLY A 10 -0.35 -5.86 -9.45
CA GLY A 10 0.34 -6.99 -8.82
C GLY A 10 -0.61 -7.67 -7.92
N VAL A 11 -0.11 -7.94 -6.74
CA VAL A 11 -0.77 -8.79 -5.81
C VAL A 11 -0.40 -8.36 -4.39
N ILE A 12 -1.35 -8.46 -3.47
CA ILE A 12 -1.12 -8.15 -2.04
C ILE A 12 -0.06 -9.06 -1.39
N VAL A 13 0.74 -8.50 -0.47
CA VAL A 13 1.87 -9.15 0.25
C VAL A 13 1.73 -9.02 1.77
N ASN A 14 1.21 -7.89 2.26
CA ASN A 14 0.96 -7.64 3.68
C ASN A 14 -0.24 -6.71 3.86
N LYS A 15 -0.80 -6.74 5.07
CA LYS A 15 -1.96 -6.00 5.56
C LYS A 15 -1.55 -5.28 6.84
N LEU A 16 -1.13 -4.04 6.70
CA LEU A 16 -0.64 -3.20 7.79
C LEU A 16 -1.76 -2.75 8.72
N PHE A 17 -2.87 -2.36 8.10
CA PHE A 17 -4.09 -1.93 8.78
C PHE A 17 -4.93 -3.13 9.28
N LYS A 18 -6.08 -2.82 9.89
CA LYS A 18 -7.08 -3.80 10.37
C LYS A 18 -8.49 -3.43 9.91
N ALA A 19 -9.21 -4.43 9.43
CA ALA A 19 -10.63 -4.33 9.06
C ALA A 19 -11.48 -3.82 10.24
N GLY A 20 -12.06 -2.63 10.08
CA GLY A 20 -12.95 -1.99 11.06
C GLY A 20 -12.26 -1.01 12.03
N ASP A 21 -10.92 -0.92 12.06
CA ASP A 21 -10.17 -0.09 13.00
C ASP A 21 -10.01 1.39 12.54
N LYS A 22 -8.94 2.07 12.97
CA LYS A 22 -8.60 3.46 12.60
C LYS A 22 -7.31 3.53 11.78
N VAL A 23 -7.11 4.70 11.16
CA VAL A 23 -5.92 5.07 10.37
C VAL A 23 -5.57 6.55 10.56
N LYS A 24 -4.29 6.87 10.78
CA LYS A 24 -3.78 8.23 10.74
C LYS A 24 -3.76 8.74 9.29
N LYS A 25 -3.72 10.07 9.10
CA LYS A 25 -3.49 10.80 7.82
C LYS A 25 -2.19 10.38 7.10
N GLY A 26 -2.25 9.20 6.49
CA GLY A 26 -1.23 8.62 5.62
C GLY A 26 -0.50 7.42 6.20
N GLN A 27 -1.05 6.77 7.24
CA GLN A 27 -0.52 5.49 7.67
C GLN A 27 -0.55 4.44 6.53
N THR A 28 0.47 3.61 6.49
CA THR A 28 0.62 2.48 5.56
C THR A 28 -0.44 1.41 5.83
N LEU A 29 -1.03 0.89 4.75
CA LEU A 29 -2.21 0.03 4.73
C LEU A 29 -1.95 -1.34 4.09
N PHE A 30 -1.25 -1.36 2.94
CA PHE A 30 -0.91 -2.61 2.22
C PHE A 30 0.49 -2.58 1.62
N ILE A 31 0.94 -3.76 1.18
CA ILE A 31 2.17 -3.99 0.41
C ILE A 31 1.80 -4.85 -0.79
N ILE A 32 2.41 -4.59 -1.95
CA ILE A 32 2.20 -5.29 -3.22
C ILE A 32 3.50 -5.78 -3.80
N GLU A 33 3.41 -6.87 -4.56
CA GLU A 33 4.46 -7.42 -5.39
C GLU A 33 4.06 -7.32 -6.87
N GLN A 34 4.80 -6.50 -7.61
CA GLN A 34 4.51 -6.18 -9.02
C GLN A 34 4.53 -7.39 -9.95
N ASP A 35 5.52 -8.25 -9.71
CA ASP A 35 5.78 -9.50 -10.42
C ASP A 35 6.81 -10.36 -9.68
N GLN A 36 6.95 -11.63 -10.09
CA GLN A 36 7.88 -12.59 -9.47
C GLN A 36 8.69 -13.42 -10.48
N ALA A 37 8.77 -13.01 -11.74
CA ALA A 37 9.33 -13.80 -12.84
C ALA A 37 10.82 -14.13 -12.63
N SER A 38 11.61 -13.18 -12.13
CA SER A 38 13.03 -13.35 -11.79
C SER A 38 13.28 -13.81 -10.35
N LYS A 39 12.24 -13.89 -9.51
CA LYS A 39 12.38 -14.11 -8.06
C LYS A 39 12.99 -15.48 -7.72
N ASP A 40 12.57 -16.52 -8.43
CA ASP A 40 13.19 -17.87 -8.34
C ASP A 40 14.51 -17.97 -9.10
N PHE A 41 14.62 -17.26 -10.22
CA PHE A 41 15.70 -17.39 -11.20
C PHE A 41 17.01 -16.70 -10.80
N ASN A 42 16.93 -15.50 -10.22
CA ASN A 42 18.10 -14.69 -9.86
C ASN A 42 18.82 -15.17 -8.61
N ARG A 43 18.06 -15.66 -7.62
CA ARG A 43 18.57 -15.92 -6.27
C ARG A 43 19.75 -16.92 -6.19
N SER A 44 19.82 -17.88 -7.12
CA SER A 44 20.89 -18.88 -7.22
C SER A 44 22.30 -18.27 -7.36
N LYS A 45 22.41 -17.04 -7.88
CA LYS A 45 23.67 -16.28 -7.98
C LYS A 45 24.36 -16.05 -6.62
N ALA A 46 23.64 -16.10 -5.51
CA ALA A 46 24.19 -15.95 -4.16
C ALA A 46 25.28 -16.99 -3.80
N LEU A 47 25.30 -18.13 -4.52
CA LEU A 47 26.33 -19.17 -4.38
C LEU A 47 27.74 -18.74 -4.81
N PHE A 48 27.86 -17.85 -5.82
CA PHE A 48 29.16 -17.59 -6.47
C PHE A 48 29.33 -16.25 -7.23
N SER A 49 28.26 -15.49 -7.48
CA SER A 49 28.30 -14.33 -8.40
C SER A 49 27.62 -13.05 -7.89
N GLN A 50 26.60 -13.15 -7.03
CA GLN A 50 25.90 -11.98 -6.47
C GLN A 50 26.82 -11.10 -5.59
N SER A 51 27.90 -11.67 -5.06
CA SER A 51 28.95 -11.00 -4.28
C SER A 51 29.84 -10.05 -5.09
N ALA A 52 29.75 -10.04 -6.43
CA ALA A 52 30.46 -9.08 -7.28
C ALA A 52 29.81 -7.68 -7.27
N ILE A 53 30.12 -6.86 -8.28
CA ILE A 53 29.62 -5.48 -8.45
C ILE A 53 29.08 -5.23 -9.87
N SER A 54 28.78 -6.29 -10.62
CA SER A 54 28.06 -6.20 -11.90
C SER A 54 26.66 -5.60 -11.71
N GLN A 55 26.21 -4.78 -12.67
CA GLN A 55 25.02 -3.91 -12.59
C GLN A 55 23.66 -4.56 -12.31
N LYS A 56 23.59 -5.90 -12.28
CA LYS A 56 22.36 -6.65 -12.03
C LYS A 56 22.51 -7.68 -10.89
N GLU A 57 23.71 -7.72 -10.29
CA GLU A 57 24.10 -8.52 -9.13
C GLU A 57 24.24 -7.64 -7.87
N TYR A 58 24.89 -6.48 -8.02
CA TYR A 58 25.28 -5.58 -6.92
C TYR A 58 24.10 -5.00 -6.10
N ASP A 59 22.91 -4.91 -6.71
CA ASP A 59 21.75 -4.20 -6.18
C ASP A 59 20.98 -4.93 -5.06
N SER A 60 21.41 -6.13 -4.67
CA SER A 60 20.79 -6.94 -3.60
C SER A 60 20.67 -6.22 -2.25
N SER A 61 21.55 -5.24 -1.96
CA SER A 61 21.51 -4.38 -0.76
C SER A 61 20.97 -2.96 -1.03
N LEU A 62 20.79 -2.56 -2.30
CA LEU A 62 20.28 -1.25 -2.72
C LEU A 62 18.75 -1.24 -2.95
N ALA A 63 18.15 -2.41 -3.22
CA ALA A 63 16.76 -2.57 -3.65
C ALA A 63 16.08 -3.81 -3.05
N THR A 64 14.80 -4.03 -3.40
CA THR A 64 13.95 -5.13 -2.90
C THR A 64 13.25 -5.87 -4.05
N LEU A 65 12.48 -6.91 -3.70
CA LEU A 65 11.83 -7.88 -4.59
C LEU A 65 10.56 -7.32 -5.25
N ASP A 66 10.71 -6.21 -5.97
CA ASP A 66 9.69 -5.61 -6.83
C ASP A 66 8.41 -5.22 -6.07
N HIS A 67 8.56 -4.77 -4.81
CA HIS A 67 7.44 -4.37 -3.97
C HIS A 67 7.07 -2.88 -4.08
N THR A 68 5.81 -2.56 -3.76
CA THR A 68 5.33 -1.18 -3.59
C THR A 68 4.32 -1.11 -2.45
N GLU A 69 4.32 -0.02 -1.67
CA GLU A 69 3.45 0.16 -0.51
C GLU A 69 2.27 1.09 -0.80
N ILE A 70 1.20 0.95 -0.02
CA ILE A 70 -0.07 1.68 -0.18
C ILE A 70 -0.42 2.30 1.17
N LYS A 71 -0.89 3.55 1.19
CA LYS A 71 -1.15 4.36 2.39
C LYS A 71 -2.49 5.10 2.34
N ALA A 72 -3.06 5.43 3.49
CA ALA A 72 -4.32 6.19 3.60
C ALA A 72 -4.22 7.59 2.98
N PRO A 73 -5.34 8.19 2.53
CA PRO A 73 -5.35 9.60 2.15
C PRO A 73 -5.40 10.51 3.39
N PHE A 74 -6.21 10.12 4.39
CA PHE A 74 -6.49 10.90 5.60
C PHE A 74 -6.92 10.14 6.85
N ASP A 75 -6.82 10.88 7.96
CA ASP A 75 -7.16 10.47 9.32
C ASP A 75 -8.65 10.10 9.44
N GLY A 76 -8.92 8.95 10.04
CA GLY A 76 -10.27 8.43 10.15
C GLY A 76 -10.40 6.98 10.59
N THR A 77 -11.53 6.41 10.22
CA THR A 77 -11.90 5.00 10.41
C THR A 77 -11.81 4.28 9.08
N ILE A 78 -11.73 2.96 9.11
CA ILE A 78 -11.53 2.16 7.92
C ILE A 78 -12.44 0.93 7.94
N GLY A 79 -13.01 0.59 6.79
CA GLY A 79 -14.03 -0.46 6.66
C GLY A 79 -13.45 -1.87 6.70
N ASP A 80 -14.28 -2.86 6.38
CA ASP A 80 -13.81 -4.21 6.12
C ASP A 80 -12.96 -4.26 4.84
N ALA A 81 -11.79 -4.88 4.99
CA ALA A 81 -10.88 -5.16 3.90
C ALA A 81 -11.56 -5.96 2.76
N LEU A 82 -11.25 -5.60 1.52
CA LEU A 82 -11.76 -6.27 0.31
C LEU A 82 -10.76 -7.30 -0.27
N VAL A 83 -9.53 -7.36 0.27
CA VAL A 83 -8.38 -8.09 -0.30
C VAL A 83 -7.52 -8.76 0.77
N ASN A 84 -6.77 -9.78 0.36
CA ASN A 84 -5.85 -10.57 1.15
C ASN A 84 -4.59 -10.89 0.36
N ILE A 85 -3.58 -11.41 1.05
CA ILE A 85 -2.27 -11.78 0.53
C ILE A 85 -2.42 -12.85 -0.57
N GLY A 86 -2.30 -12.46 -1.83
CA GLY A 86 -2.51 -13.36 -2.97
C GLY A 86 -3.69 -12.95 -3.84
N ASP A 87 -4.55 -12.02 -3.37
CA ASP A 87 -5.54 -11.42 -4.25
C ASP A 87 -4.81 -10.60 -5.32
N TYR A 88 -5.11 -10.91 -6.58
CA TYR A 88 -4.56 -10.19 -7.71
C TYR A 88 -5.21 -8.81 -7.79
N VAL A 89 -4.44 -7.78 -7.43
CA VAL A 89 -4.94 -6.39 -7.50
C VAL A 89 -4.34 -5.52 -8.62
N SER A 90 -5.11 -4.53 -9.06
CA SER A 90 -4.76 -3.62 -10.16
C SER A 90 -5.16 -2.17 -9.81
N ALA A 91 -4.39 -1.20 -10.34
CA ALA A 91 -4.34 0.19 -9.89
C ALA A 91 -5.62 1.02 -9.76
N SER A 92 -6.69 0.68 -10.47
CA SER A 92 -8.02 1.21 -10.14
C SER A 92 -9.12 0.14 -10.20
N THR A 93 -8.72 -1.10 -10.46
CA THR A 93 -9.61 -2.20 -10.91
C THR A 93 -10.13 -3.15 -9.83
N THR A 94 -9.57 -3.16 -8.61
CA THR A 94 -9.81 -4.26 -7.66
C THR A 94 -10.35 -3.85 -6.30
N GLU A 95 -10.03 -2.63 -5.88
CA GLU A 95 -10.50 -1.95 -4.67
C GLU A 95 -10.12 -2.71 -3.38
N LEU A 96 -9.39 -2.02 -2.51
CA LEU A 96 -8.71 -2.66 -1.37
C LEU A 96 -9.51 -2.64 -0.06
N VAL A 97 -10.22 -1.54 0.19
CA VAL A 97 -11.05 -1.23 1.37
C VAL A 97 -11.65 0.18 1.18
N ARG A 98 -12.46 0.67 2.14
CA ARG A 98 -12.93 2.06 2.22
C ARG A 98 -12.33 2.82 3.40
N VAL A 99 -12.08 4.13 3.26
CA VAL A 99 -11.57 5.01 4.34
C VAL A 99 -12.59 6.10 4.59
N THR A 100 -12.88 6.38 5.87
CA THR A 100 -13.98 7.26 6.25
C THR A 100 -13.62 8.15 7.45
N ASN A 101 -13.57 9.47 7.24
CA ASN A 101 -13.09 10.44 8.24
C ASN A 101 -13.90 10.33 9.53
N LEU A 102 -13.25 10.48 10.69
CA LEU A 102 -13.91 10.50 12.00
C LEU A 102 -14.88 11.68 12.16
N ASN A 103 -15.69 11.63 13.22
CA ASN A 103 -16.75 12.60 13.48
C ASN A 103 -16.22 14.04 13.71
N PRO A 104 -17.05 15.08 13.48
CA PRO A 104 -16.64 16.49 13.52
C PRO A 104 -16.97 17.18 14.86
N ILE A 105 -17.28 16.39 15.90
CA ILE A 105 -17.59 16.84 17.27
C ILE A 105 -16.42 17.50 18.00
N TYR A 106 -15.22 17.32 17.48
CA TYR A 106 -13.94 17.84 17.97
C TYR A 106 -13.74 19.33 17.60
N ALA A 107 -14.78 20.15 17.79
CA ALA A 107 -14.88 21.54 17.34
C ALA A 107 -14.56 21.75 15.84
N ASP A 108 -15.15 20.89 14.99
CA ASP A 108 -14.86 20.82 13.55
C ASP A 108 -16.11 20.78 12.65
N GLY A 109 -17.32 20.83 13.22
CA GLY A 109 -18.59 20.87 12.49
C GLY A 109 -19.85 20.56 13.30
N SER A 110 -19.74 19.85 14.43
CA SER A 110 -20.90 19.42 15.25
C SER A 110 -20.67 19.66 16.76
N HIS A 111 -20.20 20.86 17.10
CA HIS A 111 -20.06 21.36 18.47
C HIS A 111 -20.35 22.87 18.54
N HIS A 112 -20.89 23.32 19.67
CA HIS A 112 -21.27 24.72 19.95
C HIS A 112 -21.30 24.99 21.47
N HIS A 113 -21.57 26.24 21.86
CA HIS A 113 -21.76 26.65 23.25
C HIS A 113 -22.86 27.70 23.39
N HIS A 114 -23.77 27.51 24.35
CA HIS A 114 -25.01 28.30 24.51
C HIS A 114 -25.57 28.36 25.95
N HIS A 115 -24.82 27.88 26.95
CA HIS A 115 -25.34 27.64 28.32
C HIS A 115 -24.55 28.30 29.47
N HIS A 116 -23.51 29.09 29.18
CA HIS A 116 -22.75 29.88 30.17
C HIS A 116 -22.20 31.18 29.57
N ASP A 1 -16.43 7.48 2.78
CA ASP A 1 -15.87 8.50 1.86
C ASP A 1 -15.14 7.82 0.69
N VAL A 2 -13.94 7.32 0.93
CA VAL A 2 -13.03 6.68 -0.04
C VAL A 2 -13.23 5.19 -0.12
N ILE A 3 -12.96 4.63 -1.29
CA ILE A 3 -12.78 3.20 -1.56
C ILE A 3 -11.35 3.12 -2.10
N ILE A 4 -10.38 2.91 -1.20
CA ILE A 4 -8.94 3.04 -1.41
C ILE A 4 -8.43 2.07 -2.49
N LYS A 5 -7.36 2.46 -3.20
CA LYS A 5 -6.78 1.72 -4.34
C LYS A 5 -5.26 1.81 -4.42
N PRO A 6 -4.61 0.80 -5.02
CA PRO A 6 -3.16 0.73 -5.14
C PRO A 6 -2.59 1.67 -6.22
N GLN A 7 -1.28 1.95 -6.14
CA GLN A 7 -0.55 2.81 -7.09
C GLN A 7 0.17 2.03 -8.22
N VAL A 8 0.13 0.69 -8.18
CA VAL A 8 0.65 -0.25 -9.19
C VAL A 8 -0.31 -1.45 -9.32
N SER A 9 0.03 -2.42 -10.18
CA SER A 9 -0.69 -3.70 -10.31
C SER A 9 0.20 -4.90 -9.98
N GLY A 10 -0.43 -6.02 -9.59
CA GLY A 10 0.19 -7.22 -9.03
C GLY A 10 -0.75 -7.84 -8.05
N VAL A 11 -0.20 -8.06 -6.87
CA VAL A 11 -0.84 -8.89 -5.90
C VAL A 11 -0.45 -8.45 -4.49
N ILE A 12 -1.38 -8.53 -3.55
CA ILE A 12 -1.12 -8.21 -2.13
C ILE A 12 -0.04 -9.12 -1.50
N VAL A 13 0.77 -8.55 -0.59
CA VAL A 13 1.88 -9.21 0.14
C VAL A 13 1.75 -9.05 1.67
N ASN A 14 1.21 -7.93 2.14
CA ASN A 14 0.97 -7.68 3.56
C ASN A 14 -0.25 -6.77 3.76
N LYS A 15 -0.77 -6.79 4.99
CA LYS A 15 -1.93 -6.08 5.50
C LYS A 15 -1.50 -5.36 6.78
N LEU A 16 -1.12 -4.10 6.64
CA LEU A 16 -0.62 -3.28 7.74
C LEU A 16 -1.73 -2.85 8.70
N PHE A 17 -2.87 -2.45 8.11
CA PHE A 17 -4.06 -2.00 8.81
C PHE A 17 -4.91 -3.17 9.35
N LYS A 18 -6.03 -2.85 9.99
CA LYS A 18 -7.04 -3.79 10.50
C LYS A 18 -8.45 -3.45 10.03
N ALA A 19 -9.17 -4.46 9.58
CA ALA A 19 -10.57 -4.41 9.19
C ALA A 19 -11.46 -3.88 10.33
N GLY A 20 -11.92 -2.63 10.21
CA GLY A 20 -12.82 -1.97 11.16
C GLY A 20 -12.17 -0.94 12.10
N ASP A 21 -10.84 -0.81 12.10
CA ASP A 21 -10.08 0.04 13.03
C ASP A 21 -9.97 1.53 12.59
N LYS A 22 -8.86 2.20 12.92
CA LYS A 22 -8.59 3.62 12.69
C LYS A 22 -7.32 3.82 11.84
N VAL A 23 -7.17 5.00 11.26
CA VAL A 23 -5.99 5.41 10.46
C VAL A 23 -5.58 6.85 10.78
N LYS A 24 -4.27 7.13 10.80
CA LYS A 24 -3.70 8.48 10.85
C LYS A 24 -3.94 9.22 9.52
N LYS A 25 -3.40 10.43 9.37
CA LYS A 25 -3.40 11.30 8.16
C LYS A 25 -2.73 10.71 6.90
N GLY A 26 -2.82 9.39 6.68
CA GLY A 26 -2.16 8.67 5.59
C GLY A 26 -1.26 7.52 6.00
N GLN A 27 -1.58 6.83 7.11
CA GLN A 27 -0.84 5.62 7.52
C GLN A 27 -0.79 4.53 6.42
N THR A 28 0.24 3.69 6.44
CA THR A 28 0.44 2.55 5.53
C THR A 28 -0.60 1.45 5.81
N LEU A 29 -1.13 0.85 4.74
CA LEU A 29 -2.28 -0.05 4.73
C LEU A 29 -2.00 -1.42 4.10
N PHE A 30 -1.31 -1.45 2.96
CA PHE A 30 -0.97 -2.69 2.22
C PHE A 30 0.43 -2.65 1.60
N ILE A 31 0.86 -3.81 1.12
CA ILE A 31 2.08 -4.03 0.33
C ILE A 31 1.70 -4.90 -0.86
N ILE A 32 2.32 -4.66 -2.01
CA ILE A 32 2.12 -5.39 -3.27
C ILE A 32 3.43 -5.85 -3.85
N GLU A 33 3.40 -6.98 -4.52
CA GLU A 33 4.47 -7.46 -5.40
C GLU A 33 4.02 -7.21 -6.84
N GLN A 34 4.88 -6.57 -7.63
CA GLN A 34 4.69 -6.30 -9.06
C GLN A 34 4.78 -7.56 -9.95
N ASP A 35 4.30 -8.71 -9.44
CA ASP A 35 4.29 -10.05 -10.03
C ASP A 35 5.66 -10.53 -10.56
N GLN A 36 6.36 -11.27 -9.71
CA GLN A 36 7.72 -11.78 -9.96
C GLN A 36 7.86 -12.86 -11.06
N ALA A 37 6.79 -13.24 -11.77
CA ALA A 37 6.84 -14.22 -12.86
C ALA A 37 7.99 -13.97 -13.88
N SER A 38 8.27 -12.71 -14.23
CA SER A 38 9.37 -12.32 -15.14
C SER A 38 10.77 -12.51 -14.56
N LYS A 39 10.95 -12.50 -13.23
CA LYS A 39 12.28 -12.60 -12.59
C LYS A 39 12.94 -13.96 -12.83
N ASP A 40 12.17 -15.04 -12.92
CA ASP A 40 12.64 -16.37 -13.36
C ASP A 40 13.15 -16.39 -14.80
N PHE A 41 12.65 -15.47 -15.65
CA PHE A 41 12.86 -15.43 -17.09
C PHE A 41 13.82 -14.32 -17.57
N ASN A 42 14.17 -13.38 -16.68
CA ASN A 42 14.90 -12.13 -17.00
C ASN A 42 16.28 -12.30 -17.65
N ARG A 43 16.90 -13.49 -17.50
CA ARG A 43 18.32 -13.71 -17.79
C ARG A 43 18.80 -13.32 -19.19
N SER A 44 17.91 -13.34 -20.19
CA SER A 44 18.19 -12.84 -21.54
C SER A 44 18.56 -11.35 -21.58
N LYS A 45 17.95 -10.51 -20.73
CA LYS A 45 18.18 -9.05 -20.62
C LYS A 45 19.59 -8.70 -20.17
N ALA A 46 20.29 -9.61 -19.48
CA ALA A 46 21.70 -9.48 -19.14
C ALA A 46 22.66 -9.65 -20.36
N LEU A 47 22.13 -10.04 -21.53
CA LEU A 47 22.89 -10.33 -22.75
C LEU A 47 22.45 -9.49 -23.95
N PHE A 48 21.14 -9.35 -24.15
CA PHE A 48 20.53 -8.80 -25.35
C PHE A 48 19.09 -8.32 -25.08
N SER A 49 18.51 -7.53 -26.01
CA SER A 49 17.13 -7.02 -25.95
C SER A 49 16.74 -6.27 -24.65
N GLN A 50 17.73 -5.69 -23.96
CA GLN A 50 17.56 -4.97 -22.69
C GLN A 50 16.71 -3.68 -22.81
N SER A 51 16.43 -3.20 -24.03
CA SER A 51 15.72 -1.95 -24.34
C SER A 51 14.33 -1.78 -23.71
N ALA A 52 13.67 -2.88 -23.30
CA ALA A 52 12.44 -2.84 -22.50
C ALA A 52 12.61 -2.24 -21.08
N ILE A 53 13.85 -2.22 -20.57
CA ILE A 53 14.28 -1.85 -19.21
C ILE A 53 13.74 -2.79 -18.13
N SER A 54 12.42 -2.80 -17.91
CA SER A 54 11.74 -3.42 -16.79
C SER A 54 12.20 -2.87 -15.43
N GLN A 55 11.46 -1.86 -14.94
CA GLN A 55 11.69 -0.98 -13.77
C GLN A 55 11.94 -1.64 -12.40
N LYS A 56 11.96 -2.96 -12.36
CA LYS A 56 12.11 -3.84 -11.19
C LYS A 56 13.28 -4.83 -11.33
N GLU A 57 13.79 -4.99 -12.54
CA GLU A 57 14.87 -5.90 -12.94
C GLU A 57 16.17 -5.17 -13.32
N TYR A 58 16.04 -3.99 -13.93
CA TYR A 58 17.13 -3.25 -14.60
C TYR A 58 18.35 -2.89 -13.73
N ASP A 59 18.18 -2.65 -12.42
CA ASP A 59 19.25 -2.25 -11.50
C ASP A 59 18.97 -2.66 -10.05
N SER A 60 19.90 -3.41 -9.45
CA SER A 60 19.79 -3.98 -8.09
C SER A 60 19.87 -2.96 -6.94
N SER A 61 20.35 -1.73 -7.19
CA SER A 61 20.45 -0.65 -6.20
C SER A 61 19.36 0.40 -6.38
N LEU A 62 19.02 0.74 -7.62
CA LEU A 62 18.01 1.73 -7.99
C LEU A 62 16.56 1.31 -7.69
N ALA A 63 16.32 0.01 -7.48
CA ALA A 63 15.01 -0.57 -7.16
C ALA A 63 15.14 -1.75 -6.19
N THR A 64 14.13 -1.91 -5.32
CA THR A 64 13.97 -3.03 -4.38
C THR A 64 13.59 -4.36 -5.10
N LEU A 65 13.40 -5.42 -4.31
CA LEU A 65 12.81 -6.72 -4.64
C LEU A 65 11.33 -6.68 -5.14
N ASP A 66 11.07 -5.80 -6.11
CA ASP A 66 9.79 -5.56 -6.83
C ASP A 66 8.50 -5.43 -5.98
N HIS A 67 8.59 -4.84 -4.78
CA HIS A 67 7.42 -4.45 -3.98
C HIS A 67 7.02 -2.97 -4.14
N THR A 68 5.77 -2.64 -3.80
CA THR A 68 5.27 -1.27 -3.65
C THR A 68 4.29 -1.19 -2.47
N GLU A 69 4.35 -0.12 -1.67
CA GLU A 69 3.50 0.09 -0.50
C GLU A 69 2.27 0.95 -0.85
N ILE A 70 1.18 0.80 -0.08
CA ILE A 70 -0.09 1.51 -0.26
C ILE A 70 -0.48 2.14 1.08
N LYS A 71 -0.95 3.39 1.07
CA LYS A 71 -1.24 4.19 2.27
C LYS A 71 -2.56 4.98 2.15
N ALA A 72 -3.16 5.30 3.29
CA ALA A 72 -4.38 6.10 3.40
C ALA A 72 -4.20 7.54 2.87
N PRO A 73 -5.31 8.27 2.63
CA PRO A 73 -5.26 9.70 2.30
C PRO A 73 -5.22 10.65 3.51
N PHE A 74 -6.02 10.36 4.55
CA PHE A 74 -6.36 11.24 5.68
C PHE A 74 -6.83 10.45 6.92
N ASP A 75 -6.96 11.13 8.06
CA ASP A 75 -7.39 10.53 9.33
C ASP A 75 -8.86 10.12 9.35
N GLY A 76 -9.16 8.99 10.00
CA GLY A 76 -10.51 8.49 10.11
C GLY A 76 -10.60 7.06 10.58
N THR A 77 -11.72 6.44 10.21
CA THR A 77 -12.01 5.01 10.40
C THR A 77 -11.88 4.30 9.07
N ILE A 78 -11.69 2.99 9.14
CA ILE A 78 -11.44 2.17 7.95
C ILE A 78 -12.26 0.89 8.01
N GLY A 79 -12.90 0.55 6.89
CA GLY A 79 -13.91 -0.51 6.82
C GLY A 79 -13.31 -1.92 6.84
N ASP A 80 -14.16 -2.91 6.60
CA ASP A 80 -13.67 -4.27 6.34
C ASP A 80 -12.84 -4.31 5.06
N ALA A 81 -11.66 -4.91 5.20
CA ALA A 81 -10.77 -5.22 4.09
C ALA A 81 -11.51 -6.01 2.98
N LEU A 82 -11.13 -5.78 1.73
CA LEU A 82 -11.73 -6.40 0.54
C LEU A 82 -10.75 -7.34 -0.20
N VAL A 83 -9.52 -7.50 0.32
CA VAL A 83 -8.37 -8.18 -0.30
C VAL A 83 -7.48 -8.87 0.74
N ASN A 84 -6.73 -9.88 0.31
CA ASN A 84 -5.81 -10.67 1.09
C ASN A 84 -4.55 -11.00 0.28
N ILE A 85 -3.53 -11.53 0.94
CA ILE A 85 -2.23 -11.89 0.41
C ILE A 85 -2.40 -12.95 -0.70
N GLY A 86 -2.31 -12.55 -1.97
CA GLY A 86 -2.56 -13.45 -3.10
C GLY A 86 -3.76 -13.02 -3.94
N ASP A 87 -4.61 -12.10 -3.45
CA ASP A 87 -5.61 -11.46 -4.28
C ASP A 87 -4.90 -10.62 -5.34
N TYR A 88 -5.23 -10.90 -6.60
CA TYR A 88 -4.73 -10.16 -7.74
C TYR A 88 -5.34 -8.76 -7.74
N VAL A 89 -4.52 -7.77 -7.40
CA VAL A 89 -4.96 -6.36 -7.40
C VAL A 89 -4.27 -5.50 -8.46
N SER A 90 -5.01 -4.55 -9.00
CA SER A 90 -4.59 -3.69 -10.11
C SER A 90 -5.01 -2.24 -9.83
N ALA A 91 -4.15 -1.30 -10.24
CA ALA A 91 -4.15 0.10 -9.81
C ALA A 91 -5.46 0.79 -9.57
N SER A 92 -6.19 1.09 -10.63
CA SER A 92 -7.53 1.65 -10.46
C SER A 92 -8.66 0.60 -10.53
N THR A 93 -8.30 -0.66 -10.80
CA THR A 93 -9.25 -1.73 -11.16
C THR A 93 -9.69 -2.63 -9.98
N THR A 94 -9.02 -2.55 -8.83
CA THR A 94 -9.24 -3.45 -7.69
C THR A 94 -9.12 -2.66 -6.42
N GLU A 95 -10.20 -2.75 -5.66
CA GLU A 95 -10.52 -1.90 -4.53
C GLU A 95 -10.24 -2.65 -3.22
N LEU A 96 -9.42 -2.04 -2.36
CA LEU A 96 -8.78 -2.70 -1.23
C LEU A 96 -9.56 -2.69 0.09
N VAL A 97 -10.26 -1.58 0.35
CA VAL A 97 -11.05 -1.24 1.56
C VAL A 97 -11.63 0.16 1.36
N ARG A 98 -12.49 0.63 2.27
CA ARG A 98 -12.93 2.03 2.36
C ARG A 98 -12.31 2.82 3.51
N VAL A 99 -11.97 4.10 3.30
CA VAL A 99 -11.46 4.99 4.36
C VAL A 99 -12.49 6.10 4.57
N THR A 100 -12.83 6.40 5.82
CA THR A 100 -13.97 7.25 6.15
C THR A 100 -13.68 8.19 7.33
N ASN A 101 -13.61 9.49 7.06
CA ASN A 101 -13.20 10.52 8.02
C ASN A 101 -14.21 10.62 9.18
N LEU A 102 -13.69 10.71 10.41
CA LEU A 102 -14.50 10.78 11.63
C LEU A 102 -15.34 12.07 11.69
N ASN A 103 -14.68 13.22 11.82
CA ASN A 103 -15.27 14.56 11.67
C ASN A 103 -14.31 15.48 10.89
N PRO A 104 -14.80 16.56 10.24
CA PRO A 104 -13.99 17.41 9.35
C PRO A 104 -13.25 18.53 10.09
N ILE A 105 -13.32 18.53 11.41
CA ILE A 105 -12.76 19.52 12.34
C ILE A 105 -11.34 19.17 12.82
N TYR A 106 -10.75 18.11 12.24
CA TYR A 106 -9.42 17.59 12.54
C TYR A 106 -8.38 18.01 11.46
N ALA A 107 -8.64 19.16 10.83
CA ALA A 107 -7.80 19.83 9.84
C ALA A 107 -8.02 21.35 9.87
N ASP A 108 -7.06 22.12 9.34
CA ASP A 108 -7.03 23.58 9.15
C ASP A 108 -7.14 24.49 10.39
N GLY A 109 -7.63 23.98 11.54
CA GLY A 109 -7.78 24.73 12.79
C GLY A 109 -8.32 23.88 13.95
N SER A 110 -8.60 24.55 15.09
CA SER A 110 -8.95 23.91 16.38
C SER A 110 -10.19 24.52 17.07
N HIS A 111 -10.88 25.46 16.41
CA HIS A 111 -12.09 26.14 16.91
C HIS A 111 -13.03 26.48 15.75
N HIS A 112 -13.62 25.43 15.16
CA HIS A 112 -14.43 25.47 13.93
C HIS A 112 -15.71 26.33 14.01
N HIS A 113 -16.28 26.50 15.21
CA HIS A 113 -17.48 27.31 15.48
C HIS A 113 -17.47 27.85 16.91
N HIS A 114 -18.22 28.93 17.17
CA HIS A 114 -18.35 29.56 18.48
C HIS A 114 -19.27 28.76 19.45
N HIS A 115 -19.34 29.22 20.72
CA HIS A 115 -20.06 28.54 21.81
C HIS A 115 -20.91 29.48 22.69
N HIS A 116 -21.11 30.73 22.24
CA HIS A 116 -21.89 31.78 22.91
C HIS A 116 -23.39 31.44 23.02
N ASP A 1 -16.24 10.18 1.76
CA ASP A 1 -15.51 8.91 2.05
C ASP A 1 -14.69 8.46 0.82
N VAL A 2 -13.99 7.34 0.95
CA VAL A 2 -13.02 6.79 -0.04
C VAL A 2 -13.20 5.30 -0.22
N ILE A 3 -12.89 4.84 -1.42
CA ILE A 3 -12.69 3.43 -1.79
C ILE A 3 -11.21 3.39 -2.19
N ILE A 4 -10.32 3.04 -1.26
CA ILE A 4 -8.86 3.16 -1.41
C ILE A 4 -8.38 2.21 -2.52
N LYS A 5 -7.31 2.59 -3.23
CA LYS A 5 -6.75 1.83 -4.36
C LYS A 5 -5.22 1.91 -4.45
N PRO A 6 -4.58 0.87 -5.04
CA PRO A 6 -3.13 0.76 -5.06
C PRO A 6 -2.49 1.59 -6.18
N GLN A 7 -1.27 2.09 -5.96
CA GLN A 7 -0.53 2.86 -6.95
C GLN A 7 0.06 2.03 -8.12
N VAL A 8 0.08 0.70 -8.00
CA VAL A 8 0.56 -0.26 -9.02
C VAL A 8 -0.30 -1.54 -9.03
N SER A 9 -0.16 -2.37 -10.07
CA SER A 9 -0.79 -3.69 -10.14
C SER A 9 0.18 -4.82 -9.68
N GLY A 10 -0.34 -6.02 -9.45
CA GLY A 10 0.36 -7.14 -8.80
C GLY A 10 -0.58 -7.76 -7.83
N VAL A 11 -0.01 -8.08 -6.71
CA VAL A 11 -0.68 -8.91 -5.76
C VAL A 11 -0.34 -8.46 -4.35
N ILE A 12 -1.33 -8.52 -3.45
CA ILE A 12 -1.12 -8.19 -2.03
C ILE A 12 -0.06 -9.09 -1.36
N VAL A 13 0.75 -8.51 -0.47
CA VAL A 13 1.86 -9.16 0.28
C VAL A 13 1.72 -9.00 1.78
N ASN A 14 1.19 -7.87 2.24
CA ASN A 14 0.95 -7.58 3.65
C ASN A 14 -0.28 -6.66 3.82
N LYS A 15 -0.85 -6.71 5.02
CA LYS A 15 -2.02 -5.97 5.50
C LYS A 15 -1.59 -5.25 6.78
N LEU A 16 -1.17 -4.00 6.63
CA LEU A 16 -0.69 -3.18 7.73
C LEU A 16 -1.82 -2.75 8.67
N PHE A 17 -2.95 -2.39 8.06
CA PHE A 17 -4.20 -2.05 8.74
C PHE A 17 -5.00 -3.30 9.15
N LYS A 18 -6.13 -3.08 9.82
CA LYS A 18 -7.14 -4.12 10.14
C LYS A 18 -8.54 -3.65 9.80
N ALA A 19 -9.40 -4.56 9.34
CA ALA A 19 -10.81 -4.30 9.09
C ALA A 19 -11.53 -3.75 10.35
N GLY A 20 -11.92 -2.47 10.30
CA GLY A 20 -12.60 -1.76 11.37
C GLY A 20 -11.69 -0.90 12.27
N ASP A 21 -10.38 -0.91 12.07
CA ASP A 21 -9.40 -0.09 12.81
C ASP A 21 -9.52 1.43 12.51
N LYS A 22 -8.71 2.24 13.20
CA LYS A 22 -8.48 3.66 12.91
C LYS A 22 -7.28 3.82 11.96
N VAL A 23 -7.17 4.98 11.32
CA VAL A 23 -6.04 5.39 10.47
C VAL A 23 -5.60 6.81 10.83
N LYS A 24 -4.28 7.04 10.96
CA LYS A 24 -3.67 8.38 11.04
C LYS A 24 -3.74 9.02 9.63
N LYS A 25 -3.38 10.32 9.47
CA LYS A 25 -3.37 11.17 8.25
C LYS A 25 -2.58 10.65 7.02
N GLY A 26 -2.64 9.36 6.71
CA GLY A 26 -1.84 8.68 5.68
C GLY A 26 -1.01 7.51 6.16
N GLN A 27 -1.40 6.84 7.25
CA GLN A 27 -0.76 5.59 7.66
C GLN A 27 -0.73 4.53 6.54
N THR A 28 0.29 3.67 6.55
CA THR A 28 0.46 2.56 5.60
C THR A 28 -0.59 1.45 5.84
N LEU A 29 -1.11 0.89 4.75
CA LEU A 29 -2.28 0.01 4.72
C LEU A 29 -2.00 -1.35 4.05
N PHE A 30 -1.31 -1.36 2.91
CA PHE A 30 -0.96 -2.61 2.18
C PHE A 30 0.45 -2.57 1.58
N ILE A 31 0.90 -3.75 1.13
CA ILE A 31 2.13 -3.96 0.34
C ILE A 31 1.76 -4.84 -0.86
N ILE A 32 2.38 -4.61 -2.00
CA ILE A 32 2.21 -5.34 -3.27
C ILE A 32 3.54 -5.85 -3.78
N GLU A 33 3.45 -6.93 -4.54
CA GLU A 33 4.52 -7.50 -5.34
C GLU A 33 4.13 -7.43 -6.82
N GLN A 34 4.83 -6.58 -7.57
CA GLN A 34 4.48 -6.23 -8.95
C GLN A 34 4.55 -7.38 -9.94
N ASP A 35 5.61 -8.18 -9.81
CA ASP A 35 5.93 -9.23 -10.79
C ASP A 35 6.78 -10.41 -10.29
N GLN A 36 7.27 -10.36 -9.04
CA GLN A 36 8.12 -11.38 -8.38
C GLN A 36 9.40 -11.83 -9.12
N ALA A 37 9.83 -11.12 -10.17
CA ALA A 37 10.92 -11.57 -11.05
C ALA A 37 12.26 -11.74 -10.32
N SER A 38 12.64 -10.75 -9.50
CA SER A 38 13.89 -10.81 -8.71
C SER A 38 13.81 -11.74 -7.50
N LYS A 39 12.61 -12.15 -7.04
CA LYS A 39 12.46 -13.06 -5.90
C LYS A 39 13.07 -14.44 -6.17
N ASP A 40 12.99 -14.91 -7.41
CA ASP A 40 13.65 -16.15 -7.87
C ASP A 40 15.18 -16.02 -7.98
N PHE A 41 15.70 -14.79 -8.10
CA PHE A 41 17.10 -14.51 -8.46
C PHE A 41 17.97 -14.00 -7.31
N ASN A 42 17.45 -13.12 -6.45
CA ASN A 42 18.21 -12.49 -5.36
C ASN A 42 18.09 -13.24 -4.02
N ARG A 43 16.90 -13.77 -3.72
CA ARG A 43 16.57 -14.25 -2.37
C ARG A 43 17.45 -15.41 -1.88
N SER A 44 18.07 -16.18 -2.76
CA SER A 44 19.04 -17.22 -2.40
C SER A 44 20.39 -16.70 -1.85
N LYS A 45 20.70 -15.41 -2.02
CA LYS A 45 21.87 -14.73 -1.39
C LYS A 45 21.49 -13.95 -0.14
N ALA A 46 20.33 -13.27 -0.17
CA ALA A 46 19.76 -12.58 0.99
C ALA A 46 19.16 -13.53 2.06
N LEU A 47 19.04 -14.81 1.72
CA LEU A 47 18.29 -15.88 2.41
C LEU A 47 16.78 -15.63 2.52
N PHE A 48 16.08 -16.76 2.74
CA PHE A 48 14.63 -16.82 2.80
C PHE A 48 14.05 -16.27 4.10
N SER A 49 14.67 -16.58 5.24
CA SER A 49 14.12 -16.31 6.55
C SER A 49 14.13 -14.82 6.91
N GLN A 50 13.13 -14.34 7.65
CA GLN A 50 13.08 -12.95 8.11
C GLN A 50 14.22 -12.61 9.10
N SER A 51 14.69 -13.59 9.86
CA SER A 51 15.80 -13.47 10.82
C SER A 51 17.18 -13.26 10.17
N ALA A 52 17.33 -13.47 8.87
CA ALA A 52 18.60 -13.35 8.14
C ALA A 52 19.20 -11.92 8.09
N ILE A 53 18.38 -10.90 8.35
CA ILE A 53 18.69 -9.48 8.11
C ILE A 53 18.20 -8.63 9.29
N SER A 54 19.02 -7.68 9.76
CA SER A 54 18.76 -6.90 10.98
C SER A 54 17.73 -5.76 10.79
N GLN A 55 17.20 -5.24 11.90
CA GLN A 55 16.18 -4.18 12.00
C GLN A 55 16.54 -2.83 11.37
N LYS A 56 17.77 -2.66 10.90
CA LYS A 56 18.23 -1.41 10.27
C LYS A 56 18.82 -1.65 8.86
N GLU A 57 18.85 -2.91 8.44
CA GLU A 57 19.16 -3.38 7.08
C GLU A 57 17.89 -3.69 6.26
N TYR A 58 16.88 -4.31 6.88
CA TYR A 58 15.70 -4.87 6.20
C TYR A 58 14.81 -3.84 5.49
N ASP A 59 15.02 -2.54 5.67
CA ASP A 59 14.40 -1.49 4.84
C ASP A 59 14.74 -1.64 3.34
N SER A 60 15.83 -2.32 3.01
CA SER A 60 16.13 -2.74 1.64
C SER A 60 15.13 -3.81 1.17
N SER A 61 14.90 -4.85 1.98
CA SER A 61 13.93 -5.93 1.74
C SER A 61 12.48 -5.44 1.64
N LEU A 62 12.12 -4.40 2.40
CA LEU A 62 10.82 -3.72 2.38
C LEU A 62 10.51 -2.99 1.06
N ALA A 63 11.51 -2.78 0.20
CA ALA A 63 11.43 -1.91 -0.98
C ALA A 63 12.21 -2.47 -2.18
N THR A 64 12.13 -3.79 -2.39
CA THR A 64 12.82 -4.55 -3.45
C THR A 64 11.97 -5.74 -3.91
N LEU A 65 12.48 -6.60 -4.80
CA LEU A 65 11.69 -7.67 -5.46
C LEU A 65 10.45 -7.10 -6.21
N ASP A 66 10.54 -5.83 -6.60
CA ASP A 66 9.46 -4.99 -7.13
C ASP A 66 8.26 -4.83 -6.18
N HIS A 67 8.54 -4.75 -4.87
CA HIS A 67 7.54 -4.37 -3.88
C HIS A 67 7.16 -2.89 -3.91
N THR A 68 5.88 -2.60 -3.65
CA THR A 68 5.35 -1.22 -3.53
C THR A 68 4.31 -1.13 -2.42
N GLU A 69 4.24 0.01 -1.73
CA GLU A 69 3.36 0.22 -0.56
C GLU A 69 2.12 1.06 -0.91
N ILE A 70 1.06 0.93 -0.10
CA ILE A 70 -0.20 1.69 -0.22
C ILE A 70 -0.50 2.31 1.14
N LYS A 71 -0.90 3.59 1.14
CA LYS A 71 -1.09 4.43 2.33
C LYS A 71 -2.45 5.16 2.26
N ALA A 72 -3.04 5.46 3.42
CA ALA A 72 -4.32 6.17 3.54
C ALA A 72 -4.28 7.59 2.93
N PRO A 73 -5.45 8.20 2.67
CA PRO A 73 -5.55 9.62 2.33
C PRO A 73 -5.47 10.57 3.54
N PHE A 74 -6.14 10.22 4.63
CA PHE A 74 -6.43 11.07 5.79
C PHE A 74 -6.74 10.29 7.09
N ASP A 75 -6.87 11.01 8.22
CA ASP A 75 -7.22 10.47 9.54
C ASP A 75 -8.71 10.13 9.66
N GLY A 76 -9.03 8.98 10.25
CA GLY A 76 -10.39 8.46 10.33
C GLY A 76 -10.44 6.99 10.71
N THR A 77 -11.41 6.29 10.12
CA THR A 77 -11.68 4.85 10.31
C THR A 77 -11.66 4.16 8.96
N ILE A 78 -11.43 2.86 8.97
CA ILE A 78 -11.21 2.08 7.76
C ILE A 78 -12.06 0.81 7.82
N GLY A 79 -12.82 0.57 6.75
CA GLY A 79 -13.90 -0.43 6.73
C GLY A 79 -13.41 -1.88 6.60
N ASP A 80 -14.35 -2.79 6.37
CA ASP A 80 -14.03 -4.17 5.99
C ASP A 80 -13.14 -4.21 4.75
N ALA A 81 -12.01 -4.90 4.88
CA ALA A 81 -11.06 -5.15 3.81
C ALA A 81 -11.74 -5.89 2.64
N LEU A 82 -11.28 -5.63 1.40
CA LEU A 82 -11.77 -6.27 0.18
C LEU A 82 -10.76 -7.28 -0.43
N VAL A 83 -9.55 -7.38 0.14
CA VAL A 83 -8.39 -8.11 -0.41
C VAL A 83 -7.54 -8.78 0.67
N ASN A 84 -6.77 -9.80 0.27
CA ASN A 84 -5.88 -10.59 1.10
C ASN A 84 -4.61 -10.91 0.32
N ILE A 85 -3.61 -11.42 1.02
CA ILE A 85 -2.28 -11.78 0.52
C ILE A 85 -2.43 -12.86 -0.57
N GLY A 86 -2.31 -12.48 -1.85
CA GLY A 86 -2.52 -13.41 -2.97
C GLY A 86 -3.70 -13.01 -3.85
N ASP A 87 -4.56 -12.07 -3.41
CA ASP A 87 -5.54 -11.46 -4.30
C ASP A 87 -4.79 -10.63 -5.34
N TYR A 88 -5.08 -10.95 -6.61
CA TYR A 88 -4.54 -10.23 -7.74
C TYR A 88 -5.22 -8.87 -7.82
N VAL A 89 -4.45 -7.83 -7.47
CA VAL A 89 -4.95 -6.43 -7.58
C VAL A 89 -4.35 -5.61 -8.73
N SER A 90 -5.09 -4.59 -9.14
CA SER A 90 -4.74 -3.68 -10.22
C SER A 90 -5.11 -2.23 -9.85
N ALA A 91 -4.35 -1.26 -10.38
CA ALA A 91 -4.30 0.12 -9.92
C ALA A 91 -5.55 0.97 -9.79
N SER A 92 -6.61 0.65 -10.52
CA SER A 92 -7.93 1.20 -10.23
C SER A 92 -9.05 0.16 -10.29
N THR A 93 -8.68 -1.11 -10.55
CA THR A 93 -9.59 -2.18 -10.98
C THR A 93 -10.13 -3.13 -9.89
N THR A 94 -9.56 -3.15 -8.69
CA THR A 94 -9.81 -4.26 -7.72
C THR A 94 -10.36 -3.85 -6.38
N GLU A 95 -10.01 -2.63 -5.96
CA GLU A 95 -10.47 -1.95 -4.75
C GLU A 95 -10.11 -2.70 -3.46
N LEU A 96 -9.39 -2.00 -2.58
CA LEU A 96 -8.73 -2.66 -1.44
C LEU A 96 -9.52 -2.64 -0.12
N VAL A 97 -10.23 -1.54 0.14
CA VAL A 97 -11.05 -1.23 1.33
C VAL A 97 -11.63 0.18 1.16
N ARG A 98 -12.43 0.68 2.11
CA ARG A 98 -12.88 2.07 2.19
C ARG A 98 -12.28 2.86 3.36
N VAL A 99 -12.02 4.15 3.21
CA VAL A 99 -11.50 5.00 4.31
C VAL A 99 -12.49 6.14 4.56
N THR A 100 -12.81 6.38 5.83
CA THR A 100 -13.92 7.27 6.23
C THR A 100 -13.61 8.12 7.46
N ASN A 101 -13.62 9.43 7.30
CA ASN A 101 -13.30 10.39 8.37
C ASN A 101 -14.45 10.52 9.39
N LEU A 102 -14.09 10.86 10.65
CA LEU A 102 -15.02 11.15 11.73
C LEU A 102 -14.64 12.50 12.36
N ASN A 103 -13.43 12.57 12.93
CA ASN A 103 -12.72 13.80 13.33
C ASN A 103 -11.26 13.69 12.82
N PRO A 104 -10.48 14.78 12.72
CA PRO A 104 -9.14 14.77 12.12
C PRO A 104 -8.02 14.33 13.10
N ILE A 105 -8.42 13.76 14.25
CA ILE A 105 -7.58 13.45 15.42
C ILE A 105 -7.99 12.10 16.06
N TYR A 106 -8.66 11.22 15.30
CA TYR A 106 -9.27 9.99 15.82
C TYR A 106 -8.30 8.80 15.92
N ALA A 107 -7.10 8.90 15.34
CA ALA A 107 -5.98 7.97 15.58
C ALA A 107 -5.30 8.25 16.93
N ASP A 108 -6.03 7.99 18.01
CA ASP A 108 -5.60 8.30 19.37
C ASP A 108 -4.28 7.59 19.75
N GLY A 109 -3.30 8.36 20.21
CA GLY A 109 -1.93 7.89 20.50
C GLY A 109 -0.91 8.22 19.40
N SER A 110 -1.38 8.62 18.21
CA SER A 110 -0.53 8.98 17.04
C SER A 110 -0.45 10.49 16.79
N HIS A 111 -0.85 11.31 17.78
CA HIS A 111 -0.75 12.77 17.80
C HIS A 111 -0.72 13.30 19.25
N HIS A 112 -0.64 14.63 19.43
CA HIS A 112 -0.81 15.31 20.72
C HIS A 112 -1.55 16.64 20.55
N HIS A 113 -2.18 17.13 21.62
CA HIS A 113 -3.04 18.33 21.65
C HIS A 113 -3.09 18.95 23.06
N HIS A 114 -3.70 20.13 23.20
CA HIS A 114 -4.01 20.75 24.50
C HIS A 114 -5.05 19.96 25.33
N HIS A 115 -5.84 19.09 24.70
CA HIS A 115 -6.95 18.31 25.29
C HIS A 115 -8.02 19.19 25.96
N HIS A 116 -8.28 20.37 25.37
CA HIS A 116 -9.27 21.38 25.79
C HIS A 116 -10.21 21.78 24.65
N ASP A 1 -17.00 7.98 3.11
CA ASP A 1 -16.40 6.65 2.83
C ASP A 1 -15.67 6.67 1.49
N VAL A 2 -14.41 6.18 1.45
CA VAL A 2 -13.51 6.35 0.30
C VAL A 2 -12.63 5.17 -0.02
N ILE A 3 -12.96 4.54 -1.13
CA ILE A 3 -12.35 3.32 -1.65
C ILE A 3 -10.90 3.59 -2.08
N ILE A 4 -9.94 3.26 -1.21
CA ILE A 4 -8.50 3.29 -1.43
C ILE A 4 -8.09 2.25 -2.50
N LYS A 5 -7.04 2.57 -3.27
CA LYS A 5 -6.53 1.78 -4.39
C LYS A 5 -5.01 1.81 -4.53
N PRO A 6 -4.41 0.77 -5.12
CA PRO A 6 -2.97 0.70 -5.34
C PRO A 6 -2.49 1.59 -6.50
N GLN A 7 -1.20 1.95 -6.45
CA GLN A 7 -0.53 2.81 -7.44
C GLN A 7 0.20 2.03 -8.55
N VAL A 8 0.15 0.69 -8.51
CA VAL A 8 0.65 -0.27 -9.51
C VAL A 8 -0.29 -1.49 -9.60
N SER A 9 0.03 -2.47 -10.44
CA SER A 9 -0.62 -3.79 -10.45
C SER A 9 0.34 -4.91 -9.99
N GLY A 10 -0.23 -6.05 -9.59
CA GLY A 10 0.45 -7.14 -8.90
C GLY A 10 -0.53 -7.82 -8.02
N VAL A 11 -0.10 -7.95 -6.78
CA VAL A 11 -0.77 -8.80 -5.82
C VAL A 11 -0.42 -8.28 -4.43
N ILE A 12 -1.33 -8.43 -3.47
CA ILE A 12 -1.12 -8.07 -2.07
C ILE A 12 -0.06 -8.97 -1.37
N VAL A 13 0.74 -8.38 -0.46
CA VAL A 13 1.83 -9.02 0.30
C VAL A 13 1.64 -8.89 1.82
N ASN A 14 1.08 -7.78 2.28
CA ASN A 14 0.78 -7.54 3.70
C ASN A 14 -0.42 -6.60 3.87
N LYS A 15 -1.02 -6.63 5.06
CA LYS A 15 -2.18 -5.86 5.51
C LYS A 15 -1.79 -5.18 6.82
N LEU A 16 -1.31 -3.95 6.72
CA LEU A 16 -0.85 -3.17 7.85
C LEU A 16 -2.02 -2.75 8.76
N PHE A 17 -3.06 -2.23 8.12
CA PHE A 17 -4.34 -1.92 8.74
C PHE A 17 -5.12 -3.19 9.12
N LYS A 18 -6.30 -3.01 9.71
CA LYS A 18 -7.24 -4.08 10.07
C LYS A 18 -8.68 -3.64 9.78
N ALA A 19 -9.51 -4.55 9.30
CA ALA A 19 -10.93 -4.34 9.05
C ALA A 19 -11.68 -3.86 10.31
N GLY A 20 -11.95 -2.55 10.39
CA GLY A 20 -12.64 -1.88 11.49
C GLY A 20 -11.77 -0.99 12.39
N ASP A 21 -10.44 -1.06 12.26
CA ASP A 21 -9.48 -0.25 13.04
C ASP A 21 -9.48 1.26 12.65
N LYS A 22 -8.64 2.05 13.33
CA LYS A 22 -8.35 3.45 12.98
C LYS A 22 -7.19 3.55 11.99
N VAL A 23 -7.07 4.72 11.39
CA VAL A 23 -5.93 5.14 10.55
C VAL A 23 -5.53 6.58 10.85
N LYS A 24 -4.23 6.85 11.01
CA LYS A 24 -3.65 8.19 11.04
C LYS A 24 -3.62 8.74 9.59
N LYS A 25 -3.65 10.06 9.41
CA LYS A 25 -3.44 10.78 8.12
C LYS A 25 -2.15 10.31 7.40
N GLY A 26 -2.30 9.23 6.63
CA GLY A 26 -1.30 8.68 5.71
C GLY A 26 -0.56 7.47 6.24
N GLN A 27 -1.09 6.83 7.29
CA GLN A 27 -0.56 5.53 7.70
C GLN A 27 -0.59 4.53 6.52
N THR A 28 0.43 3.67 6.49
CA THR A 28 0.56 2.57 5.53
C THR A 28 -0.48 1.49 5.81
N LEU A 29 -1.10 0.99 4.74
CA LEU A 29 -2.26 0.12 4.74
C LEU A 29 -1.98 -1.24 4.07
N PHE A 30 -1.30 -1.25 2.92
CA PHE A 30 -0.97 -2.49 2.18
C PHE A 30 0.44 -2.46 1.60
N ILE A 31 0.91 -3.65 1.25
CA ILE A 31 2.16 -3.90 0.51
C ILE A 31 1.79 -4.76 -0.69
N ILE A 32 2.46 -4.57 -1.82
CA ILE A 32 2.24 -5.26 -3.08
C ILE A 32 3.55 -5.79 -3.64
N GLU A 33 3.44 -6.81 -4.46
CA GLU A 33 4.51 -7.37 -5.29
C GLU A 33 4.12 -7.22 -6.76
N GLN A 34 4.98 -6.60 -7.57
CA GLN A 34 4.82 -6.48 -9.02
C GLN A 34 5.13 -7.81 -9.77
N ASP A 35 4.72 -8.94 -9.19
CA ASP A 35 4.94 -10.34 -9.60
C ASP A 35 6.41 -10.73 -9.90
N GLN A 36 6.97 -11.49 -8.98
CA GLN A 36 8.35 -12.00 -9.00
C GLN A 36 8.47 -13.52 -8.78
N ALA A 37 7.36 -14.27 -8.95
CA ALA A 37 7.34 -15.73 -8.72
C ALA A 37 8.35 -16.50 -9.59
N SER A 38 8.42 -16.21 -10.89
CA SER A 38 9.38 -16.83 -11.83
C SER A 38 10.79 -16.24 -11.73
N LYS A 39 10.96 -15.08 -11.07
CA LYS A 39 12.21 -14.33 -11.06
C LYS A 39 13.34 -15.11 -10.39
N ASP A 40 13.06 -15.73 -9.24
CA ASP A 40 13.98 -16.67 -8.60
C ASP A 40 14.08 -17.99 -9.37
N PHE A 41 12.93 -18.54 -9.76
CA PHE A 41 12.79 -19.89 -10.31
C PHE A 41 13.47 -20.09 -11.67
N ASN A 42 13.49 -19.05 -12.51
CA ASN A 42 14.29 -19.01 -13.73
C ASN A 42 15.77 -18.88 -13.42
N ARG A 43 16.12 -17.82 -12.67
CA ARG A 43 17.51 -17.41 -12.53
C ARG A 43 18.38 -18.40 -11.75
N SER A 44 17.81 -19.15 -10.81
CA SER A 44 18.52 -20.15 -9.99
C SER A 44 19.38 -21.14 -10.79
N LYS A 45 18.90 -21.51 -11.99
CA LYS A 45 19.57 -22.41 -12.95
C LYS A 45 20.80 -21.80 -13.67
N ALA A 46 21.04 -20.50 -13.53
CA ALA A 46 22.02 -19.75 -14.32
C ALA A 46 22.75 -18.62 -13.52
N LEU A 47 22.69 -18.62 -12.19
CA LEU A 47 23.31 -17.59 -11.34
C LEU A 47 24.82 -17.42 -11.60
N PHE A 48 25.33 -16.21 -11.33
CA PHE A 48 26.73 -15.78 -11.45
C PHE A 48 27.36 -15.80 -12.86
N SER A 49 26.86 -16.62 -13.80
CA SER A 49 27.41 -16.70 -15.14
C SER A 49 27.22 -15.40 -15.93
N GLN A 50 28.16 -15.10 -16.84
CA GLN A 50 28.15 -13.87 -17.65
C GLN A 50 26.87 -13.68 -18.49
N SER A 51 26.18 -14.77 -18.85
CA SER A 51 24.86 -14.75 -19.51
C SER A 51 23.81 -14.03 -18.67
N ALA A 52 23.57 -14.47 -17.43
CA ALA A 52 22.60 -13.87 -16.50
C ALA A 52 22.99 -12.48 -15.98
N ILE A 53 24.26 -12.10 -16.15
CA ILE A 53 24.88 -10.87 -15.64
C ILE A 53 25.11 -9.83 -16.76
N SER A 54 24.88 -10.20 -18.03
CA SER A 54 24.86 -9.27 -19.17
C SER A 54 23.80 -8.18 -19.01
N GLN A 55 24.09 -6.97 -19.51
CA GLN A 55 23.30 -5.75 -19.28
C GLN A 55 21.84 -5.74 -19.82
N LYS A 56 21.43 -6.77 -20.54
CA LYS A 56 20.03 -6.96 -20.97
C LYS A 56 19.29 -8.05 -20.17
N GLU A 57 20.01 -8.88 -19.43
CA GLU A 57 19.48 -9.89 -18.48
C GLU A 57 19.48 -9.43 -17.01
N TYR A 58 20.46 -8.62 -16.62
CA TYR A 58 20.81 -8.27 -15.23
C TYR A 58 19.79 -7.45 -14.41
N ASP A 59 18.62 -7.11 -14.96
CA ASP A 59 17.66 -6.14 -14.41
C ASP A 59 17.17 -6.45 -12.97
N SER A 60 17.03 -7.73 -12.60
CA SER A 60 16.67 -8.15 -11.23
C SER A 60 17.74 -7.82 -10.17
N SER A 61 18.97 -7.47 -10.58
CA SER A 61 20.06 -6.99 -9.72
C SER A 61 20.27 -5.47 -9.77
N LEU A 62 19.54 -4.77 -10.66
CA LEU A 62 19.57 -3.30 -10.83
C LEU A 62 18.56 -2.56 -9.93
N ALA A 63 17.70 -3.30 -9.20
CA ALA A 63 16.59 -2.76 -8.42
C ALA A 63 16.25 -3.65 -7.20
N THR A 64 15.37 -3.15 -6.32
CA THR A 64 14.81 -3.86 -5.15
C THR A 64 13.93 -5.05 -5.54
N LEU A 65 13.33 -5.73 -4.55
CA LEU A 65 12.38 -6.85 -4.66
C LEU A 65 11.02 -6.51 -5.32
N ASP A 66 10.96 -5.43 -6.11
CA ASP A 66 9.78 -4.94 -6.87
C ASP A 66 8.46 -4.83 -6.09
N HIS A 67 8.54 -4.54 -4.78
CA HIS A 67 7.37 -4.20 -3.99
C HIS A 67 6.89 -2.75 -4.20
N THR A 68 5.64 -2.51 -3.80
CA THR A 68 5.03 -1.17 -3.68
C THR A 68 4.21 -1.08 -2.40
N GLU A 69 3.95 0.13 -1.90
CA GLU A 69 3.18 0.37 -0.66
C GLU A 69 1.99 1.31 -0.91
N ILE A 70 0.94 1.16 -0.10
CA ILE A 70 -0.35 1.86 -0.20
C ILE A 70 -0.66 2.48 1.15
N LYS A 71 -1.10 3.75 1.16
CA LYS A 71 -1.23 4.61 2.36
C LYS A 71 -2.57 5.40 2.35
N ALA A 72 -3.16 5.67 3.51
CA ALA A 72 -4.44 6.38 3.66
C ALA A 72 -4.44 7.79 3.05
N PRO A 73 -5.59 8.32 2.61
CA PRO A 73 -5.72 9.72 2.19
C PRO A 73 -5.74 10.70 3.36
N PHE A 74 -6.32 10.26 4.48
CA PHE A 74 -6.54 11.06 5.70
C PHE A 74 -6.90 10.24 6.94
N ASP A 75 -6.78 10.90 8.09
CA ASP A 75 -7.14 10.44 9.43
C ASP A 75 -8.62 10.05 9.59
N GLY A 76 -8.87 8.91 10.24
CA GLY A 76 -10.21 8.43 10.52
C GLY A 76 -10.27 6.96 10.95
N THR A 77 -11.28 6.28 10.45
CA THR A 77 -11.60 4.87 10.68
C THR A 77 -11.64 4.16 9.31
N ILE A 78 -11.58 2.83 9.30
CA ILE A 78 -11.49 2.07 8.05
C ILE A 78 -12.47 0.89 8.03
N GLY A 79 -13.07 0.65 6.87
CA GLY A 79 -14.13 -0.36 6.70
C GLY A 79 -13.59 -1.78 6.62
N ASP A 80 -14.48 -2.75 6.36
CA ASP A 80 -14.07 -4.11 6.01
C ASP A 80 -13.26 -4.15 4.71
N ALA A 81 -12.10 -4.78 4.81
CA ALA A 81 -11.18 -5.02 3.72
C ALA A 81 -11.86 -5.75 2.54
N LEU A 82 -11.38 -5.50 1.33
CA LEU A 82 -11.85 -6.12 0.08
C LEU A 82 -10.85 -7.15 -0.49
N VAL A 83 -9.69 -7.34 0.15
CA VAL A 83 -8.54 -8.10 -0.38
C VAL A 83 -7.78 -8.88 0.70
N ASN A 84 -6.91 -9.77 0.25
CA ASN A 84 -6.10 -10.70 1.04
C ASN A 84 -4.70 -10.84 0.44
N ILE A 85 -3.72 -11.35 1.20
CA ILE A 85 -2.37 -11.68 0.74
C ILE A 85 -2.45 -12.81 -0.29
N GLY A 86 -2.34 -12.47 -1.57
CA GLY A 86 -2.55 -13.40 -2.68
C GLY A 86 -3.70 -12.96 -3.58
N ASP A 87 -4.56 -12.01 -3.15
CA ASP A 87 -5.52 -11.40 -4.08
C ASP A 87 -4.76 -10.69 -5.20
N TYR A 88 -5.11 -11.02 -6.44
CA TYR A 88 -4.48 -10.40 -7.60
C TYR A 88 -5.07 -9.01 -7.79
N VAL A 89 -4.30 -7.98 -7.43
CA VAL A 89 -4.77 -6.58 -7.56
C VAL A 89 -4.16 -5.75 -8.68
N SER A 90 -4.96 -4.84 -9.24
CA SER A 90 -4.61 -3.98 -10.36
C SER A 90 -5.10 -2.56 -10.07
N ALA A 91 -4.26 -1.56 -10.38
CA ALA A 91 -4.34 -0.15 -9.96
C ALA A 91 -5.70 0.39 -9.62
N SER A 92 -6.48 0.76 -10.61
CA SER A 92 -7.81 1.30 -10.33
C SER A 92 -8.91 0.23 -10.38
N THR A 93 -8.54 -1.01 -10.66
CA THR A 93 -9.42 -2.12 -11.11
C THR A 93 -9.92 -3.11 -10.05
N THR A 94 -9.38 -3.14 -8.83
CA THR A 94 -9.63 -4.28 -7.90
C THR A 94 -10.18 -3.89 -6.53
N GLU A 95 -9.86 -2.68 -6.09
CA GLU A 95 -10.35 -2.02 -4.87
C GLU A 95 -9.99 -2.76 -3.57
N LEU A 96 -9.38 -2.00 -2.64
CA LEU A 96 -8.72 -2.57 -1.45
C LEU A 96 -9.54 -2.50 -0.17
N VAL A 97 -10.15 -1.36 0.11
CA VAL A 97 -10.99 -1.04 1.26
C VAL A 97 -11.43 0.43 1.17
N ARG A 98 -12.45 0.83 1.93
CA ARG A 98 -12.82 2.23 2.16
C ARG A 98 -12.22 2.80 3.46
N VAL A 99 -11.65 4.00 3.37
CA VAL A 99 -11.27 4.81 4.56
C VAL A 99 -12.42 5.77 4.83
N THR A 100 -12.67 6.18 6.08
CA THR A 100 -13.70 7.20 6.35
C THR A 100 -13.44 8.05 7.60
N ASN A 101 -13.64 9.35 7.51
CA ASN A 101 -13.22 10.30 8.56
C ASN A 101 -14.05 10.18 9.86
N LEU A 102 -13.38 10.39 10.99
CA LEU A 102 -13.99 10.53 12.32
C LEU A 102 -14.70 11.90 12.48
N ASN A 103 -13.92 12.98 12.61
CA ASN A 103 -14.41 14.36 12.74
C ASN A 103 -13.60 15.32 11.84
N PRO A 104 -14.15 16.50 11.48
CA PRO A 104 -13.57 17.38 10.46
C PRO A 104 -12.45 18.29 10.99
N ILE A 105 -12.15 18.17 12.28
CA ILE A 105 -10.99 18.80 12.97
C ILE A 105 -9.64 18.17 12.62
N TYR A 106 -9.65 17.13 11.80
CA TYR A 106 -8.49 16.36 11.35
C TYR A 106 -8.35 16.38 9.83
N ALA A 107 -9.47 16.13 9.11
CA ALA A 107 -9.64 16.28 7.66
C ALA A 107 -11.14 16.28 7.35
N ASP A 108 -11.61 17.05 6.38
CA ASP A 108 -13.05 17.20 6.07
C ASP A 108 -13.57 16.08 5.15
N GLY A 109 -13.28 14.82 5.50
CA GLY A 109 -13.53 13.63 4.65
C GLY A 109 -12.89 13.74 3.25
N SER A 110 -11.74 14.41 3.17
CA SER A 110 -11.06 14.86 1.95
C SER A 110 -9.56 15.06 2.20
N HIS A 111 -8.77 15.23 1.14
CA HIS A 111 -7.37 15.67 1.21
C HIS A 111 -7.19 17.13 1.70
N HIS A 112 -8.29 17.84 1.92
CA HIS A 112 -8.36 19.27 2.27
C HIS A 112 -9.46 19.53 3.33
N HIS A 113 -9.54 20.76 3.85
CA HIS A 113 -10.60 21.26 4.75
C HIS A 113 -11.90 21.64 4.02
N HIS A 114 -12.10 21.15 2.79
CA HIS A 114 -13.34 21.25 2.01
C HIS A 114 -13.52 20.02 1.12
N HIS A 115 -14.77 19.76 0.69
CA HIS A 115 -15.17 18.59 -0.11
C HIS A 115 -14.72 18.63 -1.59
N HIS A 116 -14.11 19.74 -2.05
CA HIS A 116 -13.69 19.98 -3.44
C HIS A 116 -12.34 20.71 -3.54
N ASP A 1 -15.34 10.26 2.12
CA ASP A 1 -15.43 8.79 1.93
C ASP A 1 -14.67 8.35 0.66
N VAL A 2 -13.86 7.29 0.77
CA VAL A 2 -13.01 6.74 -0.31
C VAL A 2 -13.10 5.23 -0.34
N ILE A 3 -13.12 4.62 -1.52
CA ILE A 3 -12.88 3.18 -1.67
C ILE A 3 -11.43 3.11 -2.16
N ILE A 4 -10.49 2.97 -1.21
CA ILE A 4 -9.04 3.11 -1.39
C ILE A 4 -8.52 2.16 -2.51
N LYS A 5 -7.46 2.57 -3.23
CA LYS A 5 -6.83 1.79 -4.31
C LYS A 5 -5.31 1.93 -4.38
N PRO A 6 -4.62 0.93 -4.96
CA PRO A 6 -3.16 0.92 -5.07
C PRO A 6 -2.66 1.80 -6.22
N GLN A 7 -1.37 2.18 -6.19
CA GLN A 7 -0.73 3.01 -7.22
C GLN A 7 -0.01 2.21 -8.32
N VAL A 8 0.06 0.88 -8.18
CA VAL A 8 0.58 -0.09 -9.17
C VAL A 8 -0.31 -1.34 -9.21
N SER A 9 -0.09 -2.23 -10.17
CA SER A 9 -0.72 -3.55 -10.24
C SER A 9 0.24 -4.68 -9.80
N GLY A 10 -0.31 -5.86 -9.51
CA GLY A 10 0.37 -7.00 -8.89
C GLY A 10 -0.56 -7.68 -7.98
N VAL A 11 -0.03 -7.96 -6.82
CA VAL A 11 -0.69 -8.82 -5.88
C VAL A 11 -0.35 -8.39 -4.47
N ILE A 12 -1.31 -8.50 -3.55
CA ILE A 12 -1.09 -8.19 -2.13
C ILE A 12 -0.02 -9.10 -1.48
N VAL A 13 0.76 -8.55 -0.55
CA VAL A 13 1.89 -9.19 0.17
C VAL A 13 1.74 -9.08 1.69
N ASN A 14 1.18 -7.97 2.18
CA ASN A 14 0.93 -7.74 3.61
C ASN A 14 -0.27 -6.81 3.81
N LYS A 15 -0.82 -6.83 5.04
CA LYS A 15 -2.01 -6.15 5.51
C LYS A 15 -1.64 -5.43 6.81
N LEU A 16 -1.28 -4.16 6.69
CA LEU A 16 -0.78 -3.34 7.79
C LEU A 16 -1.89 -2.87 8.73
N PHE A 17 -2.99 -2.45 8.13
CA PHE A 17 -4.18 -1.96 8.85
C PHE A 17 -5.04 -3.11 9.41
N LYS A 18 -6.15 -2.75 10.07
CA LYS A 18 -7.16 -3.69 10.59
C LYS A 18 -8.57 -3.36 10.09
N ALA A 19 -9.27 -4.40 9.66
CA ALA A 19 -10.65 -4.38 9.21
C ALA A 19 -11.61 -3.87 10.30
N GLY A 20 -11.99 -2.59 10.20
CA GLY A 20 -12.92 -1.90 11.10
C GLY A 20 -12.31 -0.85 12.03
N ASP A 21 -10.97 -0.71 12.07
CA ASP A 21 -10.25 0.16 13.03
C ASP A 21 -10.12 1.63 12.56
N LYS A 22 -9.04 2.33 12.97
CA LYS A 22 -8.70 3.72 12.62
C LYS A 22 -7.42 3.80 11.80
N VAL A 23 -7.19 4.97 11.21
CA VAL A 23 -6.00 5.31 10.41
C VAL A 23 -5.57 6.77 10.62
N LYS A 24 -4.27 7.01 10.84
CA LYS A 24 -3.66 8.34 10.77
C LYS A 24 -3.61 8.78 9.29
N LYS A 25 -3.54 10.09 9.05
CA LYS A 25 -3.27 10.82 7.78
C LYS A 25 -1.99 10.35 7.06
N GLY A 26 -2.10 9.15 6.50
CA GLY A 26 -1.11 8.50 5.66
C GLY A 26 -0.46 7.28 6.27
N GLN A 27 -1.04 6.70 7.33
CA GLN A 27 -0.59 5.39 7.78
C GLN A 27 -0.64 4.34 6.66
N THR A 28 0.34 3.45 6.65
CA THR A 28 0.48 2.37 5.68
C THR A 28 -0.57 1.29 5.92
N LEU A 29 -1.14 0.77 4.84
CA LEU A 29 -2.34 -0.08 4.78
C LEU A 29 -2.07 -1.44 4.11
N PHE A 30 -1.36 -1.45 2.98
CA PHE A 30 -1.04 -2.69 2.24
C PHE A 30 0.35 -2.65 1.60
N ILE A 31 0.80 -3.82 1.14
CA ILE A 31 2.04 -4.03 0.38
C ILE A 31 1.68 -4.86 -0.86
N ILE A 32 2.32 -4.57 -1.99
CA ILE A 32 2.15 -5.24 -3.28
C ILE A 32 3.48 -5.71 -3.83
N GLU A 33 3.42 -6.81 -4.59
CA GLU A 33 4.49 -7.33 -5.41
C GLU A 33 4.12 -7.19 -6.89
N GLN A 34 4.88 -6.37 -7.62
CA GLN A 34 4.67 -6.07 -9.03
C GLN A 34 4.83 -7.29 -9.93
N ASP A 35 5.86 -8.05 -9.62
CA ASP A 35 6.32 -9.25 -10.31
C ASP A 35 7.41 -9.97 -9.49
N GLN A 36 7.84 -11.15 -9.94
CA GLN A 36 8.94 -11.91 -9.31
C GLN A 36 9.95 -12.52 -10.29
N ALA A 37 9.97 -12.07 -11.55
CA ALA A 37 11.04 -12.41 -12.50
C ALA A 37 12.38 -11.78 -12.08
N SER A 38 12.33 -10.61 -11.45
CA SER A 38 13.50 -9.88 -10.92
C SER A 38 13.78 -10.16 -9.43
N LYS A 39 12.92 -10.91 -8.71
CA LYS A 39 13.04 -11.06 -7.24
C LYS A 39 14.32 -11.78 -6.79
N ASP A 40 15.00 -12.48 -7.70
CA ASP A 40 16.37 -12.99 -7.50
C ASP A 40 17.42 -12.13 -8.24
N PHE A 41 17.11 -11.70 -9.46
CA PHE A 41 18.07 -11.06 -10.38
C PHE A 41 18.43 -9.61 -10.02
N ASN A 42 17.60 -8.92 -9.21
CA ASN A 42 17.85 -7.56 -8.73
C ASN A 42 19.18 -7.36 -8.00
N ARG A 43 19.71 -8.43 -7.40
CA ARG A 43 20.82 -8.34 -6.44
C ARG A 43 22.07 -7.69 -7.02
N SER A 44 22.40 -8.01 -8.26
CA SER A 44 23.61 -7.51 -8.96
C SER A 44 23.52 -6.04 -9.38
N LYS A 45 22.31 -5.50 -9.61
CA LYS A 45 22.11 -4.16 -10.16
C LYS A 45 22.57 -3.03 -9.22
N ALA A 46 22.38 -3.22 -7.92
CA ALA A 46 22.70 -2.22 -6.89
C ALA A 46 24.18 -2.19 -6.46
N LEU A 47 25.00 -3.13 -6.93
CA LEU A 47 26.40 -3.29 -6.52
C LEU A 47 27.35 -2.25 -7.09
N PHE A 48 28.17 -1.74 -6.16
CA PHE A 48 29.43 -1.02 -6.29
C PHE A 48 29.63 0.16 -7.28
N SER A 49 28.73 0.40 -8.25
CA SER A 49 28.93 1.34 -9.36
C SER A 49 27.62 2.02 -9.80
N GLN A 50 27.68 2.81 -10.88
CA GLN A 50 26.61 3.66 -11.42
C GLN A 50 25.28 2.92 -11.70
N SER A 51 25.30 1.60 -11.88
CA SER A 51 24.09 0.77 -12.03
C SER A 51 23.07 0.94 -10.90
N ALA A 52 23.49 1.36 -9.70
CA ALA A 52 22.61 1.73 -8.60
C ALA A 52 21.71 2.97 -8.86
N ILE A 53 22.03 3.81 -9.86
CA ILE A 53 21.34 5.07 -10.13
C ILE A 53 21.08 5.35 -11.63
N SER A 54 21.71 4.62 -12.56
CA SER A 54 21.40 4.64 -13.99
C SER A 54 19.93 4.27 -14.27
N GLN A 55 19.22 5.10 -15.04
CA GLN A 55 17.76 5.07 -15.23
C GLN A 55 17.15 3.77 -15.82
N LYS A 56 17.98 2.81 -16.24
CA LYS A 56 17.57 1.53 -16.83
C LYS A 56 18.00 0.30 -16.00
N GLU A 57 18.71 0.54 -14.90
CA GLU A 57 19.22 -0.47 -13.95
C GLU A 57 18.81 -0.26 -12.49
N TYR A 58 18.63 1.01 -12.10
CA TYR A 58 18.35 1.48 -10.74
C TYR A 58 17.04 0.99 -10.09
N ASP A 59 16.25 0.13 -10.75
CA ASP A 59 14.97 -0.36 -10.25
C ASP A 59 15.05 -1.09 -8.89
N SER A 60 16.18 -1.71 -8.55
CA SER A 60 16.45 -2.25 -7.21
C SER A 60 16.42 -1.18 -6.11
N SER A 61 16.84 0.05 -6.43
CA SER A 61 16.84 1.21 -5.53
C SER A 61 15.47 1.90 -5.44
N LEU A 62 14.67 1.84 -6.52
CA LEU A 62 13.30 2.35 -6.54
C LEU A 62 12.32 1.46 -5.77
N ALA A 63 12.46 0.13 -5.89
CA ALA A 63 11.51 -0.86 -5.40
C ALA A 63 12.23 -2.15 -4.97
N THR A 64 12.66 -2.21 -3.71
CA THR A 64 13.27 -3.41 -3.09
C THR A 64 12.35 -4.63 -3.27
N LEU A 65 12.92 -5.73 -3.76
CA LEU A 65 12.22 -6.96 -4.20
C LEU A 65 10.91 -6.71 -4.96
N ASP A 66 10.91 -5.66 -5.78
CA ASP A 66 9.82 -5.28 -6.67
C ASP A 66 8.51 -4.98 -5.94
N HIS A 67 8.60 -4.56 -4.67
CA HIS A 67 7.45 -4.20 -3.85
C HIS A 67 7.05 -2.72 -3.91
N THR A 68 5.77 -2.43 -3.67
CA THR A 68 5.21 -1.09 -3.50
C THR A 68 4.25 -1.07 -2.30
N GLU A 69 4.03 0.09 -1.67
CA GLU A 69 3.27 0.20 -0.41
C GLU A 69 2.12 1.21 -0.55
N ILE A 70 0.96 0.88 0.01
CA ILE A 70 -0.29 1.65 -0.08
C ILE A 70 -0.55 2.27 1.28
N LYS A 71 -0.95 3.54 1.29
CA LYS A 71 -1.10 4.40 2.47
C LYS A 71 -2.43 5.15 2.42
N ALA A 72 -3.04 5.42 3.58
CA ALA A 72 -4.30 6.15 3.68
C ALA A 72 -4.23 7.56 3.07
N PRO A 73 -5.37 8.14 2.64
CA PRO A 73 -5.40 9.56 2.29
C PRO A 73 -5.30 10.45 3.53
N PHE A 74 -6.02 10.08 4.60
CA PHE A 74 -6.23 10.93 5.77
C PHE A 74 -6.62 10.26 7.09
N ASP A 75 -6.56 11.09 8.15
CA ASP A 75 -7.05 10.82 9.52
C ASP A 75 -8.54 10.39 9.50
N GLY A 76 -8.83 9.18 9.97
CA GLY A 76 -10.19 8.66 9.87
C GLY A 76 -10.37 7.23 10.38
N THR A 77 -11.43 6.60 9.87
CA THR A 77 -11.88 5.24 10.18
C THR A 77 -11.90 4.43 8.90
N ILE A 78 -11.73 3.13 9.02
CA ILE A 78 -11.51 2.24 7.88
C ILE A 78 -12.40 1.00 7.97
N GLY A 79 -12.94 0.58 6.83
CA GLY A 79 -13.95 -0.49 6.75
C GLY A 79 -13.33 -1.87 6.83
N ASP A 80 -14.15 -2.91 6.59
CA ASP A 80 -13.61 -4.26 6.39
C ASP A 80 -12.80 -4.35 5.09
N ALA A 81 -11.66 -5.03 5.20
CA ALA A 81 -10.79 -5.32 4.08
C ALA A 81 -11.52 -6.11 2.97
N LEU A 82 -11.12 -5.90 1.72
CA LEU A 82 -11.73 -6.52 0.53
C LEU A 82 -10.73 -7.41 -0.25
N VAL A 83 -9.49 -7.56 0.27
CA VAL A 83 -8.34 -8.23 -0.38
C VAL A 83 -7.46 -8.92 0.65
N ASN A 84 -6.69 -9.91 0.21
CA ASN A 84 -5.78 -10.73 0.99
C ASN A 84 -4.52 -11.03 0.20
N ILE A 85 -3.51 -11.56 0.88
CA ILE A 85 -2.19 -11.92 0.35
C ILE A 85 -2.36 -12.97 -0.76
N GLY A 86 -2.23 -12.56 -2.02
CA GLY A 86 -2.46 -13.44 -3.18
C GLY A 86 -3.64 -13.01 -4.04
N ASP A 87 -4.50 -12.09 -3.55
CA ASP A 87 -5.49 -11.45 -4.41
C ASP A 87 -4.76 -10.61 -5.45
N TYR A 88 -5.07 -10.89 -6.71
CA TYR A 88 -4.54 -10.14 -7.83
C TYR A 88 -5.18 -8.76 -7.86
N VAL A 89 -4.40 -7.75 -7.49
CA VAL A 89 -4.85 -6.34 -7.50
C VAL A 89 -4.26 -5.47 -8.61
N SER A 90 -5.02 -4.49 -9.07
CA SER A 90 -4.66 -3.59 -10.17
C SER A 90 -5.10 -2.15 -9.86
N ALA A 91 -4.32 -1.18 -10.35
CA ALA A 91 -4.33 0.21 -9.90
C ALA A 91 -5.62 1.02 -9.83
N SER A 92 -6.62 0.69 -10.62
CA SER A 92 -7.98 1.21 -10.38
C SER A 92 -9.05 0.11 -10.47
N THR A 93 -8.64 -1.13 -10.75
CA THR A 93 -9.52 -2.24 -11.12
C THR A 93 -9.89 -3.13 -9.92
N THR A 94 -9.22 -2.98 -8.79
CA THR A 94 -9.34 -3.83 -7.61
C THR A 94 -9.21 -2.96 -6.39
N GLU A 95 -10.30 -2.99 -5.63
CA GLU A 95 -10.57 -2.05 -4.56
C GLU A 95 -10.32 -2.74 -3.21
N LEU A 96 -9.45 -2.11 -2.42
CA LEU A 96 -8.82 -2.75 -1.24
C LEU A 96 -9.63 -2.72 0.07
N VAL A 97 -10.34 -1.61 0.32
CA VAL A 97 -11.13 -1.28 1.53
C VAL A 97 -11.69 0.16 1.38
N ARG A 98 -12.61 0.62 2.25
CA ARG A 98 -13.00 2.04 2.30
C ARG A 98 -12.41 2.81 3.48
N VAL A 99 -12.07 4.10 3.29
CA VAL A 99 -11.47 4.98 4.32
C VAL A 99 -12.27 6.27 4.38
N THR A 100 -12.67 6.68 5.58
CA THR A 100 -13.60 7.79 5.79
C THR A 100 -13.28 8.67 7.00
N ASN A 101 -13.45 9.99 6.88
CA ASN A 101 -12.97 10.96 7.88
C ASN A 101 -14.00 11.22 9.00
N LEU A 102 -13.48 11.29 10.24
CA LEU A 102 -14.20 11.60 11.47
C LEU A 102 -13.49 12.77 12.20
N ASN A 103 -13.94 13.12 13.41
CA ASN A 103 -13.25 14.08 14.28
C ASN A 103 -11.76 13.69 14.55
N PRO A 104 -10.87 14.64 14.88
CA PRO A 104 -9.42 14.42 14.91
C PRO A 104 -8.90 13.74 16.17
N ILE A 105 -9.81 13.22 17.01
CA ILE A 105 -9.54 12.56 18.31
C ILE A 105 -8.70 11.29 18.21
N TYR A 106 -8.57 10.76 17.00
CA TYR A 106 -7.78 9.58 16.64
C TYR A 106 -6.32 9.90 16.24
N ALA A 107 -5.90 11.16 16.38
CA ALA A 107 -4.58 11.67 15.99
C ALA A 107 -3.82 12.37 17.13
N ASP A 108 -4.24 12.18 18.37
CA ASP A 108 -3.62 12.78 19.56
C ASP A 108 -3.88 11.95 20.83
N GLY A 109 -3.08 12.20 21.87
CA GLY A 109 -3.16 11.58 23.19
C GLY A 109 -2.28 12.30 24.24
N SER A 110 -1.93 13.58 24.00
CA SER A 110 -1.00 14.37 24.82
C SER A 110 -1.44 14.58 26.28
N HIS A 111 -2.73 14.40 26.58
CA HIS A 111 -3.33 14.40 27.92
C HIS A 111 -3.31 13.04 28.62
N HIS A 112 -2.78 11.99 27.97
CA HIS A 112 -2.81 10.58 28.41
C HIS A 112 -4.22 10.08 28.79
N HIS A 113 -5.26 10.66 28.18
CA HIS A 113 -6.69 10.46 28.48
C HIS A 113 -7.12 10.74 29.93
N HIS A 114 -6.31 11.48 30.70
CA HIS A 114 -6.69 12.01 32.02
C HIS A 114 -7.74 13.13 31.92
N HIS A 115 -8.44 13.39 33.02
CA HIS A 115 -9.43 14.46 33.17
C HIS A 115 -9.46 15.03 34.59
N HIS A 116 -10.16 16.15 34.79
CA HIS A 116 -10.16 16.95 36.02
C HIS A 116 -11.57 17.45 36.39
N ASP A 1 -17.16 8.95 1.17
CA ASP A 1 -15.76 9.37 1.47
C ASP A 1 -14.77 8.69 0.52
N VAL A 2 -14.15 7.56 0.90
CA VAL A 2 -13.11 6.87 0.10
C VAL A 2 -13.33 5.38 -0.01
N ILE A 3 -12.87 4.85 -1.14
CA ILE A 3 -12.62 3.47 -1.48
C ILE A 3 -11.17 3.44 -2.00
N ILE A 4 -10.22 3.05 -1.14
CA ILE A 4 -8.78 3.11 -1.35
C ILE A 4 -8.35 2.13 -2.46
N LYS A 5 -7.28 2.49 -3.19
CA LYS A 5 -6.71 1.71 -4.31
C LYS A 5 -5.18 1.82 -4.38
N PRO A 6 -4.53 0.82 -5.00
CA PRO A 6 -3.07 0.78 -5.12
C PRO A 6 -2.58 1.69 -6.26
N GLN A 7 -1.31 2.10 -6.22
CA GLN A 7 -0.69 2.92 -7.28
C GLN A 7 0.03 2.10 -8.39
N VAL A 8 0.13 0.78 -8.20
CA VAL A 8 0.61 -0.19 -9.19
C VAL A 8 -0.26 -1.44 -9.18
N SER A 9 -0.31 -2.17 -10.28
CA SER A 9 -0.92 -3.51 -10.32
C SER A 9 0.06 -4.57 -9.79
N GLY A 10 -0.44 -5.70 -9.30
CA GLY A 10 0.34 -6.77 -8.66
C GLY A 10 -0.53 -7.58 -7.74
N VAL A 11 0.04 -8.19 -6.69
CA VAL A 11 -0.70 -8.97 -5.73
C VAL A 11 -0.35 -8.61 -4.29
N ILE A 12 -1.30 -8.67 -3.36
CA ILE A 12 -1.05 -8.32 -1.95
C ILE A 12 0.01 -9.24 -1.31
N VAL A 13 0.82 -8.70 -0.40
CA VAL A 13 1.90 -9.38 0.34
C VAL A 13 1.74 -9.22 1.85
N ASN A 14 1.26 -8.06 2.31
CA ASN A 14 1.01 -7.79 3.73
C ASN A 14 -0.18 -6.83 3.90
N LYS A 15 -0.76 -6.86 5.11
CA LYS A 15 -1.92 -6.11 5.57
C LYS A 15 -1.50 -5.36 6.84
N LEU A 16 -1.08 -4.13 6.68
CA LEU A 16 -0.59 -3.28 7.77
C LEU A 16 -1.72 -2.82 8.69
N PHE A 17 -2.81 -2.38 8.06
CA PHE A 17 -4.02 -1.89 8.73
C PHE A 17 -4.86 -3.03 9.34
N LYS A 18 -6.03 -2.68 9.88
CA LYS A 18 -7.03 -3.62 10.43
C LYS A 18 -8.43 -3.29 9.97
N ALA A 19 -9.16 -4.32 9.56
CA ALA A 19 -10.56 -4.28 9.16
C ALA A 19 -11.44 -3.67 10.28
N GLY A 20 -11.92 -2.45 10.05
CA GLY A 20 -12.83 -1.72 10.95
C GLY A 20 -12.18 -0.68 11.89
N ASP A 21 -10.84 -0.63 12.00
CA ASP A 21 -10.13 0.23 12.96
C ASP A 21 -9.92 1.70 12.50
N LYS A 22 -9.17 2.49 13.27
CA LYS A 22 -8.69 3.83 12.88
C LYS A 22 -7.46 3.75 11.97
N VAL A 23 -7.20 4.87 11.28
CA VAL A 23 -5.98 5.14 10.49
C VAL A 23 -5.56 6.61 10.69
N LYS A 24 -4.24 6.86 10.77
CA LYS A 24 -3.66 8.22 10.73
C LYS A 24 -3.78 8.85 9.34
N LYS A 25 -3.26 10.07 9.18
CA LYS A 25 -3.31 10.97 8.00
C LYS A 25 -2.60 10.44 6.72
N GLY A 26 -2.64 9.14 6.47
CA GLY A 26 -1.82 8.46 5.47
C GLY A 26 -0.96 7.32 6.01
N GLN A 27 -1.38 6.65 7.10
CA GLN A 27 -0.71 5.43 7.54
C GLN A 27 -0.65 4.37 6.43
N THR A 28 0.40 3.56 6.45
CA THR A 28 0.59 2.43 5.54
C THR A 28 -0.46 1.33 5.79
N LEU A 29 -1.01 0.78 4.71
CA LEU A 29 -2.18 -0.11 4.68
C LEU A 29 -1.87 -1.47 4.04
N PHE A 30 -1.17 -1.48 2.90
CA PHE A 30 -0.84 -2.71 2.14
C PHE A 30 0.56 -2.72 1.55
N ILE A 31 0.98 -3.91 1.12
CA ILE A 31 2.19 -4.17 0.36
C ILE A 31 1.79 -5.07 -0.82
N ILE A 32 2.37 -4.84 -1.99
CA ILE A 32 2.11 -5.54 -3.26
C ILE A 32 3.38 -6.09 -3.86
N GLU A 33 3.25 -7.19 -4.62
CA GLU A 33 4.32 -7.70 -5.47
C GLU A 33 3.91 -7.57 -6.94
N GLN A 34 4.64 -6.74 -7.68
CA GLN A 34 4.33 -6.40 -9.08
C GLN A 34 4.27 -7.59 -10.04
N ASP A 35 5.00 -8.64 -9.70
CA ASP A 35 5.21 -9.88 -10.47
C ASP A 35 6.36 -10.69 -9.83
N GLN A 36 6.22 -12.01 -9.79
CA GLN A 36 7.12 -12.91 -9.05
C GLN A 36 8.53 -12.98 -9.62
N ALA A 37 9.51 -13.13 -8.71
CA ALA A 37 10.87 -13.52 -9.07
C ALA A 37 11.28 -14.91 -8.55
N SER A 38 11.39 -15.09 -7.23
CA SER A 38 11.79 -16.39 -6.63
C SER A 38 10.82 -17.54 -6.93
N LYS A 39 9.54 -17.22 -7.18
CA LYS A 39 8.50 -18.20 -7.51
C LYS A 39 8.74 -18.85 -8.89
N ASP A 40 9.46 -18.16 -9.77
CA ASP A 40 9.99 -18.73 -11.02
C ASP A 40 11.38 -19.33 -10.77
N PHE A 41 12.26 -18.57 -10.12
CA PHE A 41 13.67 -18.89 -10.03
C PHE A 41 14.01 -20.15 -9.21
N ASN A 42 13.28 -20.43 -8.14
CA ASN A 42 13.47 -21.67 -7.36
C ASN A 42 13.30 -22.92 -8.22
N ARG A 43 12.33 -22.88 -9.14
CA ARG A 43 11.96 -24.08 -9.91
C ARG A 43 13.01 -24.40 -10.98
N SER A 44 13.66 -23.37 -11.54
CA SER A 44 14.75 -23.50 -12.53
C SER A 44 15.97 -24.26 -12.00
N LYS A 45 16.29 -24.14 -10.69
CA LYS A 45 17.47 -24.75 -10.05
C LYS A 45 17.57 -26.27 -10.23
N ALA A 46 16.44 -26.96 -10.44
CA ALA A 46 16.37 -28.38 -10.74
C ALA A 46 16.92 -28.76 -12.14
N LEU A 47 17.19 -27.79 -13.02
CA LEU A 47 17.52 -27.99 -14.44
C LEU A 47 18.70 -27.12 -14.92
N PHE A 48 18.68 -25.82 -14.64
CA PHE A 48 19.57 -24.81 -15.25
C PHE A 48 19.67 -23.51 -14.43
N SER A 49 20.74 -22.75 -14.67
CA SER A 49 20.97 -21.42 -14.09
C SER A 49 20.82 -20.27 -15.12
N GLN A 50 20.67 -20.58 -16.40
CA GLN A 50 20.55 -19.60 -17.50
C GLN A 50 19.33 -18.66 -17.34
N SER A 51 18.30 -19.08 -16.60
CA SER A 51 17.14 -18.27 -16.21
C SER A 51 17.49 -16.99 -15.46
N ALA A 52 18.71 -16.86 -14.93
CA ALA A 52 19.23 -15.65 -14.27
C ALA A 52 19.30 -14.41 -15.18
N ILE A 53 19.17 -14.61 -16.49
CA ILE A 53 19.17 -13.57 -17.53
C ILE A 53 17.75 -13.11 -17.90
N SER A 54 16.71 -13.87 -17.54
CA SER A 54 15.30 -13.56 -17.86
C SER A 54 14.82 -12.24 -17.24
N GLN A 55 14.02 -11.47 -17.99
CA GLN A 55 13.60 -10.07 -17.78
C GLN A 55 12.88 -9.71 -16.46
N LYS A 56 12.57 -10.71 -15.63
CA LYS A 56 11.88 -10.57 -14.33
C LYS A 56 12.59 -11.32 -13.19
N GLU A 57 13.72 -11.96 -13.49
CA GLU A 57 14.62 -12.65 -12.58
C GLU A 57 15.98 -11.94 -12.44
N TYR A 58 16.50 -11.39 -13.54
CA TYR A 58 17.79 -10.71 -13.61
C TYR A 58 17.91 -9.45 -12.71
N ASP A 59 16.78 -8.90 -12.28
CA ASP A 59 16.63 -7.64 -11.56
C ASP A 59 16.35 -7.80 -10.04
N SER A 60 16.42 -9.02 -9.50
CA SER A 60 16.35 -9.24 -8.03
C SER A 60 17.44 -8.49 -7.26
N SER A 61 18.58 -8.21 -7.88
CA SER A 61 19.66 -7.35 -7.34
C SER A 61 19.33 -5.84 -7.34
N LEU A 62 18.36 -5.41 -8.16
CA LEU A 62 17.96 -4.02 -8.36
C LEU A 62 16.67 -3.64 -7.62
N ALA A 63 15.75 -4.59 -7.43
CA ALA A 63 14.39 -4.35 -6.96
C ALA A 63 13.86 -5.35 -5.93
N THR A 64 14.72 -6.25 -5.45
CA THR A 64 14.44 -7.40 -4.55
C THR A 64 13.44 -8.42 -5.08
N LEU A 65 12.19 -8.01 -5.11
CA LEU A 65 10.97 -8.74 -5.50
C LEU A 65 9.93 -7.86 -6.24
N ASP A 66 10.28 -6.62 -6.59
CA ASP A 66 9.38 -5.62 -7.18
C ASP A 66 8.16 -5.28 -6.29
N HIS A 67 8.41 -5.07 -4.99
CA HIS A 67 7.36 -4.66 -4.06
C HIS A 67 7.02 -3.17 -4.14
N THR A 68 5.76 -2.84 -3.80
CA THR A 68 5.31 -1.44 -3.60
C THR A 68 4.35 -1.36 -2.41
N GLU A 69 4.34 -0.23 -1.69
CA GLU A 69 3.55 -0.03 -0.47
C GLU A 69 2.42 1.00 -0.70
N ILE A 70 1.29 0.85 0.00
CA ILE A 70 0.04 1.58 -0.22
C ILE A 70 -0.39 2.20 1.12
N LYS A 71 -0.90 3.43 1.11
CA LYS A 71 -1.19 4.22 2.31
C LYS A 71 -2.52 4.99 2.24
N ALA A 72 -3.11 5.29 3.40
CA ALA A 72 -4.41 5.98 3.55
C ALA A 72 -4.46 7.38 2.90
N PRO A 73 -5.66 7.92 2.67
CA PRO A 73 -5.84 9.31 2.23
C PRO A 73 -5.71 10.33 3.37
N PHE A 74 -6.31 10.02 4.53
CA PHE A 74 -6.53 10.91 5.66
C PHE A 74 -6.84 10.16 6.97
N ASP A 75 -6.83 10.91 8.09
CA ASP A 75 -7.17 10.41 9.42
C ASP A 75 -8.67 10.19 9.56
N GLY A 76 -9.04 8.96 9.89
CA GLY A 76 -10.42 8.49 9.84
C GLY A 76 -10.56 7.06 10.32
N THR A 77 -11.64 6.43 9.89
CA THR A 77 -12.01 5.08 10.29
C THR A 77 -12.28 4.27 9.04
N ILE A 78 -11.63 3.13 8.95
CA ILE A 78 -11.54 2.34 7.73
C ILE A 78 -12.53 1.16 7.82
N GLY A 79 -12.99 0.65 6.69
CA GLY A 79 -13.96 -0.45 6.64
C GLY A 79 -13.30 -1.83 6.77
N ASP A 80 -14.06 -2.89 6.53
CA ASP A 80 -13.53 -4.23 6.40
C ASP A 80 -12.71 -4.36 5.10
N ALA A 81 -11.64 -5.14 5.15
CA ALA A 81 -10.77 -5.37 4.01
C ALA A 81 -11.51 -6.09 2.86
N LEU A 82 -11.07 -5.86 1.63
CA LEU A 82 -11.64 -6.44 0.39
C LEU A 82 -10.62 -7.31 -0.38
N VAL A 83 -9.44 -7.54 0.21
CA VAL A 83 -8.29 -8.26 -0.34
C VAL A 83 -7.53 -8.99 0.76
N ASN A 84 -6.77 -10.02 0.39
CA ASN A 84 -5.95 -10.85 1.27
C ASN A 84 -4.58 -11.06 0.62
N ILE A 85 -3.63 -11.57 1.39
CA ILE A 85 -2.27 -11.94 0.98
C ILE A 85 -2.34 -12.93 -0.19
N GLY A 86 -2.07 -12.44 -1.39
CA GLY A 86 -2.03 -13.19 -2.65
C GLY A 86 -3.10 -12.75 -3.66
N ASP A 87 -4.03 -11.87 -3.27
CA ASP A 87 -5.05 -11.35 -4.18
C ASP A 87 -4.43 -10.43 -5.25
N TYR A 88 -4.62 -10.77 -6.52
CA TYR A 88 -4.31 -9.90 -7.65
C TYR A 88 -5.18 -8.64 -7.65
N VAL A 89 -4.55 -7.49 -7.90
CA VAL A 89 -5.13 -6.15 -7.92
C VAL A 89 -4.53 -5.29 -9.04
N SER A 90 -5.28 -4.28 -9.45
CA SER A 90 -4.92 -3.33 -10.52
C SER A 90 -5.22 -1.89 -10.06
N ALA A 91 -4.38 -0.94 -10.50
CA ALA A 91 -4.29 0.42 -9.96
C ALA A 91 -5.52 1.30 -9.89
N SER A 92 -6.53 1.04 -10.70
CA SER A 92 -7.85 1.63 -10.47
C SER A 92 -8.99 0.62 -10.54
N THR A 93 -8.67 -0.65 -10.84
CA THR A 93 -9.69 -1.67 -11.20
C THR A 93 -10.10 -2.57 -10.03
N THR A 94 -9.36 -2.54 -8.92
CA THR A 94 -9.50 -3.48 -7.80
C THR A 94 -9.31 -2.70 -6.52
N GLU A 95 -10.36 -2.77 -5.72
CA GLU A 95 -10.58 -1.90 -4.58
C GLU A 95 -10.28 -2.65 -3.28
N LEU A 96 -9.43 -2.04 -2.45
CA LEU A 96 -8.79 -2.70 -1.31
C LEU A 96 -9.57 -2.63 0.01
N VAL A 97 -10.22 -1.49 0.28
CA VAL A 97 -11.04 -1.16 1.48
C VAL A 97 -11.56 0.29 1.37
N ARG A 98 -12.58 0.69 2.15
CA ARG A 98 -13.07 2.07 2.26
C ARG A 98 -12.52 2.86 3.46
N VAL A 99 -12.34 4.19 3.47
CA VAL A 99 -12.17 4.93 4.76
C VAL A 99 -13.01 6.20 4.74
N THR A 100 -13.44 6.58 5.93
CA THR A 100 -14.41 7.63 6.17
C THR A 100 -14.04 8.47 7.39
N ASN A 101 -14.33 9.75 7.36
CA ASN A 101 -13.93 10.69 8.40
C ASN A 101 -15.10 10.99 9.35
N LEU A 102 -14.96 10.49 10.58
CA LEU A 102 -15.81 10.80 11.73
C LEU A 102 -15.76 12.29 12.15
N ASN A 103 -16.58 12.67 13.13
CA ASN A 103 -16.64 14.03 13.69
C ASN A 103 -15.25 14.49 14.22
N PRO A 104 -15.01 15.81 14.37
CA PRO A 104 -13.67 16.37 14.62
C PRO A 104 -13.13 16.17 16.05
N ILE A 105 -13.87 15.44 16.87
CA ILE A 105 -13.50 14.94 18.21
C ILE A 105 -13.08 13.46 18.20
N TYR A 106 -13.14 12.79 17.05
CA TYR A 106 -12.92 11.35 16.87
C TYR A 106 -12.01 11.03 15.66
N ALA A 107 -11.89 11.93 14.69
CA ALA A 107 -10.96 11.88 13.56
C ALA A 107 -10.64 13.29 13.04
N ASP A 108 -9.58 13.44 12.21
CA ASP A 108 -9.12 14.75 11.73
C ASP A 108 -9.39 15.00 10.22
N GLY A 109 -9.47 13.96 9.39
CA GLY A 109 -9.90 14.03 7.99
C GLY A 109 -9.01 14.85 7.06
N SER A 110 -9.49 15.17 5.86
CA SER A 110 -8.89 16.15 4.97
C SER A 110 -9.06 17.56 5.56
N HIS A 111 -8.09 18.46 5.34
CA HIS A 111 -8.03 19.78 6.01
C HIS A 111 -7.70 20.94 5.06
N HIS A 112 -7.65 22.15 5.62
CA HIS A 112 -7.53 23.44 4.92
C HIS A 112 -6.61 24.40 5.68
N HIS A 113 -6.18 25.49 5.04
CA HIS A 113 -5.21 26.47 5.57
C HIS A 113 -5.63 27.15 6.88
N HIS A 114 -6.94 27.20 7.18
CA HIS A 114 -7.50 27.78 8.40
C HIS A 114 -7.76 26.75 9.53
N HIS A 115 -7.31 25.50 9.38
CA HIS A 115 -7.39 24.44 10.39
C HIS A 115 -6.34 24.63 11.53
N HIS A 116 -6.52 25.71 12.30
CA HIS A 116 -5.61 26.19 13.36
C HIS A 116 -6.38 26.71 14.59
N ASP A 1 -15.84 10.40 1.89
CA ASP A 1 -15.24 9.04 2.11
C ASP A 1 -14.46 8.58 0.88
N VAL A 2 -13.81 7.41 0.97
CA VAL A 2 -12.91 6.84 -0.04
C VAL A 2 -13.11 5.35 -0.20
N ILE A 3 -12.86 4.86 -1.40
CA ILE A 3 -12.70 3.45 -1.76
C ILE A 3 -11.22 3.38 -2.19
N ILE A 4 -10.32 3.01 -1.27
CA ILE A 4 -8.88 3.12 -1.43
C ILE A 4 -8.39 2.16 -2.54
N LYS A 5 -7.34 2.55 -3.27
CA LYS A 5 -6.79 1.79 -4.41
C LYS A 5 -5.26 1.87 -4.51
N PRO A 6 -4.63 0.83 -5.10
CA PRO A 6 -3.18 0.74 -5.15
C PRO A 6 -2.56 1.62 -6.24
N GLN A 7 -1.35 2.13 -6.00
CA GLN A 7 -0.62 2.97 -6.96
C GLN A 7 0.06 2.17 -8.12
N VAL A 8 0.03 0.84 -8.05
CA VAL A 8 0.55 -0.12 -9.05
C VAL A 8 -0.38 -1.34 -9.16
N SER A 9 -0.07 -2.27 -10.06
CA SER A 9 -0.73 -3.59 -10.15
C SER A 9 0.23 -4.72 -9.71
N GLY A 10 -0.32 -5.90 -9.39
CA GLY A 10 0.37 -7.02 -8.74
C GLY A 10 -0.55 -7.65 -7.77
N VAL A 11 0.02 -7.95 -6.63
CA VAL A 11 -0.65 -8.80 -5.69
C VAL A 11 -0.33 -8.36 -4.27
N ILE A 12 -1.31 -8.46 -3.38
CA ILE A 12 -1.13 -8.15 -1.95
C ILE A 12 -0.09 -9.08 -1.27
N VAL A 13 0.69 -8.53 -0.33
CA VAL A 13 1.80 -9.19 0.40
C VAL A 13 1.68 -9.01 1.91
N ASN A 14 1.15 -7.88 2.38
CA ASN A 14 0.88 -7.62 3.80
C ASN A 14 -0.33 -6.69 3.96
N LYS A 15 -0.92 -6.73 5.16
CA LYS A 15 -2.08 -5.97 5.60
C LYS A 15 -1.68 -5.23 6.88
N LEU A 16 -1.23 -4.00 6.71
CA LEU A 16 -0.77 -3.15 7.80
C LEU A 16 -1.92 -2.72 8.70
N PHE A 17 -2.98 -2.24 8.06
CA PHE A 17 -4.25 -1.88 8.69
C PHE A 17 -5.04 -3.12 9.14
N LYS A 18 -6.21 -2.88 9.72
CA LYS A 18 -7.16 -3.91 10.19
C LYS A 18 -8.60 -3.54 9.82
N ALA A 19 -9.37 -4.53 9.37
CA ALA A 19 -10.77 -4.41 9.04
C ALA A 19 -11.62 -3.91 10.24
N GLY A 20 -12.00 -2.63 10.20
CA GLY A 20 -12.82 -1.95 11.21
C GLY A 20 -12.05 -1.01 12.15
N ASP A 21 -10.73 -0.98 12.12
CA ASP A 21 -9.89 -0.15 13.00
C ASP A 21 -9.79 1.35 12.56
N LYS A 22 -8.66 2.00 12.88
CA LYS A 22 -8.37 3.43 12.62
C LYS A 22 -7.08 3.58 11.80
N VAL A 23 -6.91 4.77 11.21
CA VAL A 23 -5.74 5.18 10.41
C VAL A 23 -5.32 6.62 10.76
N LYS A 24 -4.01 6.89 10.81
CA LYS A 24 -3.41 8.21 10.88
C LYS A 24 -3.58 8.95 9.53
N LYS A 25 -3.08 10.19 9.38
CA LYS A 25 -3.19 11.09 8.19
C LYS A 25 -2.48 10.59 6.91
N GLY A 26 -2.53 9.29 6.62
CA GLY A 26 -1.77 8.65 5.54
C GLY A 26 -0.89 7.49 5.97
N GLN A 27 -1.22 6.80 7.08
CA GLN A 27 -0.54 5.55 7.44
C GLN A 27 -0.57 4.51 6.29
N THR A 28 0.45 3.66 6.24
CA THR A 28 0.53 2.54 5.29
C THR A 28 -0.52 1.47 5.63
N LEU A 29 -1.14 0.90 4.60
CA LEU A 29 -2.32 0.03 4.65
C LEU A 29 -2.03 -1.35 4.04
N PHE A 30 -1.34 -1.39 2.90
CA PHE A 30 -0.98 -2.64 2.19
C PHE A 30 0.44 -2.59 1.63
N ILE A 31 0.91 -3.77 1.26
CA ILE A 31 2.16 -4.01 0.50
C ILE A 31 1.78 -4.82 -0.72
N ILE A 32 2.30 -4.45 -1.89
CA ILE A 32 2.15 -5.18 -3.14
C ILE A 32 3.49 -5.67 -3.63
N GLU A 33 3.44 -6.82 -4.29
CA GLU A 33 4.48 -7.42 -5.08
C GLU A 33 4.13 -7.14 -6.56
N GLN A 34 4.97 -6.38 -7.27
CA GLN A 34 4.73 -5.99 -8.66
C GLN A 34 4.66 -7.16 -9.64
N ASP A 35 5.50 -8.15 -9.37
CA ASP A 35 5.66 -9.38 -10.14
C ASP A 35 6.50 -10.41 -9.35
N GLN A 36 6.47 -11.67 -9.79
CA GLN A 36 7.17 -12.77 -9.13
C GLN A 36 8.03 -13.64 -10.07
N ALA A 37 8.27 -13.19 -11.29
CA ALA A 37 8.99 -13.95 -12.32
C ALA A 37 10.46 -14.26 -11.91
N SER A 38 11.11 -13.30 -11.27
CA SER A 38 12.49 -13.44 -10.76
C SER A 38 12.57 -14.10 -9.38
N LYS A 39 11.45 -14.35 -8.69
CA LYS A 39 11.46 -14.76 -7.27
C LYS A 39 12.16 -16.10 -7.03
N ASP A 40 12.05 -17.05 -7.96
CA ASP A 40 12.84 -18.28 -7.96
C ASP A 40 14.29 -18.06 -8.44
N PHE A 41 14.47 -17.27 -9.49
CA PHE A 41 15.74 -17.10 -10.21
C PHE A 41 16.78 -16.28 -9.43
N ASN A 42 16.31 -15.32 -8.63
CA ASN A 42 17.12 -14.47 -7.73
C ASN A 42 17.78 -15.23 -6.59
N ARG A 43 17.31 -16.45 -6.30
CA ARG A 43 17.66 -17.14 -5.06
C ARG A 43 19.18 -17.38 -4.87
N SER A 44 19.91 -17.52 -5.98
CA SER A 44 21.39 -17.62 -6.02
C SER A 44 22.10 -16.37 -5.45
N LYS A 45 21.46 -15.20 -5.52
CA LYS A 45 21.95 -13.91 -4.99
C LYS A 45 21.37 -13.59 -3.61
N ALA A 46 20.20 -14.15 -3.29
CA ALA A 46 19.57 -14.11 -1.97
C ALA A 46 20.27 -15.01 -0.90
N LEU A 47 21.37 -15.70 -1.28
CA LEU A 47 22.22 -16.54 -0.43
C LEU A 47 22.68 -15.91 0.90
N PHE A 48 22.95 -16.83 1.84
CA PHE A 48 23.63 -16.74 3.13
C PHE A 48 23.64 -15.35 3.84
N SER A 49 24.34 -14.34 3.32
CA SER A 49 24.33 -12.96 3.84
C SER A 49 22.93 -12.36 3.96
N GLN A 50 22.02 -12.73 3.04
CA GLN A 50 20.60 -12.35 3.09
C GLN A 50 19.71 -13.49 3.64
N SER A 51 20.04 -14.77 3.43
CA SER A 51 19.30 -15.91 4.00
C SER A 51 19.26 -15.91 5.54
N ALA A 52 20.26 -15.29 6.19
CA ALA A 52 20.30 -15.08 7.65
C ALA A 52 19.15 -14.22 8.19
N ILE A 53 18.51 -13.40 7.34
CA ILE A 53 17.36 -12.54 7.60
C ILE A 53 17.61 -11.35 8.55
N SER A 54 18.14 -11.61 9.75
CA SER A 54 18.23 -10.69 10.88
C SER A 54 16.87 -10.07 11.26
N GLN A 55 16.27 -10.57 12.35
CA GLN A 55 14.94 -10.22 12.87
C GLN A 55 14.71 -8.72 13.19
N LYS A 56 15.75 -7.89 13.09
CA LYS A 56 15.71 -6.44 13.35
C LYS A 56 15.98 -5.61 12.09
N GLU A 57 16.24 -6.27 10.96
CA GLU A 57 16.43 -5.69 9.61
C GLU A 57 15.39 -6.18 8.58
N TYR A 58 14.97 -7.43 8.69
CA TYR A 58 14.12 -8.14 7.72
C TYR A 58 12.76 -7.48 7.39
N ASP A 59 12.27 -6.55 8.21
CA ASP A 59 11.09 -5.75 7.91
C ASP A 59 11.30 -4.76 6.74
N SER A 60 12.55 -4.46 6.37
CA SER A 60 12.85 -3.76 5.11
C SER A 60 12.67 -4.69 3.91
N SER A 61 13.13 -5.94 4.02
CA SER A 61 13.03 -6.98 2.97
C SER A 61 11.59 -7.30 2.57
N LEU A 62 10.63 -7.10 3.48
CA LEU A 62 9.19 -7.18 3.24
C LEU A 62 8.65 -6.13 2.25
N ALA A 63 9.40 -5.07 1.96
CA ALA A 63 8.95 -3.88 1.24
C ALA A 63 10.07 -3.25 0.37
N THR A 64 10.85 -4.09 -0.32
CA THR A 64 12.07 -3.70 -1.07
C THR A 64 12.27 -4.39 -2.40
N LEU A 65 12.28 -5.72 -2.33
CA LEU A 65 12.74 -6.67 -3.36
C LEU A 65 12.09 -6.51 -4.74
N ASP A 66 10.79 -6.28 -4.73
CA ASP A 66 9.87 -6.18 -5.88
C ASP A 66 8.56 -5.52 -5.49
N HIS A 67 8.60 -4.64 -4.48
CA HIS A 67 7.41 -4.17 -3.78
C HIS A 67 7.01 -2.71 -3.96
N THR A 68 5.75 -2.44 -3.65
CA THR A 68 5.22 -1.07 -3.50
C THR A 68 4.21 -0.99 -2.34
N GLU A 69 4.39 -0.04 -1.42
CA GLU A 69 3.43 0.26 -0.34
C GLU A 69 2.19 1.03 -0.86
N ILE A 70 1.08 0.91 -0.13
CA ILE A 70 -0.18 1.61 -0.34
C ILE A 70 -0.58 2.26 0.98
N LYS A 71 -1.02 3.52 0.96
CA LYS A 71 -1.25 4.34 2.16
C LYS A 71 -2.57 5.11 2.12
N ALA A 72 -3.10 5.44 3.31
CA ALA A 72 -4.38 6.16 3.46
C ALA A 72 -4.34 7.59 2.87
N PRO A 73 -5.51 8.20 2.64
CA PRO A 73 -5.62 9.62 2.29
C PRO A 73 -5.48 10.58 3.50
N PHE A 74 -6.10 10.22 4.62
CA PHE A 74 -6.35 11.06 5.80
C PHE A 74 -6.64 10.23 7.06
N ASP A 75 -6.70 10.91 8.22
CA ASP A 75 -7.05 10.30 9.52
C ASP A 75 -8.54 10.00 9.63
N GLY A 76 -8.88 8.81 10.12
CA GLY A 76 -10.25 8.33 10.18
C GLY A 76 -10.36 6.86 10.56
N THR A 77 -11.52 6.31 10.23
CA THR A 77 -11.85 4.88 10.37
C THR A 77 -11.73 4.20 9.03
N ILE A 78 -11.58 2.88 9.06
CA ILE A 78 -11.34 2.08 7.87
C ILE A 78 -12.19 0.83 7.89
N GLY A 79 -12.86 0.57 6.76
CA GLY A 79 -13.92 -0.45 6.66
C GLY A 79 -13.40 -1.87 6.63
N ASP A 80 -14.28 -2.83 6.34
CA ASP A 80 -13.86 -4.19 6.04
C ASP A 80 -13.01 -4.25 4.77
N ALA A 81 -11.87 -4.91 4.90
CA ALA A 81 -10.95 -5.19 3.81
C ALA A 81 -11.66 -5.93 2.66
N LEU A 82 -11.28 -5.62 1.43
CA LEU A 82 -11.77 -6.26 0.20
C LEU A 82 -10.77 -7.28 -0.41
N VAL A 83 -9.56 -7.38 0.16
CA VAL A 83 -8.40 -8.11 -0.40
C VAL A 83 -7.56 -8.79 0.68
N ASN A 84 -6.80 -9.80 0.28
CA ASN A 84 -5.92 -10.60 1.11
C ASN A 84 -4.64 -10.92 0.34
N ILE A 85 -3.65 -11.44 1.06
CA ILE A 85 -2.31 -11.79 0.56
C ILE A 85 -2.45 -12.85 -0.54
N GLY A 86 -2.29 -12.46 -1.82
CA GLY A 86 -2.48 -13.37 -2.95
C GLY A 86 -3.66 -12.96 -3.84
N ASP A 87 -4.52 -12.04 -3.40
CA ASP A 87 -5.49 -11.42 -4.29
C ASP A 87 -4.73 -10.60 -5.32
N TYR A 88 -5.02 -10.91 -6.59
CA TYR A 88 -4.49 -10.18 -7.72
C TYR A 88 -5.18 -8.82 -7.80
N VAL A 89 -4.43 -7.78 -7.44
CA VAL A 89 -4.94 -6.39 -7.54
C VAL A 89 -4.34 -5.54 -8.66
N SER A 90 -5.10 -4.54 -9.10
CA SER A 90 -4.75 -3.65 -10.20
C SER A 90 -5.16 -2.20 -9.88
N ALA A 91 -4.40 -1.23 -10.41
CA ALA A 91 -4.36 0.17 -9.98
C ALA A 91 -5.63 0.99 -9.84
N SER A 92 -6.69 0.65 -10.54
CA SER A 92 -8.02 1.18 -10.23
C SER A 92 -9.12 0.12 -10.28
N THR A 93 -8.73 -1.13 -10.54
CA THR A 93 -9.62 -2.22 -10.97
C THR A 93 -10.14 -3.18 -9.89
N THR A 94 -9.59 -3.18 -8.66
CA THR A 94 -9.83 -4.27 -7.70
C THR A 94 -10.38 -3.86 -6.35
N GLU A 95 -10.03 -2.64 -5.93
CA GLU A 95 -10.48 -1.97 -4.72
C GLU A 95 -10.13 -2.73 -3.43
N LEU A 96 -9.42 -2.04 -2.54
CA LEU A 96 -8.74 -2.67 -1.39
C LEU A 96 -9.51 -2.65 -0.07
N VAL A 97 -10.24 -1.55 0.18
CA VAL A 97 -11.05 -1.21 1.36
C VAL A 97 -11.63 0.21 1.18
N ARG A 98 -12.41 0.72 2.14
CA ARG A 98 -12.83 2.12 2.21
C ARG A 98 -12.22 2.88 3.37
N VAL A 99 -11.90 4.18 3.22
CA VAL A 99 -11.38 5.01 4.34
C VAL A 99 -12.34 6.16 4.60
N THR A 100 -12.71 6.38 5.85
CA THR A 100 -13.79 7.30 6.23
C THR A 100 -13.50 8.11 7.49
N ASN A 101 -13.45 9.43 7.35
CA ASN A 101 -13.20 10.38 8.45
C ASN A 101 -14.37 10.50 9.46
N LEU A 102 -15.45 9.73 9.25
CA LEU A 102 -16.73 9.83 9.99
C LEU A 102 -17.31 11.26 9.91
N ASN A 103 -17.17 12.06 10.97
CA ASN A 103 -17.48 13.50 10.95
C ASN A 103 -16.31 14.31 11.58
N PRO A 104 -16.15 15.60 11.23
CA PRO A 104 -15.00 16.42 11.60
C PRO A 104 -15.08 16.99 13.05
N ILE A 105 -16.01 16.45 13.84
CA ILE A 105 -16.39 16.85 15.21
C ILE A 105 -16.36 15.67 16.20
N TYR A 106 -16.12 14.45 15.71
CA TYR A 106 -16.05 13.22 16.52
C TYR A 106 -14.70 13.02 17.25
N ALA A 107 -13.73 13.91 17.03
CA ALA A 107 -12.38 13.85 17.63
C ALA A 107 -12.35 13.92 19.17
N ASP A 108 -13.36 14.54 19.80
CA ASP A 108 -13.54 14.51 21.25
C ASP A 108 -15.00 14.75 21.68
N GLY A 109 -15.36 14.32 22.90
CA GLY A 109 -16.65 14.57 23.54
C GLY A 109 -16.93 13.61 24.70
N SER A 110 -16.62 12.32 24.50
CA SER A 110 -16.60 11.26 25.51
C SER A 110 -15.74 10.08 25.02
N HIS A 111 -15.17 9.32 25.97
CA HIS A 111 -14.43 8.08 25.72
C HIS A 111 -15.33 6.83 25.70
N HIS A 112 -16.50 6.90 26.34
CA HIS A 112 -17.49 5.83 26.56
C HIS A 112 -17.02 4.58 27.32
N HIS A 113 -15.74 4.49 27.72
CA HIS A 113 -15.14 3.39 28.50
C HIS A 113 -14.23 3.90 29.64
N HIS A 114 -14.41 5.17 30.01
CA HIS A 114 -13.70 5.89 31.08
C HIS A 114 -14.60 7.02 31.65
N HIS A 115 -14.16 7.67 32.73
CA HIS A 115 -14.81 8.84 33.35
C HIS A 115 -14.66 10.15 32.52
N HIS A 116 -14.92 10.08 31.21
CA HIS A 116 -14.88 11.18 30.25
C HIS A 116 -16.07 11.09 29.27
N ASP A 1 -15.99 7.61 2.80
CA ASP A 1 -15.61 8.70 1.86
C ASP A 1 -14.80 8.16 0.68
N VAL A 2 -13.59 7.66 0.93
CA VAL A 2 -12.71 7.00 -0.05
C VAL A 2 -13.02 5.53 -0.21
N ILE A 3 -12.74 4.99 -1.39
CA ILE A 3 -12.66 3.58 -1.75
C ILE A 3 -11.22 3.42 -2.25
N ILE A 4 -10.28 3.09 -1.35
CA ILE A 4 -8.84 3.14 -1.58
C ILE A 4 -8.39 2.11 -2.64
N LYS A 5 -7.34 2.44 -3.38
CA LYS A 5 -6.79 1.67 -4.49
C LYS A 5 -5.26 1.73 -4.58
N PRO A 6 -4.63 0.70 -5.18
CA PRO A 6 -3.19 0.63 -5.32
C PRO A 6 -2.65 1.55 -6.43
N GLN A 7 -1.35 1.86 -6.37
CA GLN A 7 -0.66 2.71 -7.35
C GLN A 7 0.04 1.93 -8.49
N VAL A 8 0.04 0.59 -8.41
CA VAL A 8 0.53 -0.36 -9.44
C VAL A 8 -0.37 -1.61 -9.48
N SER A 9 -0.06 -2.59 -10.32
CA SER A 9 -0.74 -3.90 -10.38
C SER A 9 0.20 -5.06 -9.94
N GLY A 10 -0.39 -6.20 -9.56
CA GLY A 10 0.27 -7.34 -8.93
C GLY A 10 -0.67 -7.95 -7.96
N VAL A 11 -0.12 -8.15 -6.78
CA VAL A 11 -0.77 -8.96 -5.79
C VAL A 11 -0.39 -8.46 -4.40
N ILE A 12 -1.32 -8.56 -3.45
CA ILE A 12 -1.08 -8.20 -2.05
C ILE A 12 0.01 -9.07 -1.37
N VAL A 13 0.80 -8.47 -0.47
CA VAL A 13 1.94 -9.08 0.26
C VAL A 13 1.81 -8.92 1.78
N ASN A 14 1.28 -7.78 2.23
CA ASN A 14 1.03 -7.49 3.64
C ASN A 14 -0.20 -6.60 3.83
N LYS A 15 -0.75 -6.64 5.04
CA LYS A 15 -1.92 -5.92 5.52
C LYS A 15 -1.50 -5.20 6.81
N LEU A 16 -1.09 -3.95 6.67
CA LEU A 16 -0.59 -3.12 7.75
C LEU A 16 -1.71 -2.71 8.73
N PHE A 17 -2.86 -2.39 8.15
CA PHE A 17 -4.06 -1.97 8.86
C PHE A 17 -4.95 -3.17 9.28
N LYS A 18 -6.11 -2.88 9.89
CA LYS A 18 -7.14 -3.86 10.29
C LYS A 18 -8.54 -3.43 9.88
N ALA A 19 -9.35 -4.39 9.42
CA ALA A 19 -10.77 -4.20 9.14
C ALA A 19 -11.56 -3.67 10.34
N GLY A 20 -12.17 -2.51 10.20
CA GLY A 20 -13.01 -1.87 11.22
C GLY A 20 -12.26 -0.99 12.24
N ASP A 21 -10.92 -1.00 12.25
CA ASP A 21 -10.09 -0.16 13.12
C ASP A 21 -10.03 1.33 12.66
N LYS A 22 -8.98 2.06 13.08
CA LYS A 22 -8.72 3.46 12.78
C LYS A 22 -7.39 3.62 11.99
N VAL A 23 -7.18 4.80 11.42
CA VAL A 23 -5.97 5.20 10.68
C VAL A 23 -5.52 6.60 11.09
N LYS A 24 -4.21 6.80 11.29
CA LYS A 24 -3.54 8.09 11.41
C LYS A 24 -3.50 8.77 10.02
N LYS A 25 -3.27 10.09 9.95
CA LYS A 25 -3.19 10.99 8.74
C LYS A 25 -2.45 10.43 7.51
N GLY A 26 -2.99 9.40 6.87
CA GLY A 26 -2.42 8.80 5.67
C GLY A 26 -1.51 7.60 5.95
N GLN A 27 -1.71 6.91 7.08
CA GLN A 27 -0.94 5.71 7.44
C GLN A 27 -0.89 4.64 6.31
N THR A 28 0.19 3.86 6.28
CA THR A 28 0.39 2.71 5.38
C THR A 28 -0.61 1.59 5.69
N LEU A 29 -1.16 0.98 4.64
CA LEU A 29 -2.29 0.05 4.69
C LEU A 29 -2.00 -1.32 4.05
N PHE A 30 -1.32 -1.34 2.90
CA PHE A 30 -0.97 -2.57 2.16
C PHE A 30 0.42 -2.50 1.53
N ILE A 31 0.88 -3.67 1.08
CA ILE A 31 2.10 -3.89 0.29
C ILE A 31 1.73 -4.81 -0.87
N ILE A 32 2.32 -4.58 -2.04
CA ILE A 32 2.13 -5.32 -3.29
C ILE A 32 3.45 -5.82 -3.86
N GLU A 33 3.37 -6.90 -4.62
CA GLU A 33 4.43 -7.46 -5.42
C GLU A 33 4.06 -7.42 -6.91
N GLN A 34 4.83 -6.66 -7.68
CA GLN A 34 4.67 -6.52 -9.13
C GLN A 34 4.93 -7.81 -9.87
N ASP A 35 6.06 -8.40 -9.54
CA ASP A 35 6.54 -9.72 -9.96
C ASP A 35 7.74 -10.18 -9.10
N GLN A 36 8.21 -11.42 -9.27
CA GLN A 36 9.19 -12.02 -8.36
C GLN A 36 10.56 -12.37 -8.98
N ALA A 37 10.90 -11.88 -10.18
CA ALA A 37 12.22 -12.08 -10.76
C ALA A 37 13.35 -11.49 -9.88
N SER A 38 13.13 -10.28 -9.36
CA SER A 38 14.06 -9.58 -8.46
C SER A 38 14.35 -10.36 -7.15
N LYS A 39 13.41 -11.20 -6.71
CA LYS A 39 13.57 -12.04 -5.50
C LYS A 39 14.61 -13.15 -5.66
N ASP A 40 15.06 -13.44 -6.88
CA ASP A 40 16.22 -14.28 -7.18
C ASP A 40 17.42 -13.44 -7.64
N PHE A 41 17.14 -12.40 -8.43
CA PHE A 41 18.17 -11.63 -9.14
C PHE A 41 18.89 -10.57 -8.27
N ASN A 42 18.28 -10.11 -7.19
CA ASN A 42 18.84 -9.12 -6.25
C ASN A 42 20.26 -9.45 -5.78
N ARG A 43 20.47 -10.70 -5.35
CA ARG A 43 21.70 -11.09 -4.66
C ARG A 43 22.92 -10.90 -5.56
N SER A 44 22.80 -11.29 -6.82
CA SER A 44 23.87 -11.22 -7.82
C SER A 44 24.08 -9.79 -8.36
N LYS A 45 23.01 -9.04 -8.69
CA LYS A 45 23.18 -7.68 -9.24
C LYS A 45 23.84 -6.71 -8.25
N ALA A 46 23.53 -6.85 -6.96
CA ALA A 46 24.06 -6.01 -5.87
C ALA A 46 25.58 -6.15 -5.61
N LEU A 47 26.25 -7.16 -6.19
CA LEU A 47 27.68 -7.42 -5.99
C LEU A 47 28.63 -6.35 -6.52
N PHE A 48 28.17 -5.50 -7.45
CA PHE A 48 29.01 -4.62 -8.25
C PHE A 48 28.23 -3.43 -8.85
N SER A 49 28.94 -2.55 -9.57
CA SER A 49 28.37 -1.44 -10.36
C SER A 49 27.34 -1.89 -11.42
N GLN A 50 27.31 -3.20 -11.75
CA GLN A 50 26.28 -3.85 -12.56
C GLN A 50 24.85 -3.74 -12.03
N SER A 51 24.64 -3.28 -10.79
CA SER A 51 23.34 -3.33 -10.11
C SER A 51 22.22 -2.54 -10.82
N ALA A 52 22.55 -1.51 -11.60
CA ALA A 52 21.60 -0.80 -12.46
C ALA A 52 21.13 -1.60 -13.69
N ILE A 53 21.93 -2.57 -14.16
CA ILE A 53 21.71 -3.41 -15.33
C ILE A 53 21.75 -2.62 -16.66
N SER A 54 20.72 -1.80 -16.94
CA SER A 54 20.51 -0.96 -18.14
C SER A 54 19.22 -0.14 -17.96
N GLN A 55 19.09 1.02 -18.62
CA GLN A 55 17.89 1.88 -18.60
C GLN A 55 16.58 1.22 -19.12
N LYS A 56 16.66 -0.02 -19.60
CA LYS A 56 15.54 -0.84 -20.08
C LYS A 56 15.15 -1.96 -19.08
N GLU A 57 16.03 -2.23 -18.11
CA GLU A 57 15.92 -3.29 -17.09
C GLU A 57 15.80 -2.79 -15.65
N TYR A 58 16.38 -1.60 -15.40
CA TYR A 58 16.57 -0.98 -14.08
C TYR A 58 15.30 -0.74 -13.25
N ASP A 59 14.09 -0.90 -13.82
CA ASP A 59 12.84 -0.93 -13.05
C ASP A 59 12.84 -2.04 -11.96
N SER A 60 13.62 -3.12 -12.15
CA SER A 60 13.93 -4.14 -11.13
C SER A 60 14.67 -3.56 -9.91
N SER A 61 15.43 -2.47 -10.09
CA SER A 61 16.24 -1.79 -9.08
C SER A 61 15.63 -0.49 -8.52
N LEU A 62 14.66 0.11 -9.22
CA LEU A 62 13.92 1.31 -8.78
C LEU A 62 13.11 1.10 -7.48
N ALA A 63 12.72 -0.15 -7.19
CA ALA A 63 11.99 -0.54 -5.99
C ALA A 63 12.38 -1.95 -5.54
N THR A 64 12.66 -2.13 -4.25
CA THR A 64 13.17 -3.40 -3.69
C THR A 64 12.19 -4.55 -3.92
N LEU A 65 12.72 -5.69 -4.36
CA LEU A 65 11.98 -6.91 -4.72
C LEU A 65 10.74 -6.65 -5.63
N ASP A 66 10.74 -5.55 -6.38
CA ASP A 66 9.59 -4.95 -7.08
C ASP A 66 8.30 -4.84 -6.22
N HIS A 67 8.48 -4.56 -4.93
CA HIS A 67 7.40 -4.25 -4.01
C HIS A 67 6.94 -2.79 -4.12
N THR A 68 5.66 -2.54 -3.83
CA THR A 68 5.09 -1.18 -3.80
C THR A 68 4.11 -1.06 -2.62
N GLU A 69 4.17 0.05 -1.89
CA GLU A 69 3.35 0.29 -0.69
C GLU A 69 2.11 1.14 -1.01
N ILE A 70 1.05 0.96 -0.22
CA ILE A 70 -0.24 1.64 -0.37
C ILE A 70 -0.61 2.26 0.97
N LYS A 71 -1.13 3.50 0.94
CA LYS A 71 -1.38 4.32 2.13
C LYS A 71 -2.74 5.06 2.07
N ALA A 72 -3.29 5.35 3.24
CA ALA A 72 -4.52 6.13 3.41
C ALA A 72 -4.37 7.58 2.91
N PRO A 73 -5.48 8.32 2.77
CA PRO A 73 -5.47 9.76 2.53
C PRO A 73 -5.25 10.65 3.77
N PHE A 74 -5.87 10.27 4.89
CA PHE A 74 -6.06 11.08 6.08
C PHE A 74 -6.35 10.25 7.35
N ASP A 75 -6.64 10.92 8.47
CA ASP A 75 -7.02 10.31 9.76
C ASP A 75 -8.52 10.01 9.79
N GLY A 76 -8.89 8.82 10.26
CA GLY A 76 -10.28 8.37 10.25
C GLY A 76 -10.47 6.92 10.65
N THR A 77 -11.58 6.36 10.20
CA THR A 77 -11.99 4.95 10.37
C THR A 77 -11.93 4.24 9.04
N ILE A 78 -11.82 2.91 9.06
CA ILE A 78 -11.52 2.13 7.86
C ILE A 78 -12.32 0.83 7.82
N GLY A 79 -12.92 0.55 6.65
CA GLY A 79 -13.91 -0.52 6.47
C GLY A 79 -13.34 -1.94 6.36
N ASP A 80 -14.16 -2.87 5.87
CA ASP A 80 -13.70 -4.23 5.50
C ASP A 80 -12.64 -4.22 4.39
N ALA A 81 -11.57 -4.94 4.67
CA ALA A 81 -10.30 -4.98 3.99
C ALA A 81 -10.19 -5.63 2.60
N LEU A 82 -11.32 -6.08 1.99
CA LEU A 82 -11.69 -6.64 0.68
C LEU A 82 -10.73 -7.62 0.00
N VAL A 83 -9.52 -7.76 0.52
CA VAL A 83 -8.40 -8.45 -0.09
C VAL A 83 -7.51 -9.13 0.96
N ASN A 84 -6.69 -10.07 0.51
CA ASN A 84 -5.74 -10.81 1.31
C ASN A 84 -4.45 -11.02 0.50
N ILE A 85 -3.43 -11.50 1.18
CA ILE A 85 -2.11 -11.82 0.63
C ILE A 85 -2.25 -12.92 -0.44
N GLY A 86 -2.22 -12.54 -1.73
CA GLY A 86 -2.48 -13.46 -2.83
C GLY A 86 -3.67 -13.04 -3.68
N ASP A 87 -4.54 -12.14 -3.21
CA ASP A 87 -5.55 -11.53 -4.07
C ASP A 87 -4.85 -10.71 -5.16
N TYR A 88 -5.22 -11.01 -6.41
CA TYR A 88 -4.70 -10.31 -7.57
C TYR A 88 -5.32 -8.93 -7.64
N VAL A 89 -4.52 -7.91 -7.33
CA VAL A 89 -4.97 -6.51 -7.41
C VAL A 89 -4.29 -5.68 -8.51
N SER A 90 -5.05 -4.75 -9.08
CA SER A 90 -4.64 -3.91 -10.20
C SER A 90 -5.07 -2.47 -9.96
N ALA A 91 -4.19 -1.52 -10.33
CA ALA A 91 -4.22 -0.11 -9.94
C ALA A 91 -5.56 0.54 -9.72
N SER A 92 -6.27 0.84 -10.79
CA SER A 92 -7.58 1.46 -10.62
C SER A 92 -8.73 0.44 -10.65
N THR A 93 -8.40 -0.84 -10.87
CA THR A 93 -9.34 -1.93 -11.22
C THR A 93 -9.79 -2.78 -10.01
N THR A 94 -9.14 -2.66 -8.86
CA THR A 94 -9.36 -3.55 -7.72
C THR A 94 -9.24 -2.73 -6.46
N GLU A 95 -10.34 -2.77 -5.71
CA GLU A 95 -10.63 -1.87 -4.63
C GLU A 95 -10.39 -2.58 -3.30
N LEU A 96 -9.56 -1.95 -2.47
CA LEU A 96 -8.93 -2.60 -1.32
C LEU A 96 -9.71 -2.48 0.00
N VAL A 97 -10.33 -1.34 0.25
CA VAL A 97 -11.10 -1.00 1.46
C VAL A 97 -11.69 0.40 1.26
N ARG A 98 -12.49 0.92 2.20
CA ARG A 98 -12.90 2.33 2.25
C ARG A 98 -12.28 3.10 3.43
N VAL A 99 -11.89 4.37 3.26
CA VAL A 99 -11.34 5.20 4.35
C VAL A 99 -12.28 6.37 4.60
N THR A 100 -12.66 6.60 5.85
CA THR A 100 -13.74 7.52 6.21
C THR A 100 -13.43 8.33 7.48
N ASN A 101 -13.25 9.65 7.34
CA ASN A 101 -12.84 10.57 8.42
C ASN A 101 -13.89 10.72 9.54
N LEU A 102 -15.14 10.30 9.31
CA LEU A 102 -16.31 10.57 10.16
C LEU A 102 -16.56 12.08 10.28
N ASN A 103 -15.95 12.75 11.27
CA ASN A 103 -15.89 14.21 11.44
C ASN A 103 -14.47 14.63 11.89
N PRO A 104 -14.06 15.90 11.70
CA PRO A 104 -12.66 16.32 11.90
C PRO A 104 -12.23 16.50 13.37
N ILE A 105 -13.17 16.33 14.28
CA ILE A 105 -13.00 16.34 15.75
C ILE A 105 -12.09 15.23 16.29
N TYR A 106 -11.80 14.24 15.46
CA TYR A 106 -10.88 13.14 15.75
C TYR A 106 -9.43 13.44 15.33
N ALA A 107 -9.19 14.61 14.72
CA ALA A 107 -7.89 15.09 14.26
C ALA A 107 -7.55 16.52 14.76
N ASP A 108 -8.27 16.99 15.77
CA ASP A 108 -8.09 18.32 16.37
C ASP A 108 -8.63 18.35 17.81
N GLY A 109 -8.27 19.38 18.59
CA GLY A 109 -8.69 19.52 20.00
C GLY A 109 -7.99 20.61 20.82
N SER A 110 -7.25 21.53 20.20
CA SER A 110 -6.33 22.48 20.88
C SER A 110 -6.95 23.36 21.97
N HIS A 111 -8.26 23.59 21.95
CA HIS A 111 -9.04 24.30 22.99
C HIS A 111 -10.32 23.56 23.41
N HIS A 112 -10.78 22.63 22.57
CA HIS A 112 -12.02 21.85 22.71
C HIS A 112 -12.04 20.94 23.95
N HIS A 113 -10.85 20.63 24.51
CA HIS A 113 -10.68 19.90 25.77
C HIS A 113 -11.18 20.64 27.02
N HIS A 114 -11.32 21.97 26.96
CA HIS A 114 -11.65 22.87 28.09
C HIS A 114 -10.82 22.60 29.37
N HIS A 115 -9.58 22.14 29.22
CA HIS A 115 -8.63 21.81 30.29
C HIS A 115 -7.95 23.04 30.93
N HIS A 116 -8.24 24.24 30.41
CA HIS A 116 -7.58 25.52 30.67
C HIS A 116 -8.55 26.68 30.99
N ASP A 1 -16.35 9.99 2.85
CA ASP A 1 -16.34 8.55 2.49
C ASP A 1 -15.42 8.31 1.28
N VAL A 2 -14.67 7.21 1.29
CA VAL A 2 -13.66 6.87 0.26
C VAL A 2 -13.54 5.38 0.07
N ILE A 3 -12.97 4.97 -1.06
CA ILE A 3 -12.51 3.62 -1.37
C ILE A 3 -11.04 3.72 -1.85
N ILE A 4 -10.11 3.13 -1.10
CA ILE A 4 -8.68 3.14 -1.34
C ILE A 4 -8.29 2.16 -2.46
N LYS A 5 -7.23 2.49 -3.20
CA LYS A 5 -6.67 1.70 -4.31
C LYS A 5 -5.15 1.77 -4.37
N PRO A 6 -4.49 0.76 -4.97
CA PRO A 6 -3.04 0.65 -4.99
C PRO A 6 -2.40 1.54 -6.06
N GLN A 7 -1.17 2.02 -5.83
CA GLN A 7 -0.45 2.89 -6.77
C GLN A 7 0.19 2.13 -7.97
N VAL A 8 0.25 0.80 -7.92
CA VAL A 8 0.68 -0.10 -9.02
C VAL A 8 -0.19 -1.37 -9.04
N SER A 9 -0.01 -2.23 -10.06
CA SER A 9 -0.65 -3.54 -10.16
C SER A 9 0.27 -4.69 -9.73
N GLY A 10 -0.31 -5.88 -9.51
CA GLY A 10 0.34 -7.04 -8.91
C GLY A 10 -0.63 -7.71 -8.00
N VAL A 11 -0.11 -8.01 -6.83
CA VAL A 11 -0.78 -8.85 -5.91
C VAL A 11 -0.39 -8.45 -4.50
N ILE A 12 -1.34 -8.53 -3.56
CA ILE A 12 -1.09 -8.24 -2.14
C ILE A 12 -0.03 -9.17 -1.51
N VAL A 13 0.79 -8.61 -0.61
CA VAL A 13 1.91 -9.28 0.11
C VAL A 13 1.78 -9.15 1.63
N ASN A 14 1.26 -8.02 2.13
CA ASN A 14 1.02 -7.78 3.56
C ASN A 14 -0.17 -6.85 3.78
N LYS A 15 -0.70 -6.87 5.01
CA LYS A 15 -1.87 -6.16 5.50
C LYS A 15 -1.46 -5.44 6.79
N LEU A 16 -1.08 -4.17 6.65
CA LEU A 16 -0.57 -3.36 7.75
C LEU A 16 -1.68 -2.88 8.70
N PHE A 17 -2.81 -2.50 8.09
CA PHE A 17 -3.99 -1.98 8.79
C PHE A 17 -4.87 -3.11 9.38
N LYS A 18 -5.99 -2.73 10.00
CA LYS A 18 -7.02 -3.63 10.54
C LYS A 18 -8.40 -3.31 9.99
N ALA A 19 -9.10 -4.36 9.59
CA ALA A 19 -10.51 -4.32 9.19
C ALA A 19 -11.38 -3.72 10.29
N GLY A 20 -11.93 -2.52 10.04
CA GLY A 20 -12.86 -1.81 10.92
C GLY A 20 -12.23 -0.78 11.88
N ASP A 21 -10.90 -0.63 11.93
CA ASP A 21 -10.20 0.18 12.94
C ASP A 21 -9.92 1.65 12.49
N LYS A 22 -8.94 2.31 13.11
CA LYS A 22 -8.53 3.70 12.82
C LYS A 22 -7.31 3.74 11.90
N VAL A 23 -7.13 4.90 11.24
CA VAL A 23 -5.97 5.24 10.39
C VAL A 23 -5.61 6.73 10.55
N LYS A 24 -4.30 7.05 10.58
CA LYS A 24 -3.79 8.43 10.53
C LYS A 24 -4.00 9.09 9.15
N LYS A 25 -3.53 10.33 8.95
CA LYS A 25 -3.50 11.12 7.69
C LYS A 25 -2.70 10.50 6.52
N GLY A 26 -2.65 9.17 6.39
CA GLY A 26 -1.77 8.46 5.47
C GLY A 26 -0.91 7.36 6.07
N GLN A 27 -1.35 6.72 7.16
CA GLN A 27 -0.70 5.50 7.62
C GLN A 27 -0.67 4.40 6.53
N THR A 28 0.34 3.55 6.56
CA THR A 28 0.53 2.44 5.61
C THR A 28 -0.50 1.33 5.86
N LEU A 29 -1.03 0.78 4.76
CA LEU A 29 -2.19 -0.12 4.72
C LEU A 29 -1.88 -1.49 4.08
N PHE A 30 -1.19 -1.50 2.95
CA PHE A 30 -0.85 -2.74 2.20
C PHE A 30 0.56 -2.72 1.59
N ILE A 31 0.98 -3.89 1.12
CA ILE A 31 2.20 -4.14 0.33
C ILE A 31 1.81 -4.99 -0.89
N ILE A 32 2.46 -4.75 -2.02
CA ILE A 32 2.26 -5.44 -3.30
C ILE A 32 3.55 -5.97 -3.86
N GLU A 33 3.43 -7.02 -4.67
CA GLU A 33 4.48 -7.57 -5.50
C GLU A 33 4.08 -7.42 -6.98
N GLN A 34 4.89 -6.69 -7.75
CA GLN A 34 4.69 -6.44 -9.20
C GLN A 34 4.69 -7.70 -10.07
N ASP A 35 5.56 -8.61 -9.68
CA ASP A 35 6.01 -9.79 -10.41
C ASP A 35 7.09 -10.50 -9.60
N GLN A 36 7.39 -11.77 -9.89
CA GLN A 36 8.53 -12.49 -9.29
C GLN A 36 9.44 -13.23 -10.26
N ALA A 37 9.23 -13.12 -11.57
CA ALA A 37 10.21 -13.58 -12.57
C ALA A 37 11.48 -12.71 -12.53
N SER A 38 11.31 -11.39 -12.33
CA SER A 38 12.43 -10.46 -12.07
C SER A 38 13.12 -10.75 -10.73
N LYS A 39 12.38 -11.21 -9.72
CA LYS A 39 12.92 -11.52 -8.38
C LYS A 39 13.94 -12.67 -8.42
N ASP A 40 13.66 -13.73 -9.19
CA ASP A 40 14.63 -14.80 -9.45
C ASP A 40 15.90 -14.28 -10.14
N PHE A 41 15.74 -13.40 -11.14
CA PHE A 41 16.85 -12.83 -11.91
C PHE A 41 17.71 -11.86 -11.08
N ASN A 42 17.08 -11.06 -10.20
CA ASN A 42 17.76 -10.19 -9.25
C ASN A 42 18.72 -10.96 -8.35
N ARG A 43 18.32 -12.16 -7.92
CA ARG A 43 19.11 -12.95 -6.97
C ARG A 43 20.44 -13.41 -7.59
N SER A 44 20.41 -13.83 -8.85
CA SER A 44 21.58 -14.17 -9.67
C SER A 44 22.45 -12.96 -10.04
N LYS A 45 21.84 -11.79 -10.29
CA LYS A 45 22.55 -10.53 -10.56
C LYS A 45 23.32 -10.00 -9.33
N ALA A 46 22.72 -10.11 -8.14
CA ALA A 46 23.26 -9.57 -6.89
C ALA A 46 24.37 -10.41 -6.23
N LEU A 47 24.61 -11.65 -6.69
CA LEU A 47 25.49 -12.65 -6.04
C LEU A 47 26.45 -13.32 -7.04
N PHE A 48 27.55 -13.87 -6.51
CA PHE A 48 28.65 -14.57 -7.18
C PHE A 48 29.42 -13.81 -8.29
N SER A 49 28.74 -13.24 -9.27
CA SER A 49 29.33 -12.63 -10.47
C SER A 49 29.83 -11.18 -10.22
N GLN A 50 30.24 -10.88 -8.99
CA GLN A 50 30.52 -9.51 -8.52
C GLN A 50 31.63 -8.81 -9.32
N SER A 51 32.61 -9.57 -9.83
CA SER A 51 33.73 -9.06 -10.65
C SER A 51 33.32 -8.65 -12.08
N ALA A 52 32.14 -9.06 -12.56
CA ALA A 52 31.65 -8.80 -13.91
C ALA A 52 30.76 -7.55 -14.04
N ILE A 53 30.40 -6.91 -12.93
CA ILE A 53 29.41 -5.83 -12.92
C ILE A 53 29.84 -4.63 -12.05
N SER A 54 29.62 -3.42 -12.54
CA SER A 54 29.92 -2.19 -11.80
C SER A 54 28.90 -1.93 -10.68
N GLN A 55 29.36 -1.27 -9.61
CA GLN A 55 28.55 -0.77 -8.47
C GLN A 55 27.49 0.28 -8.84
N LYS A 56 27.39 0.64 -10.12
CA LYS A 56 26.42 1.57 -10.71
C LYS A 56 25.45 0.89 -11.66
N GLU A 57 25.77 -0.33 -12.12
CA GLU A 57 24.97 -1.16 -13.02
C GLU A 57 24.15 -2.23 -12.28
N TYR A 58 24.73 -2.82 -11.24
CA TYR A 58 24.18 -3.98 -10.50
C TYR A 58 22.84 -3.75 -9.77
N ASP A 59 22.45 -2.50 -9.53
CA ASP A 59 21.28 -1.95 -8.82
C ASP A 59 20.81 -2.61 -7.49
N SER A 60 21.49 -3.63 -6.95
CA SER A 60 21.15 -4.27 -5.68
C SER A 60 21.22 -3.33 -4.44
N SER A 61 21.97 -2.23 -4.53
CA SER A 61 22.00 -1.14 -3.54
C SER A 61 20.91 -0.07 -3.75
N LEU A 62 20.31 0.00 -4.94
CA LEU A 62 19.38 1.03 -5.38
C LEU A 62 17.91 0.60 -5.35
N ALA A 63 17.65 -0.71 -5.42
CA ALA A 63 16.33 -1.29 -5.64
C ALA A 63 16.10 -2.55 -4.77
N THR A 64 14.90 -3.11 -4.85
CA THR A 64 14.39 -4.17 -3.94
C THR A 64 13.68 -5.28 -4.73
N LEU A 65 13.12 -6.27 -4.02
CA LEU A 65 12.39 -7.46 -4.51
C LEU A 65 11.01 -7.14 -5.13
N ASP A 66 10.95 -6.10 -5.97
CA ASP A 66 9.81 -5.76 -6.84
C ASP A 66 8.52 -5.45 -6.07
N HIS A 67 8.64 -4.95 -4.83
CA HIS A 67 7.51 -4.55 -4.00
C HIS A 67 7.15 -3.07 -4.09
N THR A 68 5.89 -2.74 -3.79
CA THR A 68 5.38 -1.36 -3.62
C THR A 68 4.42 -1.31 -2.42
N GLU A 69 4.25 -0.14 -1.78
CA GLU A 69 3.41 0.04 -0.59
C GLU A 69 2.21 0.96 -0.86
N ILE A 70 1.15 0.81 -0.07
CA ILE A 70 -0.12 1.56 -0.19
C ILE A 70 -0.43 2.19 1.17
N LYS A 71 -0.88 3.44 1.16
CA LYS A 71 -1.09 4.31 2.33
C LYS A 71 -2.45 5.02 2.24
N ALA A 72 -3.09 5.31 3.38
CA ALA A 72 -4.39 6.00 3.46
C ALA A 72 -4.37 7.41 2.81
N PRO A 73 -5.55 7.96 2.45
CA PRO A 73 -5.65 9.37 2.03
C PRO A 73 -5.64 10.35 3.21
N PHE A 74 -6.37 10.00 4.28
CA PHE A 74 -6.69 10.90 5.40
C PHE A 74 -7.01 10.18 6.73
N ASP A 75 -6.94 10.94 7.83
CA ASP A 75 -7.27 10.49 9.19
C ASP A 75 -8.76 10.20 9.34
N GLY A 76 -9.07 9.04 9.91
CA GLY A 76 -10.43 8.55 9.93
C GLY A 76 -10.57 7.12 10.44
N THR A 77 -11.65 6.50 9.97
CA THR A 77 -12.05 5.15 10.40
C THR A 77 -12.32 4.34 9.15
N ILE A 78 -11.74 3.15 9.10
CA ILE A 78 -11.68 2.35 7.88
C ILE A 78 -12.69 1.19 7.98
N GLY A 79 -13.11 0.63 6.85
CA GLY A 79 -14.06 -0.49 6.78
C GLY A 79 -13.36 -1.84 6.89
N ASP A 80 -14.13 -2.92 6.69
CA ASP A 80 -13.54 -4.24 6.52
C ASP A 80 -12.75 -4.33 5.20
N ALA A 81 -11.60 -5.01 5.29
CA ALA A 81 -10.72 -5.28 4.17
C ALA A 81 -11.45 -6.06 3.06
N LEU A 82 -11.10 -5.78 1.80
CA LEU A 82 -11.71 -6.39 0.61
C LEU A 82 -10.72 -7.31 -0.16
N VAL A 83 -9.50 -7.46 0.35
CA VAL A 83 -8.37 -8.17 -0.29
C VAL A 83 -7.49 -8.87 0.74
N ASN A 84 -6.74 -9.87 0.28
CA ASN A 84 -5.82 -10.70 1.05
C ASN A 84 -4.56 -11.01 0.24
N ILE A 85 -3.56 -11.56 0.91
CA ILE A 85 -2.25 -11.92 0.36
C ILE A 85 -2.43 -12.95 -0.77
N GLY A 86 -2.34 -12.53 -2.03
CA GLY A 86 -2.60 -13.41 -3.18
C GLY A 86 -3.79 -12.95 -4.02
N ASP A 87 -4.62 -12.03 -3.52
CA ASP A 87 -5.62 -11.37 -4.36
C ASP A 87 -4.88 -10.53 -5.41
N TYR A 88 -5.24 -10.80 -6.67
CA TYR A 88 -4.72 -10.07 -7.80
C TYR A 88 -5.30 -8.66 -7.81
N VAL A 89 -4.47 -7.67 -7.48
CA VAL A 89 -4.91 -6.26 -7.49
C VAL A 89 -4.25 -5.39 -8.58
N SER A 90 -4.98 -4.39 -9.05
CA SER A 90 -4.60 -3.49 -10.14
C SER A 90 -4.98 -2.03 -9.82
N ALA A 91 -4.15 -1.10 -10.30
CA ALA A 91 -4.08 0.30 -9.85
C ALA A 91 -5.33 1.17 -9.80
N SER A 92 -6.35 0.87 -10.59
CA SER A 92 -7.67 1.45 -10.38
C SER A 92 -8.81 0.43 -10.46
N THR A 93 -8.45 -0.84 -10.72
CA THR A 93 -9.40 -1.91 -11.09
C THR A 93 -9.83 -2.78 -9.91
N THR A 94 -9.15 -2.67 -8.76
CA THR A 94 -9.33 -3.55 -7.61
C THR A 94 -9.20 -2.71 -6.36
N GLU A 95 -10.28 -2.75 -5.60
CA GLU A 95 -10.55 -1.85 -4.51
C GLU A 95 -10.29 -2.57 -3.18
N LEU A 96 -9.39 -2.00 -2.40
CA LEU A 96 -8.76 -2.67 -1.25
C LEU A 96 -9.57 -2.60 0.05
N VAL A 97 -10.21 -1.46 0.30
CA VAL A 97 -11.03 -1.12 1.50
C VAL A 97 -11.55 0.32 1.40
N ARG A 98 -12.58 0.69 2.19
CA ARG A 98 -13.10 2.05 2.34
C ARG A 98 -12.57 2.76 3.60
N VAL A 99 -12.32 4.08 3.61
CA VAL A 99 -12.18 4.84 4.89
C VAL A 99 -13.01 6.12 4.83
N THR A 100 -13.37 6.62 5.99
CA THR A 100 -14.26 7.75 6.14
C THR A 100 -13.78 8.63 7.27
N ASN A 101 -13.76 9.95 7.02
CA ASN A 101 -13.09 10.93 7.88
C ASN A 101 -13.87 11.12 9.18
N LEU A 102 -13.17 11.14 10.30
CA LEU A 102 -13.74 11.34 11.63
C LEU A 102 -14.22 12.77 11.89
N ASN A 103 -14.94 12.96 13.00
CA ASN A 103 -15.31 14.27 13.53
C ASN A 103 -14.05 15.06 13.98
N PRO A 104 -14.11 16.40 14.10
CA PRO A 104 -12.94 17.24 14.30
C PRO A 104 -12.43 17.30 15.75
N ILE A 105 -13.05 16.53 16.64
CA ILE A 105 -12.79 16.46 18.08
C ILE A 105 -11.35 16.08 18.47
N TYR A 106 -10.61 15.50 17.53
CA TYR A 106 -9.20 15.12 17.66
C TYR A 106 -8.22 16.29 17.43
N ALA A 107 -8.70 17.45 16.95
CA ALA A 107 -7.88 18.64 16.64
C ALA A 107 -8.53 19.99 16.96
N ASP A 108 -9.84 20.02 17.24
CA ASP A 108 -10.56 21.27 17.54
C ASP A 108 -11.78 21.04 18.46
N GLY A 109 -12.30 22.11 19.07
CA GLY A 109 -13.45 22.11 19.99
C GLY A 109 -13.13 21.60 21.41
N SER A 110 -12.34 20.51 21.52
CA SER A 110 -11.92 19.83 22.75
C SER A 110 -10.88 20.61 23.61
N HIS A 111 -10.77 21.93 23.42
CA HIS A 111 -9.85 22.83 24.12
C HIS A 111 -10.21 23.04 25.59
N HIS A 112 -9.38 23.80 26.31
CA HIS A 112 -9.62 24.28 27.70
C HIS A 112 -9.54 25.80 27.79
N HIS A 113 -9.86 26.37 28.96
CA HIS A 113 -10.08 27.82 29.16
C HIS A 113 -9.22 28.44 30.28
N HIS A 114 -8.38 27.64 30.97
CA HIS A 114 -7.42 28.11 31.97
C HIS A 114 -6.30 27.07 32.21
N HIS A 115 -6.69 25.82 32.50
CA HIS A 115 -5.78 24.67 32.64
C HIS A 115 -6.49 23.34 32.29
N HIS A 116 -5.70 22.27 32.13
CA HIS A 116 -6.14 20.91 31.79
C HIS A 116 -5.28 19.84 32.47
#